data_4L3T
#
_entry.id   4L3T
#
_cell.length_a   245.782
_cell.length_b   85.093
_cell.length_c   158.459
_cell.angle_alpha   90.00
_cell.angle_beta   127.54
_cell.angle_gamma   90.00
#
_symmetry.space_group_name_H-M   'C 1 2 1'
#
loop_
_entity.id
_entity.type
_entity.pdbx_description
1 polymer 'Presequence protease, mitochondrial'
2 polymer 'Presequence protease, mitochondrial'
3 non-polymer 'ZINC ION'
4 non-polymer GLYCEROL
5 non-polymer 'ACETATE ION'
6 water water
#
loop_
_entity_poly.entity_id
_entity_poly.type
_entity_poly.pdbx_seq_one_letter_code
_entity_poly.pdbx_strand_id
1 'polypeptide(L)'
;MHHHHHHAAACERALQYKLGDKIHGFTVNQVTSVPELFLTAV(MLY)LTHDDTGARYLHLAREDTNNLFSVQFRTTPMDS
TGVPHILQHTVLCGSQ(MLY)YPCRDPFFKMLNRSLSTFMNAFTASDYTLYPFSTQNP(MLY)DFQNLLSVYLDATFFP
(CAS)LRELDFWQEGWRLEHENPSDPQTPLVFKGVVFNEM(MLZ)GAFTDNERIFSQHLQNRLLPDHTYSVVSGGDPL
(CAS)IPELTWEQL(MLY)QFHATHYHPSNARFFTYGNFPLEQHL(MLY)QIHEEALS(MLY)FQ(MLY)IEPSTVVPAQ
TPWDKPREFQIT(CAS)GPDSFATDPSKQTTVSVSFLLPDITDTFEAFTLSLLSSLLTSGPNSPFY(MLY)ALIESGLGT
DFSPDVGYNGYTREAYFSVGLQGIVEKDIETVRSLIDRTIDEVVEKGFEDDRIEALLH(MLY)IEIQM(MLZ)HQSTSFG
LMLTSYIASCWNHDGDPVELL(MLY)LGNQLAKFRQ(CAS)LQENPKFLQE(MLY)VKQYFKNNQHKLTLSMRPDDKYHE
(MLY)QAQVEAT(MLY)LKQ(MLZ)VEALSPGDRQQIYE(MLY)GLELRSQQS(MLZ)PQDAS(CAS)LPALKVSDIEPT
IPVTELDVVLTAGDIPVQYCAQPTNGMVYFRAFSSLNTLPEELRPYVPLFCSVLTKLGCGLLDYREQAQQIEL(MLY)TG
GMSASPHVLPDDSHMDTYEQGVLFSSLCLDRNLPDMMQLWSEIFNNP(CAS)FEEEEHF(MLY)VLV(MLY)MTAQELAN
GIPDSGHLYASIRAGRTLTPAGDLQETFSGMDQVRLM(MLY)RIAEMTDI(MLY)PILR(MLY)LPRI(MLZ)KHLLNGD
NMRCSVNATPQQMPQTE(MLY)AVEDFLRSIGRSKKERRPVRPHTVEKPVPSSSGGDAHVPHGSQVIRKLVMEPTFKPWQ
M(MLY)THFLMPFPVNYVGECIRTVPYTDPDHASL(MLY)ILARLMTAKFLHTEIRE(MLY)GGAYGGGA(MLY)LSHNG
IFTLYSYRDPNTIETLQSFG(MLY)AVDWA(MLY)SG(MLY)FTQQDIDEA(MLY)LSVFSTVDAPVAPSD(MLY)GMDH
FLYGLSDEMKQAHREQLFAVSHD(MLY)LLAVSDRYLGTG(MLY)STHGLAILGPENPKIAKDPSWIIR
;
A
2 'polypeptide(L)'
;MHHHHHHAAACERALQY(MLY)LGDKIHGFTVNQVTSVPELFLTAV(MLY)LTHDDTGARYLHLAREDTNNLFSVQFRTT
PMDSTGVPHILQHTVL(CAS)GSQ(MLY)YPCRDPFFKMLNRSLSTFMNAFTASDYTLYPFSTQNPKDFQNLLSVYLDAT
FFP(CAS)LRELDFWQEGWRLEHENPSDPQTPLVF(MLY)GVVFNEMKGAFTDNERIFSQHLQNRLLPDHTYSVVSGGDP
LCIPELTWEQL(MLY)QFHATHYHPSNARFFTYGNFPLEQHL(MLY)QIHEEALS(MLY)FQ(MLY)IEPSTVVPAQTPW
DKPREFQIT(CAS)GPDSFATDPS(MLZ)QTTVSVSFLLPDITDTFEAFTLSLLSSLLTSGPNSPFY(MLY)ALIESGLG
TDFSPDVGYNGYTREAYFSVGLQGIVEKDIETVRSLIDRTIDEVVEKGFEDDRIEALLH(MLY)IEIQMKHQSTSFGLML
TSYIASCWNHDGDPVELL(MLY)LGNQLA(MLY)FRQ(CAS)LQENPKFLQE(MLY)V(MLZ)QYF(MLZ)NNQH(MLY)
LTLSMRPDDKYHE(MLY)QAQVEATKLKQ(MLY)VEALSPGDRQQIYE(MLY)GLELRSQQS(MLY)PQDAS(CAS)LPA
LKVSDIEPTIPVTELDVVLTAGDIPVQYCAQPTNGMVYFRAFSSLNTLPEELRPYVPLFCSVLT(MLY)LGCGLLDYREQ
AQQIEL(MLY)TGGMSASPHVLPDDSHMDTYEQGVLFSSLCLDRNLPDMMQLWSEIFNNP(CAS)FEEEEHFKVLV
(MLY)MTAQELANGIPDSGHLYASIRAGRTLTPAGDLQETFSGMDQVRLM(MLY)RIAEMTDI(MLZ)PILR(MLZ)LPR
I(MLZ)KHLLNGDNMRCSVNATPQQMPQTEKAVEDFLRSIGRSKKERRPVRPHTVEKPVPSSSGGDAHVPHGSQVIRKLV
MEPTFKPWQM(MLZ)THFLMPFPVNYVGECIRTVPYTDPDHASL(MLZ)ILARLMTAKFLHTEIRE(MLY)GGAYGGGA
(MLY)LSHNGIFTLYSYRDPNTIETLQSFG(MLZ)AVDWA(MLY)SG(MLY)FTQQDIDEA(MLY)LSVFSTVDAPVAPS
D(MLY)GMDHFLYGLSDEM(MLY)QAHREQLFAVSHD(MLZ)LLAVSDRYLGTG(MLY)STHGLAILGPENPKIAKDPSW
IIR
;
B
#
loop_
_chem_comp.id
_chem_comp.type
_chem_comp.name
_chem_comp.formula
ACT non-polymer 'ACETATE ION' 'C2 H3 O2 -1'
GOL non-polymer GLYCEROL 'C3 H8 O3'
ZN non-polymer 'ZINC ION' 'Zn 2'
#
# COMPACT_ATOMS: atom_id res chain seq x y z
N ALA A 9 17.09 15.41 -45.77
CA ALA A 9 17.29 16.27 -44.60
C ALA A 9 16.05 17.13 -44.33
N ALA A 10 15.69 17.26 -43.06
CA ALA A 10 14.49 17.98 -42.66
C ALA A 10 14.48 19.42 -43.17
N CYS A 11 15.60 20.11 -43.05
CA CYS A 11 15.70 21.50 -43.46
C CYS A 11 15.50 21.64 -44.97
N GLU A 12 15.96 20.64 -45.72
CA GLU A 12 15.78 20.64 -47.17
C GLU A 12 14.33 20.35 -47.55
N ARG A 13 13.70 19.42 -46.84
CA ARG A 13 12.30 19.08 -47.10
C ARG A 13 11.42 20.31 -46.92
N ALA A 14 11.69 21.08 -45.88
CA ALA A 14 10.88 22.25 -45.57
C ALA A 14 11.00 23.35 -46.62
N LEU A 15 12.12 23.38 -47.34
CA LEU A 15 12.32 24.34 -48.43
C LEU A 15 11.32 24.10 -49.57
N GLN A 16 10.67 22.94 -49.56
CA GLN A 16 9.71 22.60 -50.60
C GLN A 16 8.33 23.18 -50.34
N TYR A 17 8.10 23.68 -49.12
CA TYR A 17 6.84 24.36 -48.82
C TYR A 17 6.74 25.65 -49.62
N LYS A 18 5.55 25.92 -50.14
CA LYS A 18 5.31 27.13 -50.91
C LYS A 18 4.40 28.07 -50.13
N LEU A 19 4.56 29.37 -50.33
CA LEU A 19 3.62 30.34 -49.79
C LEU A 19 2.23 30.00 -50.30
N GLY A 20 1.24 30.08 -49.41
CA GLY A 20 -0.13 29.76 -49.78
C GLY A 20 -0.51 28.31 -49.59
N ASP A 21 0.47 27.45 -49.30
CA ASP A 21 0.18 26.03 -49.08
C ASP A 21 -0.79 25.83 -47.92
N LYS A 22 -1.74 24.92 -48.10
CA LYS A 22 -2.71 24.60 -47.06
C LYS A 22 -2.40 23.24 -46.45
N ILE A 23 -2.22 23.20 -45.14
CA ILE A 23 -1.90 21.95 -44.46
C ILE A 23 -2.73 21.83 -43.19
N HIS A 24 -3.71 20.92 -43.20
CA HIS A 24 -4.53 20.62 -42.04
C HIS A 24 -5.04 21.87 -41.32
N GLY A 25 -5.63 22.78 -42.09
CA GLY A 25 -6.24 23.98 -41.52
C GLY A 25 -5.30 25.17 -41.40
N PHE A 26 -4.02 24.98 -41.69
CA PHE A 26 -3.05 26.07 -41.63
C PHE A 26 -2.67 26.53 -43.02
N THR A 27 -2.20 27.78 -43.12
CA THR A 27 -1.63 28.28 -44.37
C THR A 27 -0.18 28.71 -44.14
N VAL A 28 0.71 28.27 -45.02
CA VAL A 28 2.11 28.69 -44.96
C VAL A 28 2.22 30.15 -45.38
N ASN A 29 2.79 30.98 -44.52
CA ASN A 29 2.93 32.41 -44.77
C ASN A 29 4.35 32.83 -45.17
N GLN A 30 5.32 32.03 -44.74
CA GLN A 30 6.72 32.36 -45.00
C GLN A 30 7.63 31.13 -44.83
N VAL A 31 8.62 31.01 -45.72
CA VAL A 31 9.62 29.96 -45.62
C VAL A 31 11.00 30.60 -45.73
N THR A 32 11.84 30.42 -44.70
CA THR A 32 13.12 31.12 -44.64
C THR A 32 14.28 30.19 -44.25
N SER A 33 15.31 30.15 -45.10
CA SER A 33 16.55 29.45 -44.75
C SER A 33 17.36 30.27 -43.73
N VAL A 34 17.82 29.62 -42.68
CA VAL A 34 18.75 30.24 -41.73
C VAL A 34 19.99 29.36 -41.64
N PRO A 35 20.85 29.41 -42.66
CA PRO A 35 21.95 28.46 -42.79
C PRO A 35 22.94 28.51 -41.64
N GLU A 36 23.07 29.65 -40.96
CA GLU A 36 23.98 29.73 -39.82
C GLU A 36 23.52 28.86 -38.64
N LEU A 37 22.25 28.46 -38.67
CA LEU A 37 21.70 27.60 -37.64
C LEU A 37 21.26 26.26 -38.22
N PHE A 38 21.64 26.02 -39.48
CA PHE A 38 21.33 24.77 -40.18
C PHE A 38 19.84 24.42 -40.16
N LEU A 39 18.98 25.42 -40.34
CA LEU A 39 17.55 25.17 -40.25
C LEU A 39 16.74 25.98 -41.24
N THR A 40 15.51 25.54 -41.48
CA THR A 40 14.56 26.26 -42.30
C THR A 40 13.38 26.63 -41.42
N ALA A 41 13.04 27.91 -41.40
CA ALA A 41 11.92 28.38 -40.61
C ALA A 41 10.68 28.45 -41.48
N VAL A 42 9.60 27.84 -41.02
CA VAL A 42 8.32 27.91 -41.72
C VAL A 42 7.32 28.62 -40.82
N MLY A 43 6.78 29.74 -41.31
CA MLY A 43 5.74 30.45 -40.56
CB MLY A 43 5.96 31.97 -40.61
CG MLY A 43 6.85 32.51 -39.50
CD MLY A 43 6.43 33.94 -39.13
CE MLY A 43 6.86 34.96 -40.18
NZ MLY A 43 6.02 36.19 -40.16
CH1 MLY A 43 5.93 36.70 -38.79
CH2 MLY A 43 6.73 37.20 -40.94
C MLY A 43 4.37 30.12 -41.12
O MLY A 43 4.17 30.16 -42.34
N LEU A 44 3.44 29.79 -40.24
CA LEU A 44 2.07 29.46 -40.64
C LEU A 44 1.07 30.15 -39.73
N THR A 45 -0.17 30.27 -40.20
CA THR A 45 -1.28 30.73 -39.37
C THR A 45 -2.45 29.76 -39.53
N HIS A 46 -3.14 29.46 -38.43
CA HIS A 46 -4.33 28.63 -38.51
C HIS A 46 -5.45 29.47 -39.14
N ASP A 47 -6.08 28.94 -40.18
CA ASP A 47 -7.05 29.70 -40.98
C ASP A 47 -8.25 30.24 -40.17
N ASP A 48 -8.85 29.39 -39.36
CA ASP A 48 -10.08 29.76 -38.66
C ASP A 48 -9.87 30.53 -37.34
N THR A 49 -8.77 30.27 -36.66
CA THR A 49 -8.52 30.92 -35.37
C THR A 49 -7.49 32.04 -35.44
N GLY A 50 -6.67 32.02 -36.49
CA GLY A 50 -5.58 32.97 -36.61
C GLY A 50 -4.38 32.62 -35.75
N ALA A 51 -4.41 31.45 -35.10
CA ALA A 51 -3.31 31.02 -34.24
C ALA A 51 -2.00 31.00 -35.03
N ARG A 52 -0.96 31.56 -34.44
CA ARG A 52 0.34 31.62 -35.11
C ARG A 52 1.20 30.38 -34.86
N TYR A 53 1.91 29.95 -35.90
CA TYR A 53 2.74 28.76 -35.84
C TYR A 53 4.13 29.05 -36.37
N LEU A 54 5.14 28.52 -35.69
CA LEU A 54 6.51 28.55 -36.21
C LEU A 54 7.10 27.15 -36.16
N HIS A 55 7.51 26.64 -37.33
CA HIS A 55 8.23 25.37 -37.37
C HIS A 55 9.68 25.59 -37.77
N LEU A 56 10.59 25.06 -36.97
CA LEU A 56 12.01 25.14 -37.29
C LEU A 56 12.49 23.75 -37.69
N ALA A 57 12.68 23.56 -38.99
CA ALA A 57 13.07 22.25 -39.51
C ALA A 57 14.58 22.10 -39.49
N ARG A 58 15.06 21.09 -38.76
CA ARG A 58 16.49 20.85 -38.61
C ARG A 58 16.75 19.37 -38.35
N GLU A 59 17.87 18.86 -38.85
CA GLU A 59 18.23 17.47 -38.61
C GLU A 59 18.69 17.26 -37.18
N ASP A 60 17.70 17.18 -36.28
CA ASP A 60 17.95 17.00 -34.86
C ASP A 60 16.84 16.08 -34.38
N THR A 61 17.22 14.93 -33.83
CA THR A 61 16.25 13.93 -33.40
C THR A 61 15.54 14.31 -32.09
N ASN A 62 16.14 15.24 -31.35
CA ASN A 62 15.51 15.73 -30.12
C ASN A 62 14.51 16.84 -30.48
N ASN A 63 13.28 16.43 -30.79
CA ASN A 63 12.26 17.35 -31.27
C ASN A 63 11.56 18.02 -30.11
N LEU A 64 11.13 19.25 -30.29
CA LEU A 64 10.42 19.97 -29.23
C LEU A 64 9.09 20.56 -29.70
N PHE A 65 8.10 20.52 -28.82
CA PHE A 65 6.87 21.25 -29.02
C PHE A 65 6.73 22.25 -27.89
N SER A 66 6.23 23.44 -28.19
CA SER A 66 5.74 24.31 -27.13
C SER A 66 4.50 25.09 -27.57
N VAL A 67 3.64 25.38 -26.61
CA VAL A 67 2.56 26.33 -26.84
C VAL A 67 2.67 27.44 -25.80
N GLN A 68 2.48 28.67 -26.26
CA GLN A 68 2.65 29.85 -25.43
C GLN A 68 1.35 30.67 -25.41
N PHE A 69 0.94 31.14 -24.24
CA PHE A 69 -0.26 31.96 -24.12
C PHE A 69 0.11 33.31 -23.52
N ARG A 70 -0.45 34.39 -24.05
CA ARG A 70 -0.23 35.69 -23.43
C ARG A 70 -1.15 35.82 -22.23
N THR A 71 -0.57 35.87 -21.04
CA THR A 71 -1.32 35.84 -19.80
C THR A 71 -0.98 37.09 -19.00
N THR A 72 -1.98 37.93 -18.74
CA THR A 72 -1.73 39.26 -18.18
C THR A 72 -2.48 39.48 -16.87
N PRO A 73 -1.89 39.02 -15.76
CA PRO A 73 -2.53 39.18 -14.45
C PRO A 73 -2.65 40.66 -14.06
N MET A 74 -3.72 41.01 -13.37
CA MET A 74 -3.89 42.38 -12.89
C MET A 74 -3.88 42.44 -11.36
N ASP A 75 -3.48 41.34 -10.73
CA ASP A 75 -3.23 41.32 -9.29
C ASP A 75 -2.08 40.36 -8.96
N SER A 76 -1.72 40.28 -7.68
CA SER A 76 -0.60 39.46 -7.24
C SER A 76 -1.02 38.12 -6.61
N THR A 77 -2.20 37.64 -6.96
CA THR A 77 -2.70 36.35 -6.49
C THR A 77 -1.93 35.17 -7.08
N GLY A 78 -1.23 35.40 -8.18
CA GLY A 78 -0.50 34.34 -8.85
C GLY A 78 -1.39 33.49 -9.73
N VAL A 79 -2.53 34.04 -10.11
CA VAL A 79 -3.49 33.29 -10.93
C VAL A 79 -2.89 32.62 -12.19
N PRO A 80 -2.01 33.31 -12.95
CA PRO A 80 -1.55 32.56 -14.13
C PRO A 80 -0.61 31.41 -13.77
N HIS A 81 0.06 31.53 -12.63
CA HIS A 81 0.98 30.48 -12.15
C HIS A 81 0.17 29.32 -11.60
N ILE A 82 -0.81 29.62 -10.77
CA ILE A 82 -1.69 28.59 -10.23
C ILE A 82 -2.52 27.91 -11.34
N LEU A 83 -2.92 28.68 -12.34
CA LEU A 83 -3.61 28.09 -13.50
C LEU A 83 -2.72 27.10 -14.23
N GLN A 84 -1.46 27.48 -14.41
CA GLN A 84 -0.49 26.63 -15.09
C GLN A 84 -0.33 25.28 -14.38
N HIS A 85 -0.32 25.28 -13.06
CA HIS A 85 -0.27 24.02 -12.30
C HIS A 85 -1.59 23.23 -12.45
N THR A 86 -2.71 23.95 -12.46
CA THR A 86 -4.01 23.27 -12.37
C THR A 86 -4.49 22.64 -13.68
N VAL A 87 -4.13 23.22 -14.82
CA VAL A 87 -4.52 22.64 -16.11
C VAL A 87 -3.86 21.29 -16.34
N LEU A 88 -2.77 21.04 -15.62
CA LEU A 88 -2.07 19.77 -15.73
C LEU A 88 -2.65 18.71 -14.80
N CYS A 89 -3.75 19.06 -14.13
CA CYS A 89 -4.35 18.15 -13.14
C CYS A 89 -5.50 17.30 -13.67
N GLY A 90 -5.83 17.44 -14.95
CA GLY A 90 -6.88 16.64 -15.54
C GLY A 90 -7.61 17.41 -16.61
N SER A 91 -8.03 16.71 -17.66
CA SER A 91 -8.68 17.37 -18.80
C SER A 91 -9.77 16.51 -19.38
N GLN A 92 -10.52 17.05 -20.35
CA GLN A 92 -11.70 16.37 -20.86
C GLN A 92 -11.41 14.98 -21.40
N MLY A 93 -10.31 14.84 -22.15
CA MLY A 93 -9.94 13.57 -22.76
CB MLY A 93 -9.09 13.84 -24.01
CG MLY A 93 -8.82 12.64 -24.89
CD MLY A 93 -8.08 13.10 -26.13
CE MLY A 93 -7.69 11.96 -27.03
NZ MLY A 93 -6.93 12.50 -28.18
CH1 MLY A 93 -6.03 11.42 -28.65
CH2 MLY A 93 -7.89 12.74 -29.25
C MLY A 93 -9.18 12.70 -21.77
O MLY A 93 -9.17 11.47 -21.90
N TYR A 94 -8.53 13.33 -20.80
CA TYR A 94 -7.77 12.60 -19.78
C TYR A 94 -8.18 13.08 -18.39
N PRO A 95 -9.36 12.66 -17.93
CA PRO A 95 -9.94 13.18 -16.68
C PRO A 95 -9.33 12.56 -15.43
N CYS A 96 -8.41 11.62 -15.61
CA CYS A 96 -7.74 11.02 -14.48
C CYS A 96 -6.94 12.10 -13.76
N ARG A 97 -6.64 11.86 -12.49
CA ARG A 97 -5.91 12.82 -11.70
C ARG A 97 -4.47 12.92 -12.19
N ASP A 98 -3.97 14.15 -12.32
CA ASP A 98 -2.54 14.38 -12.59
C ASP A 98 -1.99 13.75 -13.88
N PRO A 99 -2.55 14.09 -15.05
CA PRO A 99 -2.01 13.58 -16.32
C PRO A 99 -0.53 13.89 -16.51
N PHE A 100 -0.10 15.10 -16.16
CA PHE A 100 1.29 15.50 -16.40
C PHE A 100 2.31 14.66 -15.66
N PHE A 101 2.16 14.54 -14.34
CA PHE A 101 3.11 13.75 -13.56
C PHE A 101 3.06 12.27 -13.95
N LYS A 102 1.87 11.78 -14.29
CA LYS A 102 1.78 10.38 -14.75
C LYS A 102 2.50 10.16 -16.08
N MET A 103 2.36 11.11 -17.01
CA MET A 103 3.06 11.02 -18.28
C MET A 103 4.58 11.05 -18.15
N LEU A 104 5.08 11.71 -17.10
CA LEU A 104 6.52 11.73 -16.81
C LEU A 104 7.07 10.31 -16.74
N ASN A 105 6.22 9.37 -16.32
CA ASN A 105 6.63 7.98 -16.15
C ASN A 105 6.05 7.07 -17.22
N ARG A 106 5.48 7.65 -18.27
CA ARG A 106 4.91 6.85 -19.36
C ARG A 106 5.49 7.27 -20.70
N SER A 107 6.69 7.85 -20.63
CA SER A 107 7.28 8.52 -21.77
C SER A 107 8.81 8.36 -21.74
N LEU A 108 9.45 8.69 -22.85
CA LEU A 108 10.92 8.74 -22.88
C LEU A 108 11.35 10.16 -23.17
N SER A 109 10.59 11.12 -22.65
CA SER A 109 10.84 12.53 -22.89
C SER A 109 12.26 12.94 -22.48
N THR A 110 12.80 13.91 -23.18
CA THR A 110 14.08 14.50 -22.81
C THR A 110 13.84 15.77 -21.99
N PHE A 111 12.63 16.30 -22.07
CA PHE A 111 12.22 17.45 -21.26
C PHE A 111 10.71 17.54 -21.22
N MET A 112 10.17 17.81 -20.04
CA MET A 112 8.71 17.95 -19.85
C MET A 112 8.46 18.92 -18.70
N ASN A 113 7.95 20.10 -19.00
CA ASN A 113 7.63 21.06 -17.94
C ASN A 113 6.64 22.13 -18.39
N ALA A 114 6.56 23.19 -17.62
CA ALA A 114 5.71 24.34 -17.94
C ALA A 114 6.23 25.53 -17.15
N PHE A 115 6.21 26.71 -17.74
CA PHE A 115 6.76 27.90 -17.08
C PHE A 115 5.81 29.10 -17.16
N THR A 116 5.73 29.87 -16.09
CA THR A 116 4.96 31.11 -16.10
C THR A 116 5.90 32.31 -16.00
N ALA A 117 6.02 33.08 -17.08
CA ALA A 117 6.75 34.35 -17.03
C ALA A 117 5.79 35.45 -16.59
N SER A 118 6.25 36.69 -16.64
CA SER A 118 5.40 37.80 -16.20
C SER A 118 4.12 37.93 -17.02
N ASP A 119 4.24 37.82 -18.34
CA ASP A 119 3.08 38.07 -19.18
C ASP A 119 2.87 36.99 -20.25
N TYR A 120 3.49 35.84 -20.03
CA TYR A 120 3.17 34.66 -20.81
C TYR A 120 3.41 33.37 -20.02
N THR A 121 2.71 32.32 -20.42
CA THR A 121 2.88 31.01 -19.86
C THR A 121 3.27 30.09 -21.02
N LEU A 122 4.28 29.26 -20.82
CA LEU A 122 4.87 28.47 -21.90
C LEU A 122 4.87 26.98 -21.51
N TYR A 123 4.38 26.12 -22.41
CA TYR A 123 4.27 24.68 -22.16
C TYR A 123 5.09 23.86 -23.15
N PRO A 124 6.34 23.54 -22.80
CA PRO A 124 7.20 22.78 -23.72
C PRO A 124 7.46 21.34 -23.30
N PHE A 125 7.62 20.46 -24.28
CA PHE A 125 8.20 19.14 -24.05
C PHE A 125 9.10 18.78 -25.21
N SER A 126 9.99 17.83 -24.99
CA SER A 126 10.85 17.34 -26.06
C SER A 126 11.08 15.84 -25.90
N THR A 127 11.35 15.17 -27.01
CA THR A 127 11.60 13.73 -27.00
C THR A 127 12.23 13.33 -28.33
N GLN A 128 12.92 12.19 -28.35
CA GLN A 128 13.53 11.70 -29.58
C GLN A 128 12.74 10.56 -30.17
N ASN A 129 11.60 10.25 -29.55
CA ASN A 129 10.71 9.20 -30.03
C ASN A 129 9.44 9.80 -30.63
N PRO A 130 9.16 9.48 -31.91
CA PRO A 130 8.04 10.10 -32.64
C PRO A 130 6.66 9.73 -32.12
N MLY A 131 6.51 8.51 -31.60
CA MLY A 131 5.23 8.09 -31.04
CB MLY A 131 5.19 6.59 -30.82
CG MLY A 131 3.88 6.09 -30.25
CD MLY A 131 2.73 6.45 -31.20
CE MLY A 131 1.38 6.22 -30.58
NZ MLY A 131 0.30 6.50 -31.57
CH1 MLY A 131 -0.69 5.41 -31.48
CH2 MLY A 131 -0.39 7.73 -31.14
C MLY A 131 5.00 8.81 -29.71
O MLY A 131 3.89 9.29 -29.42
N ASP A 132 6.05 8.87 -28.91
CA ASP A 132 6.07 9.60 -27.65
C ASP A 132 5.69 11.09 -27.87
N PHE A 133 6.21 11.68 -28.94
CA PHE A 133 5.92 13.07 -29.27
C PHE A 133 4.41 13.26 -29.50
N GLN A 134 3.79 12.37 -30.26
CA GLN A 134 2.36 12.43 -30.52
C GLN A 134 1.57 12.26 -29.23
N ASN A 135 2.01 11.33 -28.38
CA ASN A 135 1.35 11.09 -27.11
C ASN A 135 1.37 12.36 -26.25
N LEU A 136 2.54 12.96 -26.11
CA LEU A 136 2.69 14.13 -25.26
C LEU A 136 1.98 15.34 -25.86
N LEU A 137 1.92 15.39 -27.19
CA LEU A 137 1.21 16.47 -27.85
C LEU A 137 -0.29 16.44 -27.53
N SER A 138 -0.87 15.24 -27.50
CA SER A 138 -2.30 15.13 -27.19
C SER A 138 -2.60 15.50 -25.74
N VAL A 139 -1.71 15.12 -24.82
CA VAL A 139 -1.90 15.46 -23.41
C VAL A 139 -1.77 16.96 -23.16
N TYR A 140 -0.78 17.59 -23.78
CA TYR A 140 -0.54 19.02 -23.61
C TYR A 140 -1.67 19.86 -24.22
N LEU A 141 -2.11 19.46 -25.41
CA LEU A 141 -3.20 20.14 -26.08
C LEU A 141 -4.48 20.05 -25.28
N ASP A 142 -4.78 18.85 -24.77
CA ASP A 142 -5.99 18.67 -23.99
C ASP A 142 -5.93 19.42 -22.66
N ALA A 143 -4.75 19.43 -22.04
CA ALA A 143 -4.59 20.10 -20.76
C ALA A 143 -4.74 21.61 -20.89
N THR A 144 -4.09 22.21 -21.89
CA THR A 144 -4.14 23.66 -22.03
C THR A 144 -5.52 24.16 -22.50
N PHE A 145 -6.12 23.45 -23.46
CA PHE A 145 -7.38 23.91 -24.05
C PHE A 145 -8.65 23.37 -23.40
N PHE A 146 -8.62 22.14 -22.91
CA PHE A 146 -9.81 21.55 -22.31
C PHE A 146 -9.60 20.99 -20.90
N PRO A 147 -9.09 21.84 -19.97
CA PRO A 147 -8.72 21.36 -18.64
C PRO A 147 -9.91 21.13 -17.73
N CAS A 148 -9.73 20.31 -16.71
CA CAS A 148 -10.81 20.05 -15.75
CB CAS A 148 -10.49 18.79 -14.95
C CAS A 148 -11.04 21.21 -14.83
O CAS A 148 -12.21 21.49 -14.50
SG CAS A 148 -10.74 17.37 -15.97
AS CAS A 148 -12.97 17.36 -16.12
CE1 CAS A 148 -13.55 18.77 -17.41
CE2 CAS A 148 -13.57 15.58 -16.77
N LEU A 149 -9.98 21.88 -14.37
CA LEU A 149 -10.11 22.97 -13.42
C LEU A 149 -11.06 22.61 -12.28
N ARG A 150 -10.85 21.42 -11.72
CA ARG A 150 -11.65 20.98 -10.58
C ARG A 150 -11.30 21.76 -9.33
N GLU A 151 -12.31 22.09 -8.52
CA GLU A 151 -12.09 22.90 -7.32
C GLU A 151 -11.00 22.31 -6.43
N LEU A 152 -11.01 21.00 -6.27
CA LEU A 152 -10.05 20.34 -5.38
C LEU A 152 -8.61 20.20 -5.94
N ASP A 153 -8.48 20.19 -7.26
CA ASP A 153 -7.17 20.21 -7.89
C ASP A 153 -6.53 21.57 -7.66
N PHE A 154 -7.37 22.60 -7.60
CA PHE A 154 -6.91 23.96 -7.32
C PHE A 154 -6.48 24.06 -5.86
N TRP A 155 -7.36 23.63 -4.97
CA TRP A 155 -7.05 23.56 -3.54
C TRP A 155 -5.71 22.91 -3.26
N GLN A 156 -5.38 21.87 -4.03
CA GLN A 156 -4.10 21.19 -3.87
C GLN A 156 -2.95 22.06 -4.39
N GLU A 157 -3.09 22.54 -5.62
CA GLU A 157 -2.00 23.23 -6.30
C GLU A 157 -1.85 24.69 -5.91
N GLY A 158 -2.95 25.33 -5.56
CA GLY A 158 -2.95 26.77 -5.28
C GLY A 158 -2.86 27.10 -3.81
N TRP A 159 -4.01 27.09 -3.14
CA TRP A 159 -4.07 27.31 -1.71
C TRP A 159 -5.38 26.74 -1.17
N ARG A 160 -5.40 26.37 0.10
CA ARG A 160 -6.64 25.95 0.73
C ARG A 160 -6.54 26.18 2.22
N LEU A 161 -7.69 26.20 2.89
CA LEU A 161 -7.75 26.08 4.33
C LEU A 161 -7.93 24.60 4.63
N GLU A 162 -7.14 24.08 5.56
CA GLU A 162 -7.21 22.66 5.88
C GLU A 162 -6.94 22.47 7.36
N HIS A 163 -7.70 21.56 7.97
CA HIS A 163 -7.42 21.18 9.35
C HIS A 163 -6.09 20.45 9.37
N GLU A 164 -5.33 20.65 10.44
CA GLU A 164 -4.02 19.99 10.58
C GLU A 164 -4.17 18.46 10.52
N ASN A 165 -5.32 17.96 10.98
CA ASN A 165 -5.73 16.58 10.72
C ASN A 165 -7.08 16.62 10.04
N PRO A 166 -7.10 16.37 8.71
CA PRO A 166 -8.29 16.50 7.87
C PRO A 166 -9.48 15.69 8.35
N SER A 167 -9.23 14.60 9.08
CA SER A 167 -10.31 13.78 9.63
C SER A 167 -10.68 14.15 11.07
N ASP A 168 -10.10 15.25 11.56
CA ASP A 168 -10.40 15.75 12.90
C ASP A 168 -10.67 17.26 12.87
N PRO A 169 -11.96 17.64 12.74
CA PRO A 169 -12.38 19.04 12.57
C PRO A 169 -12.21 19.91 13.82
N GLN A 170 -11.63 19.36 14.88
CA GLN A 170 -11.33 20.15 16.06
C GLN A 170 -9.87 20.63 16.06
N THR A 171 -9.13 20.22 15.05
CA THR A 171 -7.77 20.71 14.84
C THR A 171 -7.81 22.04 14.09
N PRO A 172 -6.83 22.92 14.34
CA PRO A 172 -6.86 24.28 13.76
C PRO A 172 -6.76 24.28 12.23
N LEU A 173 -7.38 25.28 11.60
CA LEU A 173 -7.28 25.46 10.16
C LEU A 173 -5.98 26.21 9.84
N VAL A 174 -5.26 25.71 8.84
CA VAL A 174 -4.03 26.37 8.39
C VAL A 174 -4.02 26.51 6.88
N PHE A 175 -3.14 27.35 6.35
CA PHE A 175 -2.97 27.51 4.90
C PHE A 175 -2.08 26.40 4.34
N LYS A 176 -2.48 25.83 3.20
CA LYS A 176 -1.64 24.86 2.51
C LYS A 176 -1.77 25.05 1.01
N GLY A 177 -0.82 24.51 0.26
CA GLY A 177 -0.88 24.56 -1.19
C GLY A 177 0.50 24.52 -1.80
N VAL A 178 0.63 23.87 -2.95
CA VAL A 178 1.92 23.75 -3.61
C VAL A 178 2.51 25.11 -4.04
N VAL A 179 1.78 25.88 -4.84
CA VAL A 179 2.29 27.18 -5.28
C VAL A 179 2.54 28.09 -4.10
N PHE A 180 1.67 28.01 -3.11
CA PHE A 180 1.83 28.77 -1.87
C PHE A 180 3.24 28.61 -1.32
N ASN A 181 3.67 27.36 -1.14
CA ASN A 181 5.01 27.10 -0.64
C ASN A 181 6.11 27.33 -1.67
N GLU A 182 5.82 27.04 -2.94
CA GLU A 182 6.77 27.27 -4.03
C GLU A 182 7.22 28.76 -4.01
N MET A 183 6.25 29.65 -3.85
CA MET A 183 6.52 31.09 -3.89
C MET A 183 7.16 31.60 -2.60
N MLZ A 184 6.85 30.96 -1.47
CA MLZ A 184 7.50 31.28 -0.22
CB MLZ A 184 6.95 30.43 0.89
CG MLZ A 184 5.63 30.98 1.40
CD MLZ A 184 5.25 30.15 2.62
CE MLZ A 184 4.07 30.77 3.35
NZ MLZ A 184 3.79 29.99 4.54
CM MLZ A 184 4.89 30.13 5.50
C MLZ A 184 8.96 31.01 -0.38
O MLZ A 184 9.81 31.82 0.06
N GLY A 185 9.29 29.88 -0.99
CA GLY A 185 10.68 29.51 -1.20
C GLY A 185 11.37 30.35 -2.26
N ALA A 186 10.63 30.73 -3.30
CA ALA A 186 11.20 31.56 -4.36
C ALA A 186 11.67 32.89 -3.80
N PHE A 187 10.86 33.49 -2.92
CA PHE A 187 11.22 34.77 -2.30
C PHE A 187 12.02 34.62 -1.01
N THR A 188 12.58 33.43 -0.80
CA THR A 188 13.59 33.23 0.23
C THR A 188 14.92 33.69 -0.38
N ASP A 189 14.98 33.70 -1.70
CA ASP A 189 16.13 34.22 -2.43
C ASP A 189 16.00 35.74 -2.48
N ASN A 190 16.89 36.44 -1.78
CA ASN A 190 16.80 37.90 -1.69
C ASN A 190 17.04 38.64 -3.00
N GLU A 191 17.77 38.02 -3.92
CA GLU A 191 17.95 38.60 -5.25
C GLU A 191 16.65 38.56 -6.03
N ARG A 192 15.83 37.55 -5.76
CA ARG A 192 14.53 37.40 -6.43
C ARG A 192 13.54 38.43 -5.89
N ILE A 193 13.64 38.73 -4.60
CA ILE A 193 12.86 39.82 -4.02
C ILE A 193 13.21 41.15 -4.70
N PHE A 194 14.49 41.42 -4.84
CA PHE A 194 14.97 42.67 -5.43
C PHE A 194 14.52 42.74 -6.89
N SER A 195 14.70 41.64 -7.60
CA SER A 195 14.39 41.58 -9.02
C SER A 195 12.89 41.80 -9.25
N GLN A 196 12.07 41.24 -8.39
CA GLN A 196 10.62 41.39 -8.54
C GLN A 196 10.21 42.86 -8.36
N HIS A 197 10.72 43.48 -7.30
CA HIS A 197 10.39 44.87 -7.00
C HIS A 197 10.90 45.84 -8.06
N LEU A 198 12.08 45.57 -8.61
CA LEU A 198 12.65 46.40 -9.67
C LEU A 198 11.67 46.48 -10.82
N GLN A 199 11.23 45.32 -11.30
CA GLN A 199 10.30 45.27 -12.43
C GLN A 199 8.99 45.96 -12.09
N ASN A 200 8.45 45.64 -10.92
CA ASN A 200 7.16 46.21 -10.51
C ASN A 200 7.19 47.75 -10.43
N ARG A 201 8.32 48.32 -10.00
CA ARG A 201 8.45 49.76 -9.85
C ARG A 201 8.83 50.47 -11.15
N LEU A 202 9.57 49.78 -12.01
CA LEU A 202 10.01 50.37 -13.26
C LEU A 202 8.89 50.40 -14.28
N LEU A 203 7.99 49.42 -14.20
CA LEU A 203 6.87 49.30 -15.12
C LEU A 203 5.57 49.22 -14.32
N PRO A 204 5.15 50.35 -13.73
CA PRO A 204 4.10 50.31 -12.71
C PRO A 204 2.67 50.42 -13.25
N ASP A 205 2.50 50.60 -14.55
CA ASP A 205 1.17 50.96 -15.08
C ASP A 205 0.19 49.81 -15.36
N HIS A 206 0.71 48.64 -15.68
CA HIS A 206 -0.13 47.55 -16.16
C HIS A 206 0.21 46.22 -15.49
N THR A 207 0.27 45.16 -16.28
CA THR A 207 0.48 43.82 -15.74
C THR A 207 1.84 43.67 -15.06
N TYR A 208 2.84 44.43 -15.52
CA TYR A 208 4.19 44.28 -14.99
C TYR A 208 4.36 44.81 -13.57
N SER A 209 3.32 45.46 -13.04
CA SER A 209 3.38 46.01 -11.68
C SER A 209 3.04 44.98 -10.60
N VAL A 210 2.57 43.80 -11.02
CA VAL A 210 2.14 42.79 -10.04
C VAL A 210 3.10 41.60 -9.99
N VAL A 211 2.92 40.75 -8.99
CA VAL A 211 3.71 39.53 -8.86
C VAL A 211 3.01 38.37 -9.57
N SER A 212 3.41 38.10 -10.80
CA SER A 212 2.77 37.07 -11.62
C SER A 212 2.86 35.65 -11.04
N GLY A 213 3.92 35.37 -10.30
CA GLY A 213 4.08 34.03 -9.74
C GLY A 213 3.22 33.84 -8.52
N GLY A 214 2.86 34.96 -7.89
CA GLY A 214 2.08 34.94 -6.66
C GLY A 214 2.86 35.44 -5.46
N ASP A 215 2.42 36.55 -4.90
CA ASP A 215 2.92 37.01 -3.61
C ASP A 215 2.20 36.15 -2.58
N PRO A 216 2.95 35.41 -1.76
CA PRO A 216 2.34 34.50 -0.78
C PRO A 216 1.23 35.15 0.08
N LEU A 217 1.38 36.44 0.38
CA LEU A 217 0.39 37.14 1.19
C LEU A 217 -0.82 37.55 0.35
N CAS A 218 -0.77 37.23 -0.93
CA CAS A 218 -1.84 37.59 -1.85
CB CAS A 218 -1.26 38.40 -3.01
C CAS A 218 -2.50 36.36 -2.38
O CAS A 218 -3.68 36.44 -2.78
SG CAS A 218 -0.70 39.97 -2.41
AS CAS A 218 -2.64 40.86 -1.77
CE1 CAS A 218 -2.31 42.65 -0.96
CE2 CAS A 218 -3.85 41.05 -3.35
N ILE A 219 -1.80 35.23 -2.42
CA ILE A 219 -2.38 34.00 -2.94
C ILE A 219 -3.76 33.61 -2.40
N PRO A 220 -3.98 33.69 -1.07
CA PRO A 220 -5.30 33.26 -0.60
C PRO A 220 -6.46 34.17 -1.00
N GLU A 221 -6.19 35.24 -1.74
CA GLU A 221 -7.26 36.08 -2.27
C GLU A 221 -7.83 35.47 -3.55
N LEU A 222 -7.10 34.54 -4.14
CA LEU A 222 -7.53 33.90 -5.39
C LEU A 222 -8.74 33.00 -5.18
N THR A 223 -9.78 33.17 -5.99
CA THR A 223 -10.95 32.29 -5.90
C THR A 223 -10.99 31.32 -7.07
N TRP A 224 -11.70 30.22 -6.88
CA TRP A 224 -11.89 29.22 -7.94
C TRP A 224 -12.47 29.85 -9.20
N GLU A 225 -13.49 30.69 -9.03
CA GLU A 225 -14.12 31.33 -10.20
C GLU A 225 -13.16 32.26 -10.94
N GLN A 226 -12.36 33.02 -10.19
CA GLN A 226 -11.33 33.85 -10.81
C GLN A 226 -10.34 33.01 -11.62
N LEU A 227 -10.00 31.84 -11.08
CA LEU A 227 -9.09 30.93 -11.77
C LEU A 227 -9.67 30.49 -13.11
N MLY A 228 -10.93 30.06 -13.12
CA MLY A 228 -11.60 29.63 -14.34
CB MLY A 228 -12.96 28.99 -14.02
CG MLY A 228 -12.87 27.64 -13.33
CD MLY A 228 -14.26 26.99 -13.25
CE MLY A 228 -15.10 27.59 -12.12
NZ MLY A 228 -16.48 26.98 -12.10
CH1 MLY A 228 -17.07 27.25 -10.78
CH2 MLY A 228 -17.29 27.70 -13.08
C MLY A 228 -11.79 30.76 -15.35
O MLY A 228 -11.62 30.56 -16.56
N GLN A 229 -12.13 31.95 -14.86
CA GLN A 229 -12.27 33.11 -15.72
C GLN A 229 -10.95 33.44 -16.44
N PHE A 230 -9.86 33.44 -15.69
CA PHE A 230 -8.54 33.72 -16.27
C PHE A 230 -8.25 32.73 -17.39
N HIS A 231 -8.62 31.47 -17.20
CA HIS A 231 -8.41 30.49 -18.27
C HIS A 231 -9.25 30.79 -19.50
N ALA A 232 -10.52 31.14 -19.29
CA ALA A 232 -11.41 31.44 -20.42
C ALA A 232 -10.91 32.62 -21.25
N THR A 233 -10.33 33.61 -20.58
CA THR A 233 -9.85 34.83 -21.23
C THR A 233 -8.52 34.67 -21.97
N HIS A 234 -7.62 33.83 -21.45
CA HIS A 234 -6.26 33.77 -22.00
C HIS A 234 -5.92 32.48 -22.76
N TYR A 235 -6.68 31.42 -22.56
CA TYR A 235 -6.32 30.12 -23.14
C TYR A 235 -7.14 29.76 -24.37
N HIS A 236 -7.18 30.72 -25.29
CA HIS A 236 -7.85 30.54 -26.56
C HIS A 236 -6.75 30.55 -27.60
N PRO A 237 -6.88 29.70 -28.63
CA PRO A 237 -5.83 29.58 -29.66
C PRO A 237 -5.52 30.91 -30.38
N SER A 238 -6.47 31.83 -30.43
CA SER A 238 -6.20 33.16 -31.00
C SER A 238 -5.20 33.93 -30.14
N ASN A 239 -5.05 33.49 -28.89
CA ASN A 239 -4.12 34.13 -27.96
C ASN A 239 -2.85 33.31 -27.76
N ALA A 240 -2.58 32.38 -28.67
CA ALA A 240 -1.49 31.43 -28.50
C ALA A 240 -0.43 31.49 -29.61
N ARG A 241 0.74 30.95 -29.31
CA ARG A 241 1.79 30.76 -30.30
C ARG A 241 2.23 29.29 -30.26
N PHE A 242 2.22 28.62 -31.40
CA PHE A 242 2.65 27.23 -31.46
C PHE A 242 4.04 27.12 -32.08
N PHE A 243 4.86 26.26 -31.51
CA PHE A 243 6.25 26.12 -31.91
C PHE A 243 6.65 24.65 -31.98
N THR A 244 7.25 24.25 -33.09
CA THR A 244 7.89 22.93 -33.14
C THR A 244 9.30 23.03 -33.71
N TYR A 245 10.15 22.09 -33.32
CA TYR A 245 11.54 22.07 -33.76
C TYR A 245 11.99 20.64 -33.97
N GLY A 246 12.75 20.40 -35.03
CA GLY A 246 13.39 19.12 -35.20
C GLY A 246 13.09 18.47 -36.53
N ASN A 247 13.30 17.16 -36.60
CA ASN A 247 13.21 16.45 -37.87
C ASN A 247 11.94 15.64 -38.06
N PHE A 248 11.07 15.60 -37.06
CA PHE A 248 9.76 14.96 -37.24
C PHE A 248 8.94 15.81 -38.20
N PRO A 249 8.21 15.15 -39.13
CA PRO A 249 7.41 15.84 -40.14
C PRO A 249 6.37 16.81 -39.55
N LEU A 250 6.35 18.02 -40.10
CA LEU A 250 5.45 19.07 -39.64
C LEU A 250 3.97 18.68 -39.76
N GLU A 251 3.63 17.98 -40.85
CA GLU A 251 2.24 17.67 -41.19
C GLU A 251 1.50 16.94 -40.07
N GLN A 252 2.15 15.95 -39.46
CA GLN A 252 1.55 15.22 -38.34
C GLN A 252 1.26 16.13 -37.14
N HIS A 253 2.16 17.09 -36.88
CA HIS A 253 1.93 18.05 -35.78
C HIS A 253 0.67 18.87 -36.08
N LEU A 254 0.62 19.46 -37.27
CA LEU A 254 -0.51 20.31 -37.64
C LEU A 254 -1.84 19.54 -37.62
N MLY A 255 -1.79 18.29 -38.04
CA MLY A 255 -2.98 17.42 -38.07
CB MLY A 255 -2.66 16.08 -38.71
CG MLY A 255 -3.86 15.13 -38.81
CD MLY A 255 -3.45 13.77 -39.37
CE MLY A 255 -4.67 12.96 -39.84
NZ MLY A 255 -5.63 12.69 -38.76
CH1 MLY A 255 -6.72 11.88 -39.31
CH2 MLY A 255 -4.94 11.86 -37.76
C MLY A 255 -3.53 17.21 -36.66
O MLY A 255 -4.74 17.31 -36.45
N GLN A 256 -2.65 16.94 -35.71
CA GLN A 256 -3.07 16.81 -34.31
C GLN A 256 -3.58 18.12 -33.74
N ILE A 257 -2.84 19.20 -33.97
CA ILE A 257 -3.20 20.48 -33.37
C ILE A 257 -4.57 20.96 -33.88
N HIS A 258 -4.80 20.82 -35.18
CA HIS A 258 -6.11 21.15 -35.75
C HIS A 258 -7.24 20.24 -35.26
N GLU A 259 -7.06 18.92 -35.38
CA GLU A 259 -8.15 17.98 -35.12
C GLU A 259 -8.46 17.76 -33.64
N GLU A 260 -7.45 17.89 -32.77
CA GLU A 260 -7.66 17.65 -31.34
C GLU A 260 -7.99 18.92 -30.55
N ALA A 261 -7.81 20.08 -31.15
CA ALA A 261 -7.99 21.33 -30.42
C ALA A 261 -8.58 22.47 -31.24
N LEU A 262 -7.80 23.00 -32.16
CA LEU A 262 -8.13 24.26 -32.85
C LEU A 262 -9.44 24.24 -33.64
N SER A 263 -9.83 23.07 -34.14
CA SER A 263 -11.07 22.95 -34.90
C SER A 263 -12.31 23.23 -34.06
N MLY A 264 -12.16 23.20 -32.73
CA MLY A 264 -13.28 23.44 -31.83
CB MLY A 264 -13.09 22.68 -30.51
CG MLY A 264 -13.23 21.16 -30.59
CD MLY A 264 -11.98 20.48 -31.12
CE MLY A 264 -11.84 19.06 -30.57
NZ MLY A 264 -12.95 18.17 -31.00
CH1 MLY A 264 -12.62 17.69 -32.34
CH2 MLY A 264 -12.92 17.00 -30.12
C MLY A 264 -13.48 24.94 -31.54
O MLY A 264 -14.40 25.31 -30.81
N PHE A 265 -12.61 25.78 -32.09
CA PHE A 265 -12.65 27.21 -31.77
C PHE A 265 -12.89 28.09 -32.99
N GLN A 266 -13.34 29.32 -32.73
CA GLN A 266 -13.43 30.32 -33.78
C GLN A 266 -12.56 31.50 -33.40
N MLY A 267 -12.26 32.37 -34.35
CA MLY A 267 -11.37 33.50 -34.10
CB MLY A 267 -10.99 34.19 -35.40
CG MLY A 267 -10.27 35.52 -35.19
CD MLY A 267 -9.73 36.10 -36.48
CE MLY A 267 -8.66 35.19 -37.09
NZ MLY A 267 -7.83 35.86 -38.15
CH1 MLY A 267 -7.50 34.82 -39.14
CH2 MLY A 267 -8.67 36.84 -38.85
C MLY A 267 -11.96 34.52 -33.12
O MLY A 267 -13.10 34.95 -33.28
N ILE A 268 -11.18 34.89 -32.11
CA ILE A 268 -11.52 36.02 -31.27
C ILE A 268 -10.40 37.04 -31.29
N GLU A 269 -10.69 38.24 -30.79
CA GLU A 269 -9.67 39.25 -30.54
C GLU A 269 -9.41 39.25 -29.04
N PRO A 270 -8.31 38.63 -28.60
CA PRO A 270 -8.10 38.40 -27.17
C PRO A 270 -8.02 39.71 -26.40
N SER A 271 -8.57 39.74 -25.19
CA SER A 271 -8.45 40.92 -24.35
C SER A 271 -7.19 40.80 -23.50
N THR A 272 -6.04 40.75 -24.15
CA THR A 272 -4.79 40.40 -23.47
C THR A 272 -3.63 41.28 -23.88
N VAL A 273 -3.91 42.38 -24.57
CA VAL A 273 -2.87 43.29 -25.02
C VAL A 273 -2.15 43.95 -23.84
N VAL A 274 -0.82 43.95 -23.87
CA VAL A 274 -0.03 44.70 -22.89
C VAL A 274 0.37 46.04 -23.52
N PRO A 275 -0.20 47.14 -23.02
CA PRO A 275 0.05 48.47 -23.62
C PRO A 275 1.46 48.98 -23.33
N ALA A 276 1.89 49.97 -24.10
CA ALA A 276 3.18 50.59 -23.85
C ALA A 276 3.22 51.24 -22.48
N GLN A 277 4.36 51.14 -21.80
CA GLN A 277 4.58 51.90 -20.58
C GLN A 277 4.78 53.36 -20.98
N THR A 278 3.99 54.26 -20.41
CA THR A 278 4.20 55.69 -20.66
C THR A 278 5.45 56.17 -19.91
N PRO A 279 6.44 56.69 -20.65
CA PRO A 279 7.72 57.13 -20.08
C PRO A 279 7.57 58.24 -19.05
N TRP A 280 8.36 58.18 -17.98
CA TRP A 280 8.31 59.17 -16.91
C TRP A 280 8.90 60.51 -17.35
N ASP A 281 8.58 61.57 -16.61
CA ASP A 281 9.17 62.88 -16.85
C ASP A 281 10.41 63.08 -15.99
N LYS A 282 10.41 62.42 -14.84
CA LYS A 282 11.54 62.50 -13.90
C LYS A 282 11.82 61.15 -13.26
N PRO A 283 13.09 60.90 -12.92
CA PRO A 283 13.49 59.62 -12.32
C PRO A 283 12.76 59.39 -11.01
N ARG A 284 12.69 58.14 -10.57
CA ARG A 284 12.09 57.83 -9.28
C ARG A 284 13.08 57.03 -8.45
N GLU A 285 12.83 56.98 -7.14
CA GLU A 285 13.64 56.16 -6.27
C GLU A 285 12.79 55.53 -5.19
N PHE A 286 13.17 54.31 -4.78
CA PHE A 286 12.40 53.57 -3.78
C PHE A 286 13.33 52.77 -2.89
N GLN A 287 12.83 52.40 -1.71
CA GLN A 287 13.59 51.59 -0.77
C GLN A 287 12.70 50.45 -0.34
N ILE A 288 13.29 49.25 -0.22
CA ILE A 288 12.54 48.08 0.23
C ILE A 288 13.38 47.31 1.23
N THR A 289 12.81 46.23 1.76
CA THR A 289 13.52 45.38 2.72
C THR A 289 13.33 43.92 2.32
N CAS A 290 13.99 43.02 3.03
CA CAS A 290 14.15 41.64 2.60
CB CAS A 290 15.41 41.51 1.76
C CAS A 290 14.89 41.00 3.74
O CAS A 290 15.46 41.70 4.60
SG CAS A 290 16.59 42.71 2.26
AS CAS A 290 18.48 41.60 1.84
CE1 CAS A 290 19.66 41.67 3.44
CE2 CAS A 290 19.41 42.44 0.28
N GLY A 291 14.88 39.66 3.76
CA GLY A 291 15.48 38.90 4.84
C GLY A 291 16.96 38.93 5.19
N PRO A 292 17.33 38.53 6.41
CA PRO A 292 18.74 38.55 6.79
C PRO A 292 19.54 37.48 6.03
N ASP A 293 20.87 37.50 6.13
CA ASP A 293 21.68 36.48 5.46
C ASP A 293 21.75 35.21 6.29
N LYS A 301 25.89 47.41 6.02
CA LYS A 301 26.67 46.17 5.95
C LYS A 301 26.40 45.40 4.65
N GLN A 302 25.12 45.24 4.31
CA GLN A 302 24.72 44.47 3.14
C GLN A 302 23.52 45.10 2.46
N THR A 303 23.72 46.32 1.96
CA THR A 303 22.71 47.04 1.20
C THR A 303 22.91 46.78 -0.30
N THR A 304 21.82 46.63 -1.04
CA THR A 304 21.89 46.53 -2.49
C THR A 304 21.30 47.80 -3.10
N VAL A 305 21.95 48.34 -4.11
CA VAL A 305 21.42 49.49 -4.84
C VAL A 305 21.62 49.31 -6.34
N SER A 306 20.57 49.57 -7.13
CA SER A 306 20.70 49.53 -8.57
C SER A 306 20.05 50.75 -9.22
N VAL A 307 20.53 51.09 -10.39
CA VAL A 307 19.93 52.13 -11.22
C VAL A 307 19.52 51.47 -12.52
N SER A 308 18.26 51.65 -12.92
CA SER A 308 17.73 51.01 -14.11
C SER A 308 17.07 52.01 -15.06
N PHE A 309 17.14 51.71 -16.36
CA PHE A 309 16.69 52.63 -17.40
C PHE A 309 15.73 51.90 -18.32
N LEU A 310 14.58 52.52 -18.61
CA LEU A 310 13.63 51.94 -19.54
C LEU A 310 14.16 52.05 -20.97
N LEU A 311 14.04 50.96 -21.72
CA LEU A 311 14.59 50.87 -23.08
C LEU A 311 13.44 50.62 -24.07
N PRO A 312 13.72 50.66 -25.39
CA PRO A 312 12.61 50.50 -26.34
C PRO A 312 11.93 49.12 -26.36
N ASP A 313 10.83 49.08 -27.09
CA ASP A 313 10.01 47.90 -27.34
C ASP A 313 10.87 46.81 -27.96
N ILE A 314 10.86 45.61 -27.38
CA ILE A 314 11.71 44.53 -27.89
C ILE A 314 11.31 44.07 -29.29
N THR A 315 10.13 44.46 -29.76
CA THR A 315 9.69 44.09 -31.11
C THR A 315 10.51 44.80 -32.20
N ASP A 316 11.21 45.87 -31.84
CA ASP A 316 12.23 46.43 -32.72
C ASP A 316 13.48 45.57 -32.54
N THR A 317 13.56 44.51 -33.34
CA THR A 317 14.53 43.44 -33.11
C THR A 317 15.99 43.87 -33.23
N PHE A 318 16.32 44.69 -34.23
CA PHE A 318 17.72 45.07 -34.38
C PHE A 318 18.15 46.01 -33.26
N GLU A 319 17.24 46.89 -32.84
CA GLU A 319 17.54 47.79 -31.74
C GLU A 319 17.70 47.02 -30.44
N ALA A 320 16.91 45.98 -30.26
CA ALA A 320 17.04 45.11 -29.10
C ALA A 320 18.39 44.42 -29.12
N PHE A 321 18.76 43.88 -30.28
CA PHE A 321 20.05 43.23 -30.47
C PHE A 321 21.19 44.19 -30.16
N THR A 322 21.10 45.40 -30.70
CA THR A 322 22.12 46.42 -30.47
C THR A 322 22.27 46.74 -28.99
N LEU A 323 21.16 46.92 -28.30
CA LEU A 323 21.19 47.27 -26.88
C LEU A 323 21.64 46.12 -26.00
N SER A 324 21.37 44.88 -26.41
CA SER A 324 21.82 43.74 -25.65
C SER A 324 23.35 43.65 -25.69
N LEU A 325 23.91 43.80 -26.88
CA LEU A 325 25.37 43.83 -27.04
C LEU A 325 25.97 45.00 -26.27
N LEU A 326 25.31 46.16 -26.36
CA LEU A 326 25.79 47.36 -25.65
C LEU A 326 25.85 47.11 -24.15
N SER A 327 24.81 46.46 -23.63
CA SER A 327 24.74 46.13 -22.20
C SER A 327 25.87 45.18 -21.79
N SER A 328 26.21 44.26 -22.67
CA SER A 328 27.34 43.37 -22.42
C SER A 328 28.66 44.15 -22.40
N LEU A 329 28.84 45.05 -23.36
CA LEU A 329 30.04 45.89 -23.38
C LEU A 329 30.18 46.71 -22.09
N LEU A 330 29.05 47.12 -21.54
CA LEU A 330 29.04 47.98 -20.35
C LEU A 330 29.33 47.22 -19.06
N THR A 331 28.96 45.94 -19.01
CA THR A 331 28.96 45.23 -17.73
C THR A 331 29.70 43.89 -17.69
N SER A 332 30.12 43.38 -18.84
CA SER A 332 30.65 42.02 -18.87
C SER A 332 32.15 41.94 -18.66
N GLY A 333 32.57 41.32 -17.55
CA GLY A 333 33.97 41.08 -17.30
C GLY A 333 34.73 42.26 -16.72
N PRO A 334 35.95 42.00 -16.22
CA PRO A 334 36.80 42.98 -15.53
C PRO A 334 37.25 44.16 -16.40
N ASN A 335 37.07 44.07 -17.71
CA ASN A 335 37.43 45.20 -18.57
C ASN A 335 36.25 46.12 -18.90
N SER A 336 35.06 45.77 -18.42
CA SER A 336 33.90 46.60 -18.70
C SER A 336 33.93 47.83 -17.79
N PRO A 337 33.43 48.97 -18.30
CA PRO A 337 33.45 50.22 -17.53
C PRO A 337 32.76 50.13 -16.17
N PHE A 338 31.58 49.52 -16.10
CA PHE A 338 30.88 49.43 -14.81
C PHE A 338 31.59 48.49 -13.83
N TYR A 339 32.23 47.45 -14.33
CA TYR A 339 33.03 46.57 -13.48
C TYR A 339 34.21 47.33 -12.87
N MLY A 340 34.92 48.08 -13.70
CA MLY A 340 36.07 48.85 -13.22
CB MLY A 340 36.83 49.49 -14.39
CG MLY A 340 37.58 48.49 -15.26
CD MLY A 340 38.44 49.15 -16.32
CE MLY A 340 37.62 49.75 -17.45
NZ MLY A 340 38.47 49.96 -18.67
CH1 MLY A 340 37.65 50.64 -19.69
CH2 MLY A 340 39.56 50.89 -18.31
C MLY A 340 35.64 49.93 -12.22
O MLY A 340 36.29 50.13 -11.21
N ALA A 341 34.51 50.58 -12.49
CA ALA A 341 34.05 51.66 -11.63
C ALA A 341 33.44 51.17 -10.32
N LEU A 342 32.71 50.06 -10.37
CA LEU A 342 31.92 49.62 -9.22
C LEU A 342 32.51 48.44 -8.44
N ILE A 343 32.88 47.39 -9.15
CA ILE A 343 33.43 46.19 -8.52
C ILE A 343 34.85 46.45 -8.00
N GLU A 344 35.65 47.11 -8.82
CA GLU A 344 37.03 47.45 -8.47
C GLU A 344 37.10 48.58 -7.45
N SER A 345 36.00 49.31 -7.29
CA SER A 345 35.92 50.37 -6.29
C SER A 345 36.05 49.78 -4.90
N GLY A 346 35.62 48.52 -4.74
CA GLY A 346 35.62 47.87 -3.45
C GLY A 346 34.51 48.38 -2.56
N LEU A 347 33.50 49.00 -3.16
CA LEU A 347 32.36 49.49 -2.38
C LEU A 347 31.34 48.39 -2.10
N GLY A 348 31.36 47.34 -2.92
CA GLY A 348 30.43 46.23 -2.76
C GLY A 348 31.10 44.87 -2.91
N THR A 349 30.29 43.82 -3.03
CA THR A 349 30.81 42.47 -3.22
C THR A 349 30.62 41.98 -4.64
N ASP A 350 29.56 42.44 -5.31
CA ASP A 350 29.20 41.94 -6.64
C ASP A 350 28.15 42.86 -7.25
N PHE A 351 27.87 42.67 -8.54
CA PHE A 351 26.80 43.42 -9.20
C PHE A 351 25.47 43.13 -8.54
N SER A 352 24.54 44.09 -8.64
CA SER A 352 23.18 43.89 -8.15
C SER A 352 22.45 42.92 -9.08
N PRO A 353 21.35 42.31 -8.59
CA PRO A 353 20.63 41.34 -9.43
C PRO A 353 20.12 41.95 -10.73
N ASP A 354 20.04 41.12 -11.78
CA ASP A 354 19.53 41.52 -13.10
C ASP A 354 20.37 42.59 -13.79
N VAL A 355 21.65 42.67 -13.45
CA VAL A 355 22.57 43.57 -14.13
C VAL A 355 22.58 43.30 -15.64
N GLY A 356 22.59 44.36 -16.45
CA GLY A 356 22.67 44.19 -17.89
C GLY A 356 21.30 44.33 -18.53
N TYR A 357 21.14 43.70 -19.70
CA TYR A 357 19.93 43.81 -20.50
C TYR A 357 18.84 42.84 -20.04
N ASN A 358 17.64 43.37 -19.82
CA ASN A 358 16.48 42.55 -19.44
C ASN A 358 15.41 42.65 -20.51
N GLY A 359 15.16 41.56 -21.24
CA GLY A 359 14.30 41.59 -22.40
C GLY A 359 13.10 40.66 -22.35
N TYR A 360 12.60 40.40 -21.15
CA TYR A 360 11.42 39.55 -20.97
C TYR A 360 10.14 40.37 -21.07
N THR A 361 10.27 41.67 -20.83
CA THR A 361 9.11 42.55 -20.77
C THR A 361 8.97 43.30 -22.10
N ARG A 362 7.75 43.74 -22.41
CA ARG A 362 7.48 44.44 -23.67
C ARG A 362 8.50 45.54 -23.96
N GLU A 363 8.72 46.42 -22.97
CA GLU A 363 9.87 47.31 -23.02
C GLU A 363 11.02 46.67 -22.25
N ALA A 364 12.18 46.58 -22.89
CA ALA A 364 13.36 46.08 -22.21
C ALA A 364 13.84 47.09 -21.18
N TYR A 365 14.75 46.67 -20.31
CA TYR A 365 15.46 47.62 -19.47
C TYR A 365 16.88 47.19 -19.15
N PHE A 366 17.74 48.19 -18.93
CA PHE A 366 19.10 47.96 -18.49
C PHE A 366 19.20 48.24 -16.99
N SER A 367 19.97 47.42 -16.28
CA SER A 367 20.19 47.67 -14.86
C SER A 367 21.66 47.52 -14.49
N VAL A 368 22.10 48.32 -13.52
CA VAL A 368 23.44 48.21 -12.99
C VAL A 368 23.48 48.70 -11.55
N GLY A 369 24.39 48.15 -10.77
CA GLY A 369 24.50 48.51 -9.37
C GLY A 369 25.36 47.49 -8.62
N LEU A 370 25.27 47.50 -7.30
CA LEU A 370 26.11 46.67 -6.45
C LEU A 370 25.27 46.04 -5.34
N GLN A 371 25.71 44.89 -4.86
CA GLN A 371 25.21 44.39 -3.58
C GLN A 371 26.37 44.35 -2.59
N GLY A 372 26.07 44.11 -1.32
CA GLY A 372 27.11 44.08 -0.30
C GLY A 372 27.78 45.41 -0.05
N ILE A 373 27.03 46.50 -0.16
CA ILE A 373 27.61 47.81 0.12
C ILE A 373 27.23 48.29 1.52
N VAL A 374 28.16 48.97 2.17
CA VAL A 374 27.87 49.64 3.43
C VAL A 374 26.96 50.82 3.08
N GLU A 375 25.89 50.98 3.84
CA GLU A 375 24.84 51.94 3.53
C GLU A 375 25.36 53.36 3.36
N LYS A 376 26.52 53.64 3.95
CA LYS A 376 27.14 54.96 3.87
C LYS A 376 27.75 55.21 2.49
N ASP A 377 27.68 54.21 1.62
CA ASP A 377 28.32 54.31 0.31
C ASP A 377 27.35 54.38 -0.84
N ILE A 378 26.05 54.40 -0.53
CA ILE A 378 25.01 54.44 -1.56
C ILE A 378 25.17 55.62 -2.52
N GLU A 379 25.35 56.81 -1.97
CA GLU A 379 25.46 58.00 -2.80
C GLU A 379 26.71 57.94 -3.68
N THR A 380 27.80 57.41 -3.16
CA THR A 380 29.02 57.25 -3.95
C THR A 380 28.79 56.32 -5.14
N VAL A 381 28.08 55.21 -4.88
CA VAL A 381 27.76 54.26 -5.93
C VAL A 381 26.91 54.89 -7.02
N ARG A 382 25.89 55.64 -6.61
CA ARG A 382 25.01 56.31 -7.58
C ARG A 382 25.79 57.33 -8.41
N SER A 383 26.73 58.03 -7.78
CA SER A 383 27.57 59.00 -8.46
C SER A 383 28.51 58.34 -9.47
N LEU A 384 29.12 57.22 -9.06
CA LEU A 384 30.01 56.47 -9.96
C LEU A 384 29.28 55.97 -11.19
N ILE A 385 28.03 55.57 -11.02
CA ILE A 385 27.21 55.12 -12.13
C ILE A 385 27.02 56.26 -13.13
N ASP A 386 26.67 57.44 -12.65
CA ASP A 386 26.50 58.59 -13.53
C ASP A 386 27.82 59.03 -14.18
N ARG A 387 28.89 59.02 -13.39
CA ARG A 387 30.21 59.40 -13.92
C ARG A 387 30.66 58.44 -15.01
N THR A 388 30.37 57.15 -14.83
CA THR A 388 30.77 56.13 -15.80
C THR A 388 30.04 56.31 -17.12
N ILE A 389 28.74 56.61 -17.05
CA ILE A 389 27.93 56.86 -18.23
C ILE A 389 28.48 58.04 -19.05
N ASP A 390 28.82 59.13 -18.37
CA ASP A 390 29.37 60.32 -19.03
C ASP A 390 30.67 59.97 -19.73
N GLU A 391 31.49 59.17 -19.08
CA GLU A 391 32.80 58.80 -19.61
C GLU A 391 32.68 57.91 -20.85
N VAL A 392 31.76 56.96 -20.82
CA VAL A 392 31.50 56.09 -21.98
C VAL A 392 31.00 56.93 -23.17
N VAL A 393 30.04 57.80 -22.93
CA VAL A 393 29.57 58.74 -23.95
C VAL A 393 30.75 59.48 -24.60
N GLU A 394 31.70 59.89 -23.78
CA GLU A 394 32.84 60.67 -24.27
C GLU A 394 33.90 59.86 -24.98
N LYS A 395 34.19 58.66 -24.47
CA LYS A 395 35.33 57.89 -24.98
C LYS A 395 34.95 56.64 -25.76
N GLY A 396 33.72 56.16 -25.60
CA GLY A 396 33.28 54.96 -26.29
C GLY A 396 33.97 53.71 -25.76
N PHE A 397 34.05 52.69 -26.60
CA PHE A 397 34.60 51.40 -26.18
C PHE A 397 35.87 51.00 -26.92
N GLU A 398 36.70 50.21 -26.26
CA GLU A 398 37.90 49.66 -26.88
C GLU A 398 37.49 48.70 -28.01
N ASP A 399 38.15 48.81 -29.15
CA ASP A 399 37.76 48.03 -30.32
C ASP A 399 37.97 46.53 -30.15
N ASP A 400 39.01 46.14 -29.41
CA ASP A 400 39.29 44.72 -29.22
C ASP A 400 38.26 44.07 -28.30
N ARG A 401 37.63 44.86 -27.43
CA ARG A 401 36.53 44.34 -26.61
C ARG A 401 35.30 44.05 -27.46
N ILE A 402 35.06 44.91 -28.44
CA ILE A 402 33.95 44.70 -29.37
C ILE A 402 34.20 43.45 -30.21
N GLU A 403 35.43 43.27 -30.66
CA GLU A 403 35.79 42.04 -31.39
C GLU A 403 35.57 40.82 -30.50
N ALA A 404 35.95 40.93 -29.22
CA ALA A 404 35.78 39.82 -28.30
C ALA A 404 34.32 39.42 -28.15
N LEU A 405 33.44 40.43 -28.10
CA LEU A 405 32.00 40.18 -27.96
C LEU A 405 31.42 39.49 -29.20
N LEU A 406 31.78 39.98 -30.38
CA LEU A 406 31.34 39.37 -31.62
C LEU A 406 31.89 37.95 -31.74
N HIS A 407 33.11 37.73 -31.24
CA HIS A 407 33.69 36.40 -31.18
C HIS A 407 32.87 35.49 -30.26
N MLY A 408 32.47 36.02 -29.11
CA MLY A 408 31.66 35.29 -28.14
CB MLY A 408 31.41 36.16 -26.90
CG MLY A 408 30.50 35.52 -25.84
CD MLY A 408 30.46 36.39 -24.58
CE MLY A 408 29.50 35.83 -23.53
NZ MLY A 408 29.56 36.58 -22.23
CH1 MLY A 408 30.93 36.47 -21.72
CH2 MLY A 408 29.34 38.01 -22.54
C MLY A 408 30.33 34.85 -28.75
O MLY A 408 29.86 33.73 -28.51
N ILE A 409 29.73 35.71 -29.56
CA ILE A 409 28.48 35.38 -30.23
C ILE A 409 28.68 34.29 -31.30
N GLU A 410 29.81 34.33 -32.00
CA GLU A 410 30.14 33.29 -32.97
C GLU A 410 30.19 31.93 -32.28
N ILE A 411 30.79 31.91 -31.10
CA ILE A 411 30.89 30.65 -30.34
C ILE A 411 29.51 30.17 -29.93
N GLN A 412 28.65 31.08 -29.48
CA GLN A 412 27.28 30.72 -29.12
C GLN A 412 26.50 30.21 -30.33
N MET A 413 26.83 30.74 -31.50
CA MET A 413 26.16 30.30 -32.74
C MET A 413 26.62 28.91 -33.17
N MLZ A 414 27.92 28.62 -33.02
CA MLZ A 414 28.48 27.41 -33.56
CB MLZ A 414 29.91 27.64 -33.98
CG MLZ A 414 29.95 28.58 -35.18
CD MLZ A 414 31.31 28.51 -35.85
CE MLZ A 414 31.23 29.16 -37.22
NZ MLZ A 414 32.57 29.54 -37.67
CM MLZ A 414 32.44 30.53 -38.74
C MLZ A 414 28.39 26.24 -32.62
O MLZ A 414 28.29 25.07 -33.09
N HIS A 415 28.43 26.50 -31.32
CA HIS A 415 28.38 25.42 -30.33
C HIS A 415 27.11 24.59 -30.45
N GLN A 416 27.26 23.27 -30.49
CA GLN A 416 26.12 22.36 -30.59
C GLN A 416 25.63 21.93 -29.22
N SER A 417 24.39 22.28 -28.89
CA SER A 417 23.80 21.85 -27.62
C SER A 417 22.74 20.77 -27.86
N THR A 418 22.36 20.04 -26.81
CA THR A 418 21.36 18.99 -26.93
C THR A 418 19.95 19.51 -26.74
N SER A 419 19.84 20.78 -26.37
CA SER A 419 18.53 21.36 -26.06
C SER A 419 18.30 22.62 -26.89
N PHE A 420 18.58 22.54 -28.19
CA PHE A 420 18.44 23.69 -29.07
C PHE A 420 16.99 24.16 -29.19
N GLY A 421 16.06 23.23 -29.33
CA GLY A 421 14.66 23.57 -29.43
C GLY A 421 14.16 24.37 -28.23
N LEU A 422 14.49 23.90 -27.04
CA LEU A 422 14.12 24.61 -25.82
C LEU A 422 14.76 26.00 -25.75
N MET A 423 16.04 26.10 -26.13
CA MET A 423 16.73 27.40 -26.11
C MET A 423 16.05 28.38 -27.07
N LEU A 424 15.63 27.88 -28.22
CA LEU A 424 15.07 28.72 -29.26
C LEU A 424 13.66 29.24 -28.88
N THR A 425 12.79 28.36 -28.40
CA THR A 425 11.45 28.80 -28.02
C THR A 425 11.50 29.77 -26.84
N SER A 426 12.43 29.54 -25.91
CA SER A 426 12.57 30.42 -24.76
C SER A 426 13.11 31.79 -25.19
N TYR A 427 13.99 31.79 -26.18
CA TYR A 427 14.63 33.00 -26.69
C TYR A 427 13.67 33.91 -27.45
N ILE A 428 12.79 33.31 -28.26
CA ILE A 428 11.84 34.09 -29.05
C ILE A 428 10.55 34.43 -28.31
N ALA A 429 10.32 33.80 -27.15
CA ALA A 429 9.03 33.90 -26.47
C ALA A 429 8.51 35.33 -26.23
N SER A 430 9.32 36.18 -25.59
CA SER A 430 8.83 37.52 -25.22
C SER A 430 8.56 38.43 -26.42
N CYS A 431 9.40 38.36 -27.45
CA CYS A 431 9.22 39.15 -28.66
C CYS A 431 7.94 38.70 -29.38
N TRP A 432 7.76 37.39 -29.45
CA TRP A 432 6.60 36.80 -30.10
C TRP A 432 5.35 37.13 -29.32
N ASN A 433 5.48 37.19 -28.00
CA ASN A 433 4.36 37.49 -27.12
C ASN A 433 3.69 38.81 -27.51
N HIS A 434 4.50 39.76 -27.96
CA HIS A 434 3.99 41.08 -28.31
C HIS A 434 3.91 41.27 -29.81
N ASP A 435 3.62 40.18 -30.52
CA ASP A 435 3.36 40.21 -31.95
C ASP A 435 4.57 40.64 -32.78
N GLY A 436 5.76 40.43 -32.23
CA GLY A 436 6.98 40.64 -32.99
C GLY A 436 7.21 39.46 -33.92
N ASP A 437 8.26 39.54 -34.73
CA ASP A 437 8.53 38.47 -35.69
C ASP A 437 9.71 37.64 -35.24
N PRO A 438 9.45 36.43 -34.72
CA PRO A 438 10.48 35.56 -34.15
C PRO A 438 11.55 35.17 -35.17
N VAL A 439 11.20 35.14 -36.45
CA VAL A 439 12.17 34.76 -37.48
C VAL A 439 13.33 35.75 -37.58
N GLU A 440 13.05 37.04 -37.39
CA GLU A 440 14.10 38.04 -37.37
C GLU A 440 15.12 37.79 -36.26
N LEU A 441 14.67 37.20 -35.16
CA LEU A 441 15.55 36.87 -34.03
C LEU A 441 16.50 35.73 -34.39
N LEU A 442 16.12 34.92 -35.37
CA LEU A 442 16.93 33.77 -35.77
C LEU A 442 18.00 34.18 -36.78
N MLY A 443 17.84 35.35 -37.38
CA MLY A 443 18.76 35.80 -38.42
CB MLY A 443 18.05 36.72 -39.41
CG MLY A 443 17.00 36.04 -40.26
CD MLY A 443 16.38 37.03 -41.24
CE MLY A 443 15.25 36.42 -42.04
NZ MLY A 443 14.57 37.46 -42.87
CH1 MLY A 443 15.56 37.95 -43.85
CH2 MLY A 443 13.51 36.77 -43.63
C MLY A 443 19.94 36.52 -37.80
O MLY A 443 20.16 37.71 -38.07
N LEU A 444 20.72 35.79 -37.00
CA LEU A 444 21.88 36.36 -36.31
C LEU A 444 22.93 36.89 -37.27
N GLY A 445 23.17 36.17 -38.36
CA GLY A 445 24.15 36.57 -39.35
C GLY A 445 23.87 37.96 -39.89
N ASN A 446 22.61 38.21 -40.24
CA ASN A 446 22.17 39.53 -40.68
C ASN A 446 22.40 40.57 -39.59
N GLN A 447 21.96 40.25 -38.37
CA GLN A 447 22.09 41.19 -37.25
C GLN A 447 23.54 41.55 -36.97
N LEU A 448 24.41 40.54 -36.99
CA LEU A 448 25.84 40.79 -36.80
C LEU A 448 26.40 41.68 -37.90
N ALA A 449 26.08 41.36 -39.15
CA ALA A 449 26.58 42.13 -40.28
C ALA A 449 26.07 43.57 -40.25
N LYS A 450 24.80 43.76 -39.88
CA LYS A 450 24.27 45.11 -39.78
C LYS A 450 24.90 45.88 -38.62
N PHE A 451 25.14 45.19 -37.51
CA PHE A 451 25.82 45.79 -36.35
C PHE A 451 27.23 46.27 -36.75
N ARG A 452 27.96 45.41 -37.46
CA ARG A 452 29.29 45.75 -37.94
C ARG A 452 29.27 46.92 -38.91
N GLN A 453 28.31 46.93 -39.82
CA GLN A 453 28.17 48.00 -40.79
C GLN A 453 27.85 49.33 -40.11
N CAS A 454 27.15 49.24 -38.97
CA CAS A 454 26.74 50.40 -38.21
CB CAS A 454 25.60 50.01 -37.25
C CAS A 454 27.92 50.98 -37.47
O CAS A 454 27.95 52.20 -37.21
SG CAS A 454 24.04 49.76 -38.06
AS CAS A 454 23.29 51.85 -38.14
CE1 CAS A 454 21.41 51.92 -37.48
CE2 CAS A 454 23.35 52.52 -40.02
N LEU A 455 28.92 50.15 -37.12
CA LEU A 455 30.14 50.60 -36.49
C LEU A 455 31.09 51.24 -37.51
N GLN A 456 31.14 50.67 -38.71
CA GLN A 456 31.99 51.19 -39.77
C GLN A 456 31.50 52.55 -40.27
N GLU A 457 30.19 52.71 -40.39
CA GLU A 457 29.62 53.93 -40.95
C GLU A 457 29.53 55.09 -39.96
N ASN A 458 29.31 54.77 -38.68
CA ASN A 458 29.29 55.79 -37.64
C ASN A 458 30.22 55.41 -36.47
N PRO A 459 31.37 56.08 -36.38
CA PRO A 459 32.36 55.79 -35.33
C PRO A 459 31.88 56.21 -33.93
N LYS A 460 30.76 56.92 -33.86
CA LYS A 460 30.20 57.32 -32.57
C LYS A 460 28.84 56.67 -32.32
N PHE A 461 28.57 55.61 -33.07
CA PHE A 461 27.31 54.87 -32.98
C PHE A 461 26.94 54.45 -31.56
N LEU A 462 27.83 53.72 -30.89
CA LEU A 462 27.54 53.21 -29.55
C LEU A 462 27.47 54.33 -28.51
N GLN A 463 28.28 55.37 -28.69
CA GLN A 463 28.27 56.53 -27.78
C GLN A 463 26.94 57.25 -27.85
N GLU A 464 26.40 57.42 -29.05
CA GLU A 464 25.11 58.05 -29.25
C GLU A 464 23.99 57.24 -28.60
N MLY A 465 24.12 55.92 -28.63
CA MLY A 465 23.12 55.05 -28.01
CB MLY A 465 23.33 53.58 -28.42
CG MLY A 465 22.97 53.27 -29.87
CD MLY A 465 21.54 53.69 -30.21
CE MLY A 465 21.09 53.11 -31.54
NZ MLY A 465 20.31 54.08 -32.37
CH1 MLY A 465 19.66 53.32 -33.46
CH2 MLY A 465 19.23 54.66 -31.56
C MLY A 465 23.14 55.18 -26.49
O MLY A 465 22.09 55.26 -25.85
N VAL A 466 24.35 55.23 -25.92
CA VAL A 466 24.50 55.43 -24.49
C VAL A 466 23.97 56.79 -24.06
N LYS A 467 24.28 57.81 -24.86
CA LYS A 467 23.81 59.17 -24.58
C LYS A 467 22.28 59.23 -24.62
N GLN A 468 21.68 58.57 -25.60
CA GLN A 468 20.23 58.60 -25.77
C GLN A 468 19.47 57.79 -24.70
N TYR A 469 19.94 56.59 -24.40
CA TYR A 469 19.17 55.69 -23.53
C TYR A 469 19.58 55.73 -22.06
N PHE A 470 20.74 56.31 -21.77
CA PHE A 470 21.22 56.36 -20.39
C PHE A 470 21.32 57.79 -19.87
N LYS A 471 22.03 58.64 -20.62
CA LYS A 471 22.26 60.02 -20.16
C LYS A 471 21.00 60.88 -20.17
N ASN A 472 20.30 60.89 -21.29
CA ASN A 472 19.13 61.76 -21.44
C ASN A 472 17.78 61.10 -21.14
N ASN A 473 17.82 59.87 -20.62
CA ASN A 473 16.60 59.13 -20.36
C ASN A 473 16.09 59.38 -18.95
N GLN A 474 14.91 59.99 -18.85
CA GLN A 474 14.31 60.32 -17.55
C GLN A 474 13.62 59.12 -16.90
N HIS A 475 13.31 58.10 -17.68
CA HIS A 475 12.66 56.91 -17.11
C HIS A 475 13.72 56.04 -16.44
N LYS A 476 14.17 56.51 -15.29
CA LYS A 476 15.27 55.90 -14.57
C LYS A 476 14.85 55.59 -13.14
N LEU A 477 15.12 54.37 -12.68
CA LEU A 477 14.74 53.98 -11.33
C LEU A 477 15.97 53.67 -10.50
N THR A 478 16.05 54.29 -9.33
CA THR A 478 17.04 53.91 -8.34
C THR A 478 16.32 53.12 -7.27
N LEU A 479 16.77 51.89 -7.03
CA LEU A 479 16.14 51.02 -6.05
C LEU A 479 17.20 50.56 -5.07
N SER A 480 16.93 50.74 -3.79
CA SER A 480 17.86 50.27 -2.77
C SER A 480 17.14 49.29 -1.86
N MET A 481 17.87 48.30 -1.38
CA MET A 481 17.28 47.26 -0.53
C MET A 481 18.18 47.03 0.68
N ARG A 482 17.57 46.95 1.85
CA ARG A 482 18.28 46.84 3.12
C ARG A 482 17.66 45.70 3.90
N PRO A 483 18.48 44.85 4.52
CA PRO A 483 17.97 43.68 5.24
C PRO A 483 17.17 44.01 6.49
N ASP A 484 16.12 43.22 6.74
CA ASP A 484 15.34 43.28 7.97
C ASP A 484 15.51 41.94 8.66
N ASP A 485 16.01 41.94 9.89
CA ASP A 485 16.31 40.70 10.60
C ASP A 485 15.05 39.92 11.01
N LYS A 486 13.90 40.57 10.98
CA LYS A 486 12.63 39.91 11.29
C LYS A 486 11.70 39.94 10.08
N TYR A 487 12.29 39.91 8.89
CA TYR A 487 11.51 40.01 7.65
C TYR A 487 10.44 38.95 7.54
N HIS A 488 10.85 37.68 7.63
CA HIS A 488 9.91 36.57 7.48
C HIS A 488 8.99 36.43 8.69
N GLU A 489 9.49 36.82 9.86
CA GLU A 489 8.68 36.81 11.08
C GLU A 489 7.50 37.75 10.96
N MLY A 490 7.75 38.94 10.40
CA MLY A 490 6.70 39.92 10.13
CB MLY A 490 7.31 41.24 9.67
CG MLY A 490 7.98 42.04 10.78
CD MLY A 490 8.76 43.24 10.24
CE MLY A 490 9.49 43.96 11.36
NZ MLY A 490 10.37 45.05 10.85
CH1 MLY A 490 9.52 46.11 10.29
CH2 MLY A 490 11.09 45.60 12.00
C MLY A 490 5.72 39.40 9.09
O MLY A 490 4.52 39.66 9.17
N GLN A 491 6.24 38.64 8.13
CA GLN A 491 5.40 38.01 7.12
C GLN A 491 4.49 36.96 7.76
N ALA A 492 5.08 36.14 8.63
CA ALA A 492 4.33 35.11 9.35
C ALA A 492 3.25 35.73 10.22
N GLN A 493 3.60 36.81 10.92
CA GLN A 493 2.65 37.53 11.76
C GLN A 493 1.48 38.06 10.93
N VAL A 494 1.78 38.65 9.78
CA VAL A 494 0.76 39.10 8.85
C VAL A 494 -0.08 37.91 8.37
N GLU A 495 0.58 36.81 8.08
CA GLU A 495 -0.12 35.60 7.61
C GLU A 495 -1.03 35.04 8.70
N ALA A 496 -0.50 34.91 9.91
CA ALA A 496 -1.29 34.46 11.06
C ALA A 496 -2.49 35.38 11.27
N THR A 497 -2.29 36.66 10.96
CA THR A 497 -3.35 37.65 11.06
C THR A 497 -4.44 37.45 10.00
N MLY A 498 -4.03 37.31 8.74
CA MLY A 498 -4.96 37.11 7.65
CB MLY A 498 -4.23 37.17 6.30
CG MLY A 498 -3.50 38.47 6.05
CD MLY A 498 -4.00 39.16 4.79
CE MLY A 498 -3.32 40.52 4.59
NZ MLY A 498 -3.87 41.27 3.43
CH1 MLY A 498 -3.57 40.48 2.22
CH2 MLY A 498 -5.33 41.30 3.57
C MLY A 498 -5.70 35.78 7.79
O MLY A 498 -6.88 35.67 7.47
N LEU A 499 -4.97 34.76 8.28
CA LEU A 499 -5.57 33.46 8.58
C LEU A 499 -6.71 33.62 9.57
N LYS A 500 -6.43 34.33 10.66
CA LYS A 500 -7.41 34.54 11.72
C LYS A 500 -8.65 35.25 11.22
N GLN A 501 -8.47 36.26 10.36
CA GLN A 501 -9.59 36.99 9.79
C GLN A 501 -10.49 36.13 8.91
N MLZ A 502 -9.86 35.24 8.13
CA MLZ A 502 -10.57 34.38 7.23
CB MLZ A 502 -9.55 33.72 6.34
CG MLZ A 502 -10.20 33.14 5.08
CD MLZ A 502 -9.13 32.91 4.03
CE MLZ A 502 -8.79 34.22 3.33
NZ MLZ A 502 -9.64 34.38 2.17
CM MLZ A 502 -9.33 35.65 1.52
C MLZ A 502 -11.35 33.37 8.02
O MLZ A 502 -12.58 33.17 7.79
N VAL A 503 -10.68 32.73 8.97
CA VAL A 503 -11.29 31.70 9.81
C VAL A 503 -12.48 32.23 10.63
N GLU A 504 -12.31 33.40 11.23
CA GLU A 504 -13.38 33.99 12.04
C GLU A 504 -14.58 34.38 11.19
N ALA A 505 -14.36 34.64 9.91
CA ALA A 505 -15.42 35.02 9.00
C ALA A 505 -16.28 33.82 8.58
N LEU A 506 -15.81 32.62 8.89
CA LEU A 506 -16.48 31.40 8.46
C LEU A 506 -17.81 31.14 9.18
N SER A 507 -18.87 30.96 8.41
CA SER A 507 -20.16 30.51 8.92
C SER A 507 -20.05 29.03 9.29
N PRO A 508 -20.98 28.53 10.12
CA PRO A 508 -20.99 27.10 10.46
C PRO A 508 -21.04 26.20 9.24
N GLY A 509 -21.78 26.62 8.22
CA GLY A 509 -21.84 25.90 6.96
C GLY A 509 -20.48 25.89 6.26
N ASP A 510 -19.81 27.03 6.29
CA ASP A 510 -18.49 27.17 5.68
C ASP A 510 -17.49 26.18 6.29
N ARG A 511 -17.51 26.09 7.61
CA ARG A 511 -16.61 25.17 8.33
C ARG A 511 -16.88 23.74 7.93
N GLN A 512 -18.15 23.42 7.70
CA GLN A 512 -18.56 22.06 7.37
C GLN A 512 -18.16 21.72 5.94
N GLN A 513 -18.32 22.68 5.03
CA GLN A 513 -17.88 22.54 3.65
C GLN A 513 -16.38 22.29 3.59
N ILE A 514 -15.63 23.06 4.38
CA ILE A 514 -14.18 22.95 4.42
C ILE A 514 -13.77 21.56 4.95
N TYR A 515 -14.43 21.10 6.00
CA TYR A 515 -14.14 19.77 6.55
C TYR A 515 -14.39 18.68 5.53
N GLU A 516 -15.58 18.67 4.93
CA GLU A 516 -15.96 17.66 3.95
C GLU A 516 -15.09 17.65 2.69
N MLY A 517 -14.76 18.84 2.17
CA MLY A 517 -13.93 18.95 0.98
CB MLY A 517 -14.04 20.35 0.38
CG MLY A 517 -15.36 20.60 -0.33
CD MLY A 517 -15.61 22.07 -0.58
CE MLY A 517 -16.76 22.27 -1.57
NZ MLY A 517 -17.37 23.64 -1.54
CH1 MLY A 517 -16.36 24.64 -1.21
CH2 MLY A 517 -17.85 23.93 -2.89
C MLY A 517 -12.48 18.58 1.27
O MLY A 517 -11.79 18.03 0.41
N GLY A 518 -12.04 18.86 2.49
CA GLY A 518 -10.71 18.47 2.92
C GLY A 518 -10.59 16.95 2.94
N LEU A 519 -11.61 16.29 3.48
CA LEU A 519 -11.64 14.84 3.52
C LEU A 519 -11.72 14.27 2.12
N GLU A 520 -12.53 14.92 1.28
CA GLU A 520 -12.69 14.50 -0.10
C GLU A 520 -11.38 14.58 -0.88
N LEU A 521 -10.65 15.68 -0.70
CA LEU A 521 -9.35 15.84 -1.34
C LEU A 521 -8.35 14.78 -0.87
N ARG A 522 -8.26 14.58 0.44
CA ARG A 522 -7.38 13.56 1.01
C ARG A 522 -7.72 12.18 0.41
N SER A 523 -9.02 11.91 0.27
CA SER A 523 -9.47 10.67 -0.35
C SER A 523 -9.00 10.55 -1.81
N GLN A 524 -9.18 11.60 -2.58
N GLN A 524 -9.18 11.61 -2.58
CA GLN A 524 -8.74 11.61 -3.99
CA GLN A 524 -8.73 11.65 -3.97
C GLN A 524 -7.21 11.48 -4.12
C GLN A 524 -7.22 11.44 -4.09
N GLN A 525 -6.49 11.98 -3.11
CA GLN A 525 -5.03 11.86 -3.09
C GLN A 525 -4.56 10.46 -2.69
N SER A 526 -5.46 9.69 -2.08
CA SER A 526 -5.12 8.38 -1.52
C SER A 526 -5.54 7.21 -2.40
N MLZ A 527 -6.75 7.29 -2.93
CA MLZ A 527 -7.36 6.21 -3.67
CB MLZ A 527 -8.78 6.64 -3.95
CG MLZ A 527 -9.64 5.52 -4.54
CD MLZ A 527 -11.10 5.97 -4.54
CE MLZ A 527 -11.40 6.77 -5.80
NZ MLZ A 527 -12.51 7.68 -5.58
CM MLZ A 527 -13.73 6.93 -5.30
C MLZ A 527 -6.64 5.93 -4.94
O MLZ A 527 -6.55 6.82 -5.82
N PRO A 528 -6.11 4.70 -5.10
CA PRO A 528 -5.46 4.33 -6.36
C PRO A 528 -6.47 4.46 -7.50
N GLN A 529 -6.04 4.99 -8.64
CA GLN A 529 -6.98 5.32 -9.71
C GLN A 529 -6.58 4.68 -11.02
N ASP A 530 -7.57 4.46 -11.90
CA ASP A 530 -7.32 3.94 -13.23
C ASP A 530 -6.68 5.01 -14.12
N ALA A 531 -5.57 4.67 -14.76
CA ALA A 531 -4.88 5.60 -15.64
C ALA A 531 -4.87 5.12 -17.10
N SER A 532 -5.68 4.11 -17.39
CA SER A 532 -5.72 3.54 -18.74
C SER A 532 -6.16 4.59 -19.75
N CAS A 533 -6.42 5.81 -19.26
CA CAS A 533 -6.85 6.88 -20.12
CB CAS A 533 -7.54 7.95 -19.27
C CAS A 533 -5.64 7.33 -20.87
O CAS A 533 -5.69 7.43 -22.11
SG CAS A 533 -9.29 7.72 -19.34
AS CAS A 533 -9.77 7.94 -17.18
CE1 CAS A 533 -11.36 6.82 -16.73
CE2 CAS A 533 -10.17 9.84 -16.78
N LEU A 534 -4.54 7.60 -20.16
CA LEU A 534 -3.34 8.11 -20.80
C LEU A 534 -2.62 7.23 -21.81
N PRO A 535 -2.03 7.85 -22.84
CA PRO A 535 -1.18 7.05 -23.73
C PRO A 535 0.05 6.62 -22.96
N ALA A 536 0.80 5.68 -23.51
CA ALA A 536 2.05 5.26 -22.88
C ALA A 536 2.94 4.53 -23.85
N LEU A 537 4.25 4.73 -23.72
CA LEU A 537 5.22 3.86 -24.37
C LEU A 537 5.34 2.58 -23.54
N LYS A 538 6.04 1.59 -24.07
CA LYS A 538 6.29 0.36 -23.33
C LYS A 538 7.80 0.21 -23.15
N VAL A 539 8.20 -0.69 -22.26
CA VAL A 539 9.63 -0.94 -22.02
C VAL A 539 10.30 -1.41 -23.30
N SER A 540 9.52 -2.08 -24.16
CA SER A 540 10.04 -2.56 -25.44
C SER A 540 10.40 -1.43 -26.40
N ASP A 541 9.92 -0.23 -26.12
CA ASP A 541 10.27 0.94 -26.94
C ASP A 541 11.64 1.51 -26.57
N ILE A 542 12.24 0.98 -25.51
CA ILE A 542 13.61 1.35 -25.15
C ILE A 542 14.61 0.54 -25.98
N GLU A 543 15.63 1.22 -26.51
CA GLU A 543 16.68 0.54 -27.26
C GLU A 543 17.43 -0.43 -26.34
N PRO A 544 17.65 -1.66 -26.81
CA PRO A 544 18.35 -2.70 -26.04
C PRO A 544 19.82 -2.36 -25.83
N THR A 545 20.44 -1.70 -26.82
CA THR A 545 21.85 -1.32 -26.72
C THR A 545 22.06 0.14 -27.13
N ILE A 546 23.22 0.68 -26.80
CA ILE A 546 23.53 2.08 -27.12
C ILE A 546 24.63 2.15 -28.16
N PRO A 547 24.66 3.22 -28.98
CA PRO A 547 25.74 3.34 -29.95
C PRO A 547 27.09 3.42 -29.23
N VAL A 548 28.10 2.72 -29.74
CA VAL A 548 29.41 2.74 -29.09
C VAL A 548 30.09 4.09 -29.35
N THR A 549 30.81 4.59 -28.36
CA THR A 549 31.58 5.82 -28.51
C THR A 549 33.00 5.48 -28.95
N GLU A 550 33.43 6.03 -30.07
CA GLU A 550 34.76 5.74 -30.60
C GLU A 550 35.77 6.77 -30.11
N LEU A 551 36.82 6.30 -29.45
CA LEU A 551 37.88 7.18 -28.99
C LEU A 551 39.25 6.55 -29.10
N ASP A 552 40.27 7.39 -29.22
CA ASP A 552 41.64 6.91 -29.36
C ASP A 552 42.50 7.53 -28.26
N VAL A 553 43.10 6.67 -27.45
CA VAL A 553 43.98 7.15 -26.38
C VAL A 553 45.44 7.12 -26.82
N VAL A 554 46.09 8.28 -26.81
CA VAL A 554 47.48 8.38 -27.24
C VAL A 554 48.37 8.86 -26.10
N LEU A 555 49.35 8.04 -25.73
CA LEU A 555 50.35 8.46 -24.76
C LEU A 555 51.16 9.62 -25.35
N THR A 556 51.31 10.69 -24.58
CA THR A 556 51.83 11.96 -25.09
C THR A 556 52.82 12.56 -24.11
N ALA A 557 53.83 13.26 -24.62
CA ALA A 557 54.88 13.89 -23.81
C ALA A 557 55.45 12.88 -22.84
N GLY A 558 55.75 11.70 -23.36
CA GLY A 558 56.21 10.59 -22.52
C GLY A 558 55.10 9.59 -22.28
N ASP A 559 54.36 9.79 -21.19
CA ASP A 559 53.37 8.82 -20.74
C ASP A 559 52.07 9.46 -20.24
N ILE A 560 51.79 10.69 -20.70
CA ILE A 560 50.52 11.33 -20.37
C ILE A 560 49.46 10.89 -21.37
N PRO A 561 48.42 10.20 -20.90
CA PRO A 561 47.38 9.73 -21.82
C PRO A 561 46.48 10.88 -22.27
N VAL A 562 46.25 10.98 -23.57
CA VAL A 562 45.32 11.96 -24.13
C VAL A 562 44.24 11.22 -24.91
N GLN A 563 42.99 11.51 -24.58
CA GLN A 563 41.85 10.84 -25.18
C GLN A 563 41.27 11.69 -26.31
N TYR A 564 41.25 11.14 -27.53
CA TYR A 564 40.71 11.87 -28.66
C TYR A 564 39.37 11.30 -29.11
N CYS A 565 38.38 12.17 -29.24
CA CYS A 565 37.05 11.75 -29.63
C CYS A 565 36.56 12.64 -30.77
N ALA A 566 36.55 12.08 -31.99
CA ALA A 566 36.11 12.84 -33.15
C ALA A 566 34.61 12.97 -33.13
N GLN A 567 34.11 14.20 -33.25
CA GLN A 567 32.68 14.46 -33.18
C GLN A 567 32.28 15.62 -34.08
N PRO A 568 31.00 15.68 -34.48
CA PRO A 568 30.58 16.84 -35.28
C PRO A 568 30.37 18.06 -34.38
N THR A 569 31.47 18.72 -34.02
CA THR A 569 31.42 19.85 -33.10
C THR A 569 31.17 21.19 -33.79
N ASN A 570 31.08 21.17 -35.12
CA ASN A 570 30.83 22.37 -35.91
C ASN A 570 31.95 23.42 -35.76
N GLY A 571 33.19 22.98 -35.85
CA GLY A 571 34.33 23.89 -35.85
C GLY A 571 34.75 24.37 -34.48
N MET A 572 34.41 23.59 -33.45
CA MET A 572 34.77 23.91 -32.07
C MET A 572 35.71 22.85 -31.52
N VAL A 573 36.60 23.25 -30.62
CA VAL A 573 37.50 22.31 -29.95
C VAL A 573 37.25 22.36 -28.45
N TYR A 574 37.12 21.20 -27.81
CA TYR A 574 36.90 21.15 -26.36
C TYR A 574 38.04 20.40 -25.68
N PHE A 575 38.75 21.10 -24.81
CA PHE A 575 39.92 20.52 -24.15
C PHE A 575 39.70 20.37 -22.66
N ARG A 576 40.05 19.20 -22.13
CA ARG A 576 40.04 18.97 -20.69
C ARG A 576 41.34 18.34 -20.26
N ALA A 577 41.83 18.75 -19.09
CA ALA A 577 42.95 18.10 -18.45
C ALA A 577 42.53 17.79 -17.02
N PHE A 578 42.90 16.60 -16.53
CA PHE A 578 42.60 16.23 -15.15
C PHE A 578 43.90 15.97 -14.40
N SER A 579 44.12 16.72 -13.32
CA SER A 579 45.35 16.59 -12.55
C SER A 579 45.05 16.12 -11.13
N SER A 580 45.72 15.04 -10.72
CA SER A 580 45.48 14.42 -9.42
C SER A 580 45.82 15.31 -8.22
N LEU A 581 45.08 15.12 -7.12
CA LEU A 581 45.32 15.85 -5.89
C LEU A 581 46.05 14.99 -4.85
N ASN A 582 46.54 13.83 -5.27
CA ASN A 582 47.10 12.84 -4.33
C ASN A 582 48.35 13.27 -3.56
N THR A 583 49.14 14.17 -4.12
CA THR A 583 50.36 14.62 -3.43
C THR A 583 50.13 15.85 -2.56
N LEU A 584 48.97 16.50 -2.72
CA LEU A 584 48.65 17.72 -1.98
C LEU A 584 48.47 17.47 -0.48
N PRO A 585 49.20 18.22 0.35
CA PRO A 585 49.01 18.15 1.80
C PRO A 585 47.55 18.42 2.14
N GLU A 586 46.95 17.58 2.99
CA GLU A 586 45.51 17.63 3.22
C GLU A 586 45.02 18.94 3.82
N GLU A 587 45.92 19.67 4.49
CA GLU A 587 45.58 20.95 5.10
C GLU A 587 45.20 22.00 4.06
N LEU A 588 45.62 21.78 2.81
CA LEU A 588 45.39 22.73 1.73
C LEU A 588 44.13 22.40 0.94
N ARG A 589 43.53 21.24 1.21
CA ARG A 589 42.34 20.80 0.48
C ARG A 589 41.15 21.78 0.49
N PRO A 590 40.83 22.37 1.65
CA PRO A 590 39.69 23.30 1.63
C PRO A 590 39.92 24.56 0.78
N TYR A 591 41.17 24.85 0.43
CA TYR A 591 41.47 26.06 -0.34
C TYR A 591 41.58 25.79 -1.84
N VAL A 592 41.46 24.53 -2.20
CA VAL A 592 41.48 24.11 -3.60
C VAL A 592 40.34 24.73 -4.46
N PRO A 593 39.10 24.78 -3.92
CA PRO A 593 38.08 25.44 -4.76
C PRO A 593 38.38 26.91 -5.02
N LEU A 594 38.89 27.62 -4.02
CA LEU A 594 39.30 29.02 -4.21
C LEU A 594 40.45 29.15 -5.22
N PHE A 595 41.47 28.30 -5.05
CA PHE A 595 42.55 28.20 -6.02
C PHE A 595 41.99 28.08 -7.43
N CYS A 596 41.08 27.11 -7.62
CA CYS A 596 40.47 26.85 -8.92
C CYS A 596 39.72 28.05 -9.49
N SER A 597 39.02 28.78 -8.64
CA SER A 597 38.19 29.89 -9.11
C SER A 597 39.02 31.11 -9.53
N VAL A 598 40.20 31.27 -8.95
CA VAL A 598 41.03 32.43 -9.30
C VAL A 598 42.17 32.11 -10.26
N LEU A 599 42.45 30.82 -10.48
CA LEU A 599 43.61 30.40 -11.26
C LEU A 599 43.69 31.04 -12.65
N THR A 600 42.55 31.13 -13.33
CA THR A 600 42.51 31.69 -14.68
C THR A 600 42.16 33.16 -14.69
N LYS A 601 42.25 33.83 -13.54
CA LYS A 601 41.75 35.22 -13.43
C LYS A 601 42.70 36.22 -12.81
N LEU A 602 43.89 35.78 -12.38
CA LEU A 602 44.81 36.67 -11.67
C LEU A 602 45.92 37.22 -12.56
N GLY A 603 45.90 36.86 -13.83
CA GLY A 603 46.98 37.21 -14.75
C GLY A 603 47.94 36.04 -14.90
N CYS A 604 48.66 36.00 -16.02
CA CYS A 604 49.65 34.97 -16.26
C CYS A 604 50.82 35.52 -17.07
N GLY A 605 52.03 35.28 -16.60
CA GLY A 605 53.23 35.76 -17.27
C GLY A 605 53.21 37.27 -17.39
N LEU A 606 53.41 37.76 -18.61
CA LEU A 606 53.39 39.20 -18.84
C LEU A 606 51.97 39.72 -19.00
N LEU A 607 50.98 38.86 -18.89
CA LEU A 607 49.60 39.33 -19.03
C LEU A 607 49.01 39.60 -17.65
N ASP A 608 48.67 40.85 -17.36
CA ASP A 608 48.01 41.15 -16.09
C ASP A 608 46.56 40.65 -16.14
N TYR A 609 45.82 40.77 -15.04
CA TYR A 609 44.49 40.15 -15.00
C TYR A 609 43.54 40.73 -16.05
N ARG A 610 43.75 41.98 -16.44
CA ARG A 610 42.93 42.62 -17.45
C ARG A 610 43.31 42.16 -18.85
N GLU A 611 44.60 42.08 -19.12
CA GLU A 611 45.07 41.58 -20.40
C GLU A 611 44.67 40.12 -20.57
N GLN A 612 44.80 39.34 -19.50
CA GLN A 612 44.44 37.94 -19.54
C GLN A 612 42.95 37.74 -19.82
N ALA A 613 42.10 38.51 -19.16
CA ALA A 613 40.66 38.42 -19.39
C ALA A 613 40.31 38.71 -20.84
N GLN A 614 40.95 39.74 -21.40
CA GLN A 614 40.68 40.12 -22.80
C GLN A 614 41.09 39.01 -23.77
N GLN A 615 42.24 38.39 -23.52
CA GLN A 615 42.70 37.29 -24.37
C GLN A 615 41.78 36.08 -24.29
N ILE A 616 41.35 35.76 -23.08
CA ILE A 616 40.44 34.64 -22.86
C ILE A 616 39.09 34.88 -23.56
N GLU A 617 38.56 36.10 -23.44
CA GLU A 617 37.31 36.45 -24.09
C GLU A 617 37.44 36.49 -25.62
N LEU A 618 38.62 36.88 -26.10
CA LEU A 618 38.84 37.01 -27.54
C LEU A 618 39.14 35.67 -28.20
N MLY A 619 39.81 34.77 -27.49
CA MLY A 619 40.35 33.56 -28.09
CB MLY A 619 41.86 33.42 -27.79
CG MLY A 619 42.71 34.59 -28.25
CD MLY A 619 42.60 34.81 -29.76
CE MLY A 619 43.65 35.82 -30.24
NZ MLY A 619 43.44 36.26 -31.66
CH1 MLY A 619 44.39 37.35 -31.89
CH2 MLY A 619 43.88 35.15 -32.51
C MLY A 619 39.65 32.26 -27.68
O MLY A 619 39.82 31.23 -28.34
N THR A 620 38.90 32.30 -26.58
CA THR A 620 38.21 31.10 -26.09
C THR A 620 36.74 31.35 -25.78
N GLY A 621 35.98 30.28 -25.57
CA GLY A 621 34.64 30.39 -25.06
C GLY A 621 34.64 30.34 -23.54
N GLY A 622 35.82 30.29 -22.97
CA GLY A 622 35.97 30.21 -21.53
C GLY A 622 37.06 29.23 -21.12
N MET A 623 37.67 29.50 -19.98
CA MET A 623 38.71 28.64 -19.44
C MET A 623 38.46 28.53 -17.94
N SER A 624 38.31 27.30 -17.45
CA SER A 624 37.97 27.14 -16.04
C SER A 624 38.65 25.94 -15.40
N ALA A 625 38.81 26.02 -14.08
CA ALA A 625 39.28 24.89 -13.30
C ALA A 625 38.28 24.62 -12.19
N SER A 626 38.05 23.35 -11.88
CA SER A 626 37.12 22.98 -10.82
C SER A 626 37.55 21.67 -10.15
N PRO A 627 37.42 21.59 -8.81
CA PRO A 627 37.81 20.38 -8.10
C PRO A 627 36.74 19.30 -8.22
N HIS A 628 37.17 18.05 -8.35
CA HIS A 628 36.22 16.94 -8.45
C HIS A 628 36.61 15.77 -7.55
N VAL A 629 35.59 15.07 -7.06
CA VAL A 629 35.77 13.82 -6.35
C VAL A 629 35.01 12.79 -7.14
N LEU A 630 35.72 11.83 -7.72
CA LEU A 630 35.11 10.85 -8.59
C LEU A 630 35.08 9.48 -7.91
N PRO A 631 33.90 9.04 -7.48
CA PRO A 631 33.76 7.76 -6.78
C PRO A 631 34.12 6.57 -7.67
N ASP A 632 34.76 5.57 -7.08
CA ASP A 632 35.07 4.33 -7.78
C ASP A 632 33.78 3.58 -8.10
N ASP A 633 33.80 2.78 -9.16
CA ASP A 633 32.59 2.08 -9.60
C ASP A 633 32.31 0.79 -8.84
N SER A 634 33.28 0.32 -8.05
CA SER A 634 33.16 -1.01 -7.44
C SER A 634 33.42 -1.04 -5.94
N HIS A 635 33.88 0.07 -5.37
N HIS A 635 33.90 0.06 -5.38
CA HIS A 635 34.22 0.12 -3.96
CA HIS A 635 34.21 0.12 -3.96
C HIS A 635 33.79 1.45 -3.33
C HIS A 635 33.78 1.45 -3.34
N MET A 636 32.93 1.37 -2.32
CA MET A 636 32.37 2.56 -1.68
C MET A 636 33.39 3.49 -1.04
N ASP A 637 34.51 2.92 -0.59
CA ASP A 637 35.50 3.71 0.14
C ASP A 637 36.76 3.97 -0.68
N THR A 638 36.59 3.99 -2.00
CA THR A 638 37.66 4.32 -2.92
C THR A 638 37.20 5.45 -3.83
N TYR A 639 38.07 6.42 -4.09
CA TYR A 639 37.69 7.55 -4.93
C TYR A 639 38.90 8.15 -5.64
N GLU A 640 38.63 8.93 -6.69
CA GLU A 640 39.67 9.71 -7.32
C GLU A 640 39.42 11.19 -7.02
N GLN A 641 40.49 11.91 -6.72
CA GLN A 641 40.41 13.32 -6.39
C GLN A 641 41.36 14.09 -7.30
N GLY A 642 40.89 15.21 -7.83
CA GLY A 642 41.73 16.03 -8.69
C GLY A 642 41.04 17.28 -9.15
N VAL A 643 41.75 18.05 -9.99
CA VAL A 643 41.21 19.27 -10.56
C VAL A 643 40.99 19.07 -12.05
N LEU A 644 39.80 19.43 -12.51
CA LEU A 644 39.47 19.37 -13.92
C LEU A 644 39.66 20.74 -14.56
N PHE A 645 40.51 20.79 -15.58
CA PHE A 645 40.73 22.01 -16.34
C PHE A 645 39.96 21.88 -17.63
N SER A 646 39.13 22.88 -17.94
N SER A 646 39.14 22.88 -17.95
CA SER A 646 38.23 22.79 -19.08
CA SER A 646 38.23 22.79 -19.08
C SER A 646 38.26 24.08 -19.89
C SER A 646 38.22 24.08 -19.89
N SER A 647 38.22 23.94 -21.22
CA SER A 647 38.19 25.09 -22.10
C SER A 647 37.62 24.72 -23.46
N LEU A 648 37.21 25.73 -24.22
CA LEU A 648 36.67 25.53 -25.56
C LEU A 648 37.04 26.72 -26.43
N CYS A 649 37.14 26.50 -27.73
CA CYS A 649 37.47 27.57 -28.67
C CYS A 649 37.14 27.18 -30.10
N LEU A 650 37.11 28.18 -30.98
CA LEU A 650 36.99 27.94 -32.41
C LEU A 650 38.28 27.29 -32.90
N ASP A 651 38.17 26.48 -33.95
CA ASP A 651 39.33 25.81 -34.55
C ASP A 651 40.55 26.71 -34.69
N ARG A 652 40.38 27.84 -35.36
CA ARG A 652 41.48 28.75 -35.67
C ARG A 652 42.18 29.33 -34.43
N ASN A 653 41.51 29.28 -33.28
CA ASN A 653 42.07 29.87 -32.05
C ASN A 653 42.67 28.84 -31.11
N LEU A 654 42.73 27.59 -31.54
CA LEU A 654 43.30 26.51 -30.72
C LEU A 654 44.73 26.76 -30.22
N PRO A 655 45.65 27.20 -31.11
CA PRO A 655 47.01 27.45 -30.59
C PRO A 655 47.05 28.53 -29.52
N ASP A 656 46.25 29.59 -29.68
CA ASP A 656 46.17 30.65 -28.67
C ASP A 656 45.63 30.13 -27.35
N MET A 657 44.65 29.24 -27.43
CA MET A 657 44.07 28.65 -26.22
C MET A 657 45.12 27.87 -25.44
N MET A 658 45.89 27.03 -26.14
CA MET A 658 46.93 26.23 -25.49
C MET A 658 48.09 27.08 -24.98
N GLN A 659 48.41 28.18 -25.69
CA GLN A 659 49.38 29.14 -25.18
C GLN A 659 48.91 29.68 -23.83
N LEU A 660 47.63 29.96 -23.72
CA LEU A 660 47.07 30.47 -22.47
C LEU A 660 47.19 29.42 -21.37
N TRP A 661 46.81 28.18 -21.67
CA TRP A 661 46.94 27.11 -20.68
C TRP A 661 48.39 26.96 -20.24
N SER A 662 49.31 27.06 -21.19
CA SER A 662 50.73 26.92 -20.85
C SER A 662 51.18 27.99 -19.85
N GLU A 663 50.79 29.23 -20.09
CA GLU A 663 51.16 30.31 -19.17
C GLU A 663 50.47 30.19 -17.82
N ILE A 664 49.21 29.79 -17.83
CA ILE A 664 48.45 29.61 -16.59
C ILE A 664 49.07 28.52 -15.73
N PHE A 665 49.53 27.44 -16.36
CA PHE A 665 50.22 26.38 -15.65
C PHE A 665 51.62 26.77 -15.19
N ASN A 666 52.31 27.58 -15.97
CA ASN A 666 53.70 27.92 -15.66
C ASN A 666 53.93 29.22 -14.87
N ASN A 667 53.18 30.26 -15.18
CA ASN A 667 53.39 31.55 -14.53
C ASN A 667 52.13 32.31 -14.07
N PRO A 668 51.28 31.67 -13.26
CA PRO A 668 50.05 32.35 -12.82
C PRO A 668 50.32 33.51 -11.87
N CAS A 669 49.54 34.59 -11.93
CA CAS A 669 49.89 35.76 -11.15
CB CAS A 669 49.57 37.03 -11.93
C CAS A 669 49.32 35.72 -9.76
O CAS A 669 48.25 36.29 -9.48
SG CAS A 669 50.83 37.24 -13.15
AS CAS A 669 52.65 37.33 -11.86
CE1 CAS A 669 54.21 36.56 -12.85
CE2 CAS A 669 53.03 39.23 -11.40
N PHE A 670 50.05 35.03 -8.88
CA PHE A 670 49.70 34.89 -7.46
C PHE A 670 50.12 36.07 -6.56
N GLU A 671 50.70 37.11 -7.17
CA GLU A 671 51.04 38.33 -6.46
C GLU A 671 49.93 39.37 -6.58
N GLU A 672 48.95 39.08 -7.42
CA GLU A 672 47.84 39.99 -7.68
C GLU A 672 46.88 39.98 -6.49
N GLU A 673 47.24 40.73 -5.44
CA GLU A 673 46.48 40.73 -4.19
C GLU A 673 45.16 41.49 -4.29
N GLU A 674 45.19 42.61 -5.01
CA GLU A 674 44.01 43.46 -5.16
C GLU A 674 42.86 42.73 -5.86
N HIS A 675 43.13 42.20 -7.04
CA HIS A 675 42.09 41.53 -7.78
C HIS A 675 41.65 40.24 -7.09
N PHE A 676 42.58 39.61 -6.37
CA PHE A 676 42.26 38.41 -5.60
C PHE A 676 41.15 38.68 -4.58
N MLY A 677 41.25 39.81 -3.88
CA MLY A 677 40.24 40.21 -2.89
CB MLY A 677 40.69 41.48 -2.16
CG MLY A 677 41.83 41.27 -1.19
CD MLY A 677 42.59 42.55 -0.93
CE MLY A 677 41.77 43.58 -0.16
NZ MLY A 677 42.38 44.95 -0.19
CH1 MLY A 677 41.78 45.70 0.92
CH2 MLY A 677 43.81 44.82 0.11
C MLY A 677 38.88 40.44 -3.52
O MLY A 677 37.85 40.05 -2.97
N VAL A 678 38.87 41.07 -4.69
CA VAL A 678 37.64 41.25 -5.45
C VAL A 678 36.99 39.90 -5.79
N LEU A 679 37.80 38.97 -6.30
CA LEU A 679 37.28 37.66 -6.70
C LEU A 679 36.73 36.88 -5.53
N VAL A 680 37.45 36.91 -4.41
CA VAL A 680 37.03 36.24 -3.19
C VAL A 680 35.66 36.74 -2.71
N MLY A 681 35.50 38.05 -2.65
CA MLY A 681 34.25 38.65 -2.20
CB MLY A 681 34.41 40.16 -1.96
CG MLY A 681 35.24 40.51 -0.73
CD MLY A 681 35.32 42.02 -0.53
CE MLY A 681 36.10 42.70 -1.65
NZ MLY A 681 36.55 44.07 -1.28
CH1 MLY A 681 37.29 44.60 -2.43
CH2 MLY A 681 35.36 44.90 -1.10
C MLY A 681 33.09 38.38 -3.15
O MLY A 681 31.96 38.18 -2.71
N MET A 682 33.35 38.38 -4.46
CA MET A 682 32.34 38.01 -5.45
C MET A 682 31.89 36.56 -5.24
N THR A 683 32.86 35.67 -5.13
CA THR A 683 32.58 34.24 -4.97
C THR A 683 31.78 33.97 -3.70
N ALA A 684 32.21 34.56 -2.60
CA ALA A 684 31.52 34.38 -1.33
C ALA A 684 30.08 34.89 -1.40
N GLN A 685 29.89 36.05 -2.02
CA GLN A 685 28.55 36.62 -2.19
C GLN A 685 27.66 35.68 -3.00
N GLU A 686 28.19 35.21 -4.13
CA GLU A 686 27.42 34.33 -5.00
C GLU A 686 27.09 33.01 -4.33
N LEU A 687 28.04 32.45 -3.58
CA LEU A 687 27.77 31.19 -2.90
C LEU A 687 26.68 31.37 -1.85
N ALA A 688 26.74 32.45 -1.10
CA ALA A 688 25.72 32.71 -0.08
C ALA A 688 24.35 32.92 -0.71
N ASN A 689 24.28 33.72 -1.77
CA ASN A 689 23.01 33.97 -2.45
C ASN A 689 22.32 32.71 -2.99
N GLY A 690 23.11 31.71 -3.37
CA GLY A 690 22.57 30.54 -4.03
C GLY A 690 22.07 29.43 -3.10
N ILE A 691 22.20 29.63 -1.80
CA ILE A 691 21.80 28.61 -0.82
C ILE A 691 20.33 28.16 -0.90
N PRO A 692 19.36 29.11 -0.82
CA PRO A 692 17.96 28.67 -0.87
C PRO A 692 17.62 27.91 -2.16
N ASP A 693 18.07 28.40 -3.30
CA ASP A 693 17.75 27.74 -4.57
C ASP A 693 18.27 26.30 -4.63
N SER A 694 19.38 26.04 -3.94
CA SER A 694 19.98 24.71 -3.91
C SER A 694 19.94 24.09 -2.52
N GLY A 695 18.97 24.49 -1.72
CA GLY A 695 18.88 24.07 -0.33
C GLY A 695 18.90 22.57 -0.12
N HIS A 696 18.16 21.84 -0.95
CA HIS A 696 18.13 20.39 -0.87
C HIS A 696 19.48 19.77 -1.21
N LEU A 697 20.24 20.41 -2.09
CA LEU A 697 21.57 19.91 -2.44
C LEU A 697 22.54 20.06 -1.28
N TYR A 698 22.49 21.22 -0.62
CA TYR A 698 23.33 21.46 0.55
C TYR A 698 22.95 20.52 1.69
N ALA A 699 21.66 20.23 1.81
CA ALA A 699 21.22 19.29 2.84
C ALA A 699 21.77 17.91 2.58
N SER A 700 21.68 17.45 1.33
CA SER A 700 22.09 16.08 1.00
C SER A 700 23.60 15.92 1.05
N ILE A 701 24.34 16.93 0.61
CA ILE A 701 25.79 16.95 0.72
C ILE A 701 26.23 16.82 2.19
N ARG A 702 25.55 17.56 3.08
CA ARG A 702 25.87 17.42 4.50
C ARG A 702 25.48 16.03 5.01
N ALA A 703 24.29 15.57 4.64
CA ALA A 703 23.81 14.27 5.12
C ALA A 703 24.72 13.13 4.69
N GLY A 704 25.31 13.24 3.51
CA GLY A 704 26.15 12.18 2.97
C GLY A 704 27.59 12.24 3.43
N ARG A 705 27.99 13.33 4.09
CA ARG A 705 29.40 13.58 4.34
C ARG A 705 30.06 12.61 5.32
N THR A 706 29.25 11.88 6.09
CA THR A 706 29.83 10.95 7.07
C THR A 706 29.63 9.51 6.62
N LEU A 707 29.19 9.34 5.37
CA LEU A 707 28.84 8.02 4.84
C LEU A 707 29.91 7.35 4.02
N THR A 708 30.75 8.15 3.35
CA THR A 708 31.86 7.66 2.54
C THR A 708 32.98 8.69 2.59
N PRO A 709 34.22 8.26 2.29
CA PRO A 709 35.34 9.21 2.22
C PRO A 709 35.11 10.29 1.15
N ALA A 710 34.54 9.88 0.02
CA ALA A 710 34.25 10.83 -1.05
C ALA A 710 33.25 11.89 -0.56
N GLY A 711 32.24 11.45 0.18
CA GLY A 711 31.24 12.34 0.70
C GLY A 711 31.81 13.41 1.60
N ASP A 712 32.78 13.03 2.42
CA ASP A 712 33.43 13.97 3.33
C ASP A 712 34.15 15.03 2.51
N LEU A 713 34.83 14.60 1.45
CA LEU A 713 35.59 15.52 0.62
C LEU A 713 34.66 16.49 -0.15
N GLN A 714 33.52 15.98 -0.61
CA GLN A 714 32.56 16.79 -1.35
C GLN A 714 32.01 17.94 -0.49
N GLU A 715 31.71 17.64 0.78
CA GLU A 715 31.30 18.69 1.71
C GLU A 715 32.37 19.77 1.78
N THR A 716 33.63 19.36 1.86
CA THR A 716 34.74 20.29 1.95
C THR A 716 34.85 21.15 0.70
N PHE A 717 34.59 20.55 -0.46
CA PHE A 717 34.74 21.25 -1.73
C PHE A 717 33.56 22.15 -2.08
N SER A 718 32.34 21.72 -1.76
CA SER A 718 31.15 22.41 -2.25
C SER A 718 29.96 22.42 -1.29
N GLY A 719 30.19 22.00 -0.05
CA GLY A 719 29.12 21.96 0.93
C GLY A 719 29.03 23.27 1.69
N MET A 720 28.19 23.30 2.72
CA MET A 720 28.06 24.49 3.56
C MET A 720 29.39 24.87 4.20
N ASP A 721 30.26 23.89 4.42
CA ASP A 721 31.59 24.19 4.97
C ASP A 721 32.35 25.12 4.04
N GLN A 722 32.22 24.89 2.74
CA GLN A 722 32.94 25.70 1.76
C GLN A 722 32.34 27.09 1.65
N VAL A 723 31.01 27.17 1.70
CA VAL A 723 30.34 28.46 1.70
C VAL A 723 30.80 29.29 2.90
N ARG A 724 30.82 28.67 4.08
CA ARG A 724 31.25 29.37 5.30
C ARG A 724 32.73 29.75 5.29
N LEU A 725 33.58 28.89 4.75
CA LEU A 725 34.99 29.21 4.61
C LEU A 725 35.20 30.42 3.70
N MET A 726 34.53 30.44 2.55
CA MET A 726 34.65 31.58 1.63
C MET A 726 34.21 32.88 2.30
N MLY A 727 33.12 32.83 3.05
CA MLY A 727 32.58 33.98 3.76
CB MLY A 727 31.24 33.62 4.40
CG MLY A 727 30.32 34.80 4.69
CD MLY A 727 29.83 35.46 3.39
CE MLY A 727 28.65 36.39 3.67
NZ MLY A 727 28.59 37.58 2.76
CH1 MLY A 727 29.87 38.27 2.83
CH2 MLY A 727 28.43 37.09 1.39
C MLY A 727 33.57 34.49 4.82
O MLY A 727 33.74 35.71 4.98
N ARG A 728 34.22 33.56 5.52
CA ARG A 728 35.30 33.92 6.44
C ARG A 728 36.39 34.68 5.70
N ILE A 729 36.91 34.06 4.64
CA ILE A 729 38.01 34.61 3.85
C ILE A 729 37.68 35.99 3.28
N ALA A 730 36.43 36.18 2.87
CA ALA A 730 35.97 37.47 2.33
C ALA A 730 35.95 38.57 3.38
N GLU A 731 35.97 38.20 4.66
CA GLU A 731 35.89 39.18 5.75
C GLU A 731 37.27 39.50 6.35
N MET A 732 38.30 38.82 5.87
CA MET A 732 39.64 39.00 6.42
C MET A 732 40.22 40.36 6.07
N THR A 733 40.81 41.02 7.08
CA THR A 733 41.47 42.30 6.90
C THR A 733 42.79 42.14 6.13
N ASP A 734 43.51 41.06 6.42
CA ASP A 734 44.73 40.71 5.70
C ASP A 734 44.55 39.34 5.02
N ILE A 735 44.46 39.35 3.69
CA ILE A 735 44.24 38.12 2.93
C ILE A 735 45.53 37.42 2.52
N MLY A 736 46.67 38.03 2.88
CA MLY A 736 47.99 37.48 2.53
CB MLY A 736 49.10 38.42 3.02
CG MLY A 736 49.26 39.67 2.16
CD MLY A 736 50.29 40.63 2.75
CE MLY A 736 50.56 41.80 1.82
NZ MLY A 736 50.20 43.14 2.39
CH1 MLY A 736 50.17 44.07 1.26
CH2 MLY A 736 48.83 43.07 2.91
C MLY A 736 48.28 36.03 2.95
O MLY A 736 48.85 35.27 2.15
N PRO A 737 47.89 35.62 4.17
CA PRO A 737 48.14 34.22 4.55
C PRO A 737 47.38 33.22 3.68
N ILE A 738 46.23 33.63 3.14
CA ILE A 738 45.49 32.78 2.21
C ILE A 738 46.20 32.75 0.85
N LEU A 739 46.54 33.93 0.37
CA LEU A 739 47.15 34.09 -0.95
C LEU A 739 48.44 33.27 -1.08
N ARG A 740 49.16 33.11 0.03
CA ARG A 740 50.42 32.37 0.04
C ARG A 740 50.23 30.85 -0.03
N MLY A 741 49.00 30.38 0.15
CA MLY A 741 48.72 28.96 0.02
CB MLY A 741 47.42 28.60 0.73
CG MLY A 741 47.42 28.88 2.23
CD MLY A 741 46.11 28.43 2.87
CE MLY A 741 46.14 28.59 4.38
NZ MLY A 741 47.20 27.77 5.03
CH1 MLY A 741 47.07 27.98 6.48
CH2 MLY A 741 46.86 26.36 4.80
C MLY A 741 48.64 28.56 -1.44
O MLY A 741 48.88 27.40 -1.80
N LEU A 742 48.32 29.52 -2.30
CA LEU A 742 48.15 29.28 -3.73
C LEU A 742 49.40 28.72 -4.42
N PRO A 743 50.59 29.31 -4.17
CA PRO A 743 51.78 28.71 -4.78
C PRO A 743 52.03 27.28 -4.26
N ARG A 744 51.69 27.01 -3.01
CA ARG A 744 51.85 25.67 -2.45
C ARG A 744 50.98 24.66 -3.19
N ILE A 745 49.76 25.09 -3.54
CA ILE A 745 48.84 24.25 -4.30
C ILE A 745 49.30 24.07 -5.74
N MLZ A 746 49.78 25.15 -6.35
CA MLZ A 746 50.25 25.12 -7.71
CB MLZ A 746 50.82 26.48 -8.11
CG MLZ A 746 51.81 26.30 -9.27
CD MLZ A 746 52.52 27.58 -9.61
CE MLZ A 746 53.13 27.49 -11.01
NZ MLZ A 746 54.35 26.70 -11.02
CM MLZ A 746 55.37 27.37 -10.22
C MLZ A 746 51.29 24.04 -7.86
O MLZ A 746 51.29 23.28 -8.86
N LYS A 747 52.17 23.95 -6.87
CA LYS A 747 53.29 23.01 -6.92
C LYS A 747 52.87 21.55 -7.07
N HIS A 748 51.76 21.18 -6.44
CA HIS A 748 51.31 19.78 -6.45
C HIS A 748 50.29 19.47 -7.53
N LEU A 749 49.96 20.45 -8.35
CA LEU A 749 48.80 20.35 -9.23
C LEU A 749 49.11 20.77 -10.66
N LEU A 750 49.82 21.89 -10.81
CA LEU A 750 50.09 22.43 -12.14
C LEU A 750 51.36 21.84 -12.75
N ASN A 751 51.31 20.54 -13.06
CA ASN A 751 52.43 19.86 -13.70
C ASN A 751 51.91 18.63 -14.43
N GLY A 752 52.81 17.87 -15.04
CA GLY A 752 52.41 16.71 -15.81
C GLY A 752 52.63 15.39 -15.11
N ASP A 753 52.84 15.43 -13.79
CA ASP A 753 53.20 14.24 -13.03
C ASP A 753 52.07 13.22 -12.87
N ASN A 754 50.84 13.71 -12.83
N ASN A 754 50.84 13.71 -12.81
CA ASN A 754 49.66 12.87 -12.63
CA ASN A 754 49.67 12.84 -12.64
C ASN A 754 48.47 13.40 -13.41
C ASN A 754 48.48 13.39 -13.42
N MET A 755 48.54 13.30 -14.74
CA MET A 755 47.60 13.97 -15.61
C MET A 755 47.08 13.08 -16.72
N ARG A 756 45.82 13.30 -17.11
CA ARG A 756 45.30 12.79 -18.36
C ARG A 756 44.49 13.91 -19.02
N CYS A 757 44.40 13.89 -20.35
CA CYS A 757 43.66 14.93 -21.06
C CYS A 757 42.65 14.34 -22.02
N SER A 758 41.74 15.18 -22.50
CA SER A 758 40.78 14.75 -23.50
C SER A 758 40.59 15.84 -24.54
N VAL A 759 40.33 15.43 -25.78
CA VAL A 759 40.05 16.36 -26.85
C VAL A 759 38.81 15.94 -27.61
N ASN A 760 37.87 16.86 -27.77
CA ASN A 760 36.72 16.64 -28.64
C ASN A 760 36.74 17.66 -29.76
N ALA A 761 36.80 17.19 -31.00
CA ALA A 761 36.84 18.06 -32.16
C ALA A 761 36.43 17.28 -33.40
N THR A 762 36.27 17.99 -34.52
CA THR A 762 35.96 17.35 -35.80
C THR A 762 37.16 16.51 -36.22
N PRO A 763 36.93 15.44 -37.00
CA PRO A 763 38.05 14.61 -37.43
C PRO A 763 39.08 15.36 -38.27
N GLN A 764 38.66 16.41 -38.97
CA GLN A 764 39.59 17.20 -39.78
C GLN A 764 40.43 18.18 -38.96
N GLN A 765 39.98 18.50 -37.75
CA GLN A 765 40.70 19.40 -36.87
C GLN A 765 41.65 18.62 -35.95
N MET A 766 41.38 17.33 -35.78
CA MET A 766 42.19 16.47 -34.91
C MET A 766 43.72 16.57 -35.04
N PRO A 767 44.27 16.53 -36.27
CA PRO A 767 45.73 16.54 -36.37
C PRO A 767 46.41 17.78 -35.78
N GLN A 768 45.92 18.99 -36.06
CA GLN A 768 46.49 20.18 -35.44
C GLN A 768 46.38 20.11 -33.92
N THR A 769 45.25 19.59 -33.45
CA THR A 769 45.00 19.55 -32.01
C THR A 769 46.00 18.68 -31.27
N GLU A 770 46.32 17.52 -31.83
CA GLU A 770 47.29 16.62 -31.21
C GLU A 770 48.63 17.31 -31.00
N MLY A 771 49.04 18.12 -31.97
CA MLY A 771 50.30 18.87 -31.88
CB MLY A 771 50.68 19.44 -33.25
CG MLY A 771 51.60 20.66 -33.21
CD MLY A 771 53.03 20.33 -32.78
CE MLY A 771 54.06 20.73 -33.83
NZ MLY A 771 54.84 21.98 -33.59
CH1 MLY A 771 53.94 23.13 -33.37
CH2 MLY A 771 55.65 21.80 -32.37
C MLY A 771 50.23 19.98 -30.83
O MLY A 771 51.13 20.13 -30.00
N ALA A 772 49.15 20.75 -30.86
CA ALA A 772 48.96 21.82 -29.89
C ALA A 772 48.91 21.27 -28.46
N VAL A 773 48.27 20.12 -28.29
CA VAL A 773 48.17 19.48 -26.98
C VAL A 773 49.52 18.95 -26.51
N GLU A 774 50.26 18.30 -27.42
CA GLU A 774 51.59 17.78 -27.10
C GLU A 774 52.54 18.89 -26.66
N ASP A 775 52.47 20.02 -27.34
CA ASP A 775 53.32 21.16 -27.01
C ASP A 775 53.00 21.70 -25.62
N PHE A 776 51.71 21.77 -25.31
CA PHE A 776 51.29 22.21 -23.98
C PHE A 776 51.87 21.28 -22.92
N LEU A 777 51.70 19.98 -23.12
CA LEU A 777 52.18 18.99 -22.15
C LEU A 777 53.70 19.01 -21.99
N ARG A 778 54.42 19.24 -23.08
CA ARG A 778 55.88 19.35 -22.98
C ARG A 778 56.30 20.64 -22.31
N SER A 779 55.43 21.65 -22.36
CA SER A 779 55.76 22.96 -21.80
C SER A 779 55.56 23.03 -20.30
N ILE A 780 54.87 22.06 -19.71
CA ILE A 780 54.64 22.10 -18.26
C ILE A 780 55.62 21.22 -17.49
N GLY A 781 55.75 21.48 -16.19
CA GLY A 781 56.72 20.80 -15.36
C GLY A 781 56.54 19.31 -15.20
N ARG A 782 57.66 18.61 -14.96
CA ARG A 782 57.66 17.17 -14.71
C ARG A 782 58.55 16.83 -13.51
N SER A 783 58.23 15.72 -12.85
CA SER A 783 59.09 15.14 -11.82
C SER A 783 59.33 16.07 -10.63
N ARG A 788 55.08 11.24 -4.34
CA ARG A 788 54.61 10.28 -3.35
C ARG A 788 53.32 10.78 -2.69
N PRO A 789 52.23 10.00 -2.84
CA PRO A 789 50.88 10.29 -2.32
C PRO A 789 50.81 10.39 -0.80
N VAL A 790 50.11 11.40 -0.30
CA VAL A 790 50.00 11.65 1.14
C VAL A 790 49.17 10.58 1.86
N ARG A 791 48.44 9.78 1.10
CA ARG A 791 47.70 8.65 1.65
C ARG A 791 48.50 7.36 1.45
N PRO A 792 48.53 6.50 2.48
CA PRO A 792 49.34 5.27 2.42
C PRO A 792 48.75 4.25 1.46
N HIS A 793 47.44 4.31 1.23
CA HIS A 793 46.78 3.34 0.37
C HIS A 793 46.25 3.97 -0.92
N THR A 794 47.09 3.93 -1.95
CA THR A 794 46.71 4.34 -3.29
C THR A 794 46.73 3.09 -4.17
N VAL A 795 45.76 2.99 -5.08
CA VAL A 795 45.64 1.81 -5.92
C VAL A 795 45.57 2.19 -7.39
N GLU A 796 46.23 1.41 -8.23
CA GLU A 796 46.18 1.61 -9.67
C GLU A 796 44.98 0.88 -10.25
N LYS A 797 44.00 1.65 -10.72
CA LYS A 797 42.84 1.08 -11.38
C LYS A 797 42.95 1.30 -12.89
N PRO A 798 43.28 0.24 -13.63
CA PRO A 798 43.39 0.32 -15.09
C PRO A 798 42.05 0.62 -15.76
N VAL A 799 42.10 1.23 -16.94
CA VAL A 799 40.91 1.57 -17.71
C VAL A 799 40.97 0.88 -19.08
N PRO A 800 39.86 0.26 -19.52
CA PRO A 800 38.57 0.11 -18.85
C PRO A 800 38.61 -0.90 -17.71
N VAL A 815 45.23 4.13 -19.90
CA VAL A 815 44.97 5.06 -18.81
C VAL A 815 44.89 4.34 -17.47
N ILE A 816 45.96 4.43 -16.67
CA ILE A 816 45.90 3.95 -15.30
C ILE A 816 45.54 5.12 -14.40
N ARG A 817 44.45 4.98 -13.64
CA ARG A 817 44.05 6.02 -12.71
C ARG A 817 44.55 5.68 -11.32
N LYS A 818 45.09 6.69 -10.63
CA LYS A 818 45.60 6.49 -9.27
C LYS A 818 44.57 6.96 -8.24
N LEU A 819 43.93 6.00 -7.59
CA LEU A 819 42.84 6.32 -6.69
C LEU A 819 43.24 6.18 -5.23
N VAL A 820 42.52 6.89 -4.38
CA VAL A 820 42.71 6.80 -2.94
C VAL A 820 41.73 5.77 -2.43
N MET A 821 42.20 4.81 -1.62
CA MET A 821 41.27 3.96 -0.92
C MET A 821 41.49 4.05 0.58
N GLU A 822 40.38 4.16 1.33
CA GLU A 822 40.45 4.25 2.78
C GLU A 822 39.83 3.01 3.37
N PRO A 823 40.62 1.93 3.46
CA PRO A 823 40.13 0.59 3.81
C PRO A 823 39.67 0.50 5.27
N THR A 824 40.04 1.49 6.08
CA THR A 824 39.63 1.51 7.47
C THR A 824 38.56 2.56 7.74
N PHE A 825 38.00 3.14 6.68
CA PHE A 825 36.90 4.08 6.85
C PHE A 825 35.70 3.38 7.45
N LYS A 826 35.06 4.02 8.43
CA LYS A 826 33.83 3.49 8.99
C LYS A 826 32.76 4.57 8.99
N PRO A 827 31.65 4.32 8.29
CA PRO A 827 30.60 5.35 8.25
C PRO A 827 29.94 5.52 9.62
N TRP A 828 29.40 6.71 9.87
CA TRP A 828 28.66 6.94 11.11
C TRP A 828 27.50 7.88 10.84
N GLN A 829 26.54 7.89 11.76
CA GLN A 829 25.32 8.66 11.57
C GLN A 829 25.45 10.05 12.19
N MET A 830 24.94 11.06 11.48
CA MET A 830 24.88 12.42 12.02
C MET A 830 23.56 13.06 11.60
N MLY A 831 23.04 13.95 12.43
CA MLY A 831 21.82 14.68 12.11
CB MLY A 831 20.66 14.24 12.99
CG MLY A 831 20.38 12.74 12.99
CD MLY A 831 19.19 12.39 13.87
CE MLY A 831 18.94 10.88 13.93
NZ MLY A 831 17.71 10.43 14.66
CH1 MLY A 831 18.15 9.85 15.93
CH2 MLY A 831 16.86 11.58 14.99
C MLY A 831 22.13 16.15 12.34
O MLY A 831 22.48 16.54 13.46
N THR A 832 22.03 16.96 11.29
CA THR A 832 22.41 18.36 11.40
C THR A 832 21.25 19.25 11.01
N HIS A 833 20.91 20.22 11.86
CA HIS A 833 19.94 21.23 11.48
C HIS A 833 20.64 22.58 11.32
N PHE A 834 20.75 23.05 10.09
CA PHE A 834 21.26 24.40 9.84
C PHE A 834 20.13 25.39 10.09
N LEU A 835 20.24 26.17 11.15
CA LEU A 835 19.25 27.21 11.44
C LEU A 835 19.31 28.28 10.37
N MET A 836 18.25 28.44 9.59
CA MET A 836 18.22 29.45 8.53
C MET A 836 16.97 30.29 8.68
N PRO A 837 17.07 31.60 8.38
CA PRO A 837 15.89 32.45 8.45
C PRO A 837 15.02 32.29 7.21
N PHE A 838 14.50 31.07 7.02
CA PHE A 838 13.70 30.73 5.86
C PHE A 838 12.26 30.51 6.28
N PRO A 839 11.31 30.79 5.39
CA PRO A 839 9.90 30.47 5.66
C PRO A 839 9.57 29.02 5.26
N VAL A 840 10.49 28.33 4.60
CA VAL A 840 10.28 26.92 4.22
C VAL A 840 11.51 26.09 4.57
N ASN A 841 11.42 24.78 4.36
CA ASN A 841 12.50 23.87 4.72
C ASN A 841 13.06 23.09 3.55
N TYR A 842 14.26 22.57 3.73
CA TYR A 842 14.92 21.71 2.75
C TYR A 842 15.48 20.53 3.55
N VAL A 843 15.08 19.32 3.18
CA VAL A 843 15.38 18.14 3.99
C VAL A 843 16.12 17.12 3.16
N GLY A 844 17.13 16.48 3.74
CA GLY A 844 17.84 15.40 3.06
C GLY A 844 18.11 14.24 4.00
N GLU A 845 17.89 13.02 3.52
CA GLU A 845 18.33 11.83 4.23
C GLU A 845 19.11 10.94 3.27
N CYS A 846 20.34 10.62 3.66
CA CYS A 846 21.20 9.83 2.80
C CYS A 846 21.45 8.47 3.42
N ILE A 847 21.50 7.45 2.57
CA ILE A 847 21.69 6.08 3.01
C ILE A 847 22.78 5.40 2.19
N ARG A 848 23.77 4.85 2.87
CA ARG A 848 24.89 4.17 2.21
C ARG A 848 24.42 2.83 1.67
N THR A 849 24.49 2.65 0.36
CA THR A 849 24.10 1.37 -0.24
C THR A 849 25.26 0.70 -0.98
N VAL A 850 25.16 0.54 -2.29
CA VAL A 850 26.19 -0.17 -3.04
C VAL A 850 26.64 0.55 -4.31
N PRO A 851 27.90 0.34 -4.73
CA PRO A 851 28.39 1.05 -5.92
C PRO A 851 27.77 0.55 -7.24
N TYR A 852 28.08 1.29 -8.30
CA TYR A 852 27.52 1.10 -9.63
C TYR A 852 27.56 -0.34 -10.15
N THR A 853 28.70 -1.01 -10.02
CA THR A 853 28.85 -2.35 -10.60
C THR A 853 28.24 -3.46 -9.75
N ASP A 854 27.80 -3.12 -8.55
CA ASP A 854 27.07 -4.10 -7.75
C ASP A 854 25.69 -4.29 -8.39
N PRO A 855 25.28 -5.56 -8.57
CA PRO A 855 24.02 -5.86 -9.26
C PRO A 855 22.79 -5.25 -8.57
N ASP A 856 22.87 -5.04 -7.26
CA ASP A 856 21.77 -4.42 -6.54
C ASP A 856 21.62 -2.92 -6.85
N HIS A 857 22.64 -2.32 -7.43
CA HIS A 857 22.60 -0.89 -7.74
C HIS A 857 21.46 -0.57 -8.72
N ALA A 858 21.34 -1.35 -9.79
CA ALA A 858 20.25 -1.18 -10.75
C ALA A 858 18.87 -1.24 -10.09
N SER A 859 18.68 -2.21 -9.19
CA SER A 859 17.43 -2.32 -8.45
C SER A 859 17.12 -1.08 -7.61
N LEU A 860 18.13 -0.57 -6.93
CA LEU A 860 17.96 0.60 -6.07
C LEU A 860 17.64 1.83 -6.91
N MLY A 861 18.17 1.86 -8.14
CA MLY A 861 17.96 2.97 -9.06
CB MLY A 861 18.89 2.84 -10.27
CG MLY A 861 18.74 3.95 -11.29
CD MLY A 861 19.55 5.18 -10.92
CE MLY A 861 19.06 6.43 -11.67
NZ MLY A 861 20.11 7.31 -12.24
CH1 MLY A 861 19.57 8.66 -12.32
CH2 MLY A 861 21.25 7.38 -11.31
C MLY A 861 16.50 3.00 -9.51
O MLY A 861 15.86 4.05 -9.50
N ILE A 862 15.99 1.84 -9.91
CA ILE A 862 14.57 1.70 -10.24
C ILE A 862 13.72 2.05 -9.01
N LEU A 863 14.10 1.51 -7.86
CA LEU A 863 13.39 1.80 -6.61
C LEU A 863 13.29 3.30 -6.29
N ALA A 864 14.36 4.05 -6.53
CA ALA A 864 14.31 5.49 -6.25
C ALA A 864 13.18 6.19 -7.04
N ARG A 865 13.03 5.84 -8.31
N ARG A 865 13.03 5.85 -8.32
CA ARG A 865 12.01 6.46 -9.15
CA ARG A 865 12.00 6.48 -9.14
C ARG A 865 10.62 5.95 -8.80
C ARG A 865 10.60 5.94 -8.83
N LEU A 866 10.52 4.66 -8.51
CA LEU A 866 9.26 4.05 -8.11
C LEU A 866 8.73 4.72 -6.85
N MET A 867 9.59 4.85 -5.85
CA MET A 867 9.23 5.47 -4.58
C MET A 867 8.86 6.93 -4.77
N THR A 868 9.55 7.61 -5.68
CA THR A 868 9.27 9.02 -5.93
C THR A 868 7.90 9.15 -6.55
N ALA A 869 7.67 8.38 -7.61
CA ALA A 869 6.44 8.45 -8.39
C ALA A 869 5.21 7.97 -7.62
N LYS A 870 5.37 6.89 -6.87
CA LYS A 870 4.19 6.25 -6.26
C LYS A 870 3.98 6.57 -4.78
N PHE A 871 4.97 7.17 -4.12
CA PHE A 871 4.81 7.46 -2.70
C PHE A 871 5.19 8.89 -2.31
N LEU A 872 6.45 9.24 -2.52
CA LEU A 872 6.97 10.52 -2.00
C LEU A 872 6.31 11.76 -2.60
N HIS A 873 6.02 11.74 -3.90
CA HIS A 873 5.40 12.91 -4.54
C HIS A 873 4.03 13.21 -3.93
N THR A 874 3.24 12.17 -3.72
CA THR A 874 1.93 12.30 -3.08
C THR A 874 2.02 12.79 -1.63
N GLU A 875 2.88 12.17 -0.83
CA GLU A 875 2.94 12.48 0.60
C GLU A 875 3.51 13.86 0.87
N ILE A 876 4.60 14.17 0.20
CA ILE A 876 5.36 15.37 0.52
C ILE A 876 4.87 16.59 -0.24
N ARG A 877 4.56 16.43 -1.52
CA ARG A 877 4.10 17.55 -2.34
C ARG A 877 2.58 17.66 -2.36
N GLU A 878 1.88 16.62 -2.82
CA GLU A 878 0.44 16.70 -2.97
C GLU A 878 -0.27 16.92 -1.63
N MLY A 879 -0.02 16.04 -0.66
CA MLY A 879 -0.63 16.18 0.66
CB MLY A 879 -0.56 14.86 1.44
CG MLY A 879 -1.27 13.69 0.77
CD MLY A 879 -1.39 12.49 1.73
CE MLY A 879 -1.93 11.26 1.00
NZ MLY A 879 -2.38 10.16 1.90
CH1 MLY A 879 -2.10 8.89 1.20
CH2 MLY A 879 -1.59 10.15 3.14
C MLY A 879 0.04 17.28 1.47
O MLY A 879 -0.63 18.16 2.01
N GLY A 880 1.37 17.24 1.55
CA GLY A 880 2.10 18.19 2.39
C GLY A 880 2.15 19.61 1.87
N GLY A 881 2.17 19.77 0.55
CA GLY A 881 2.24 21.10 -0.04
C GLY A 881 3.66 21.56 -0.36
N ALA A 882 4.64 20.67 -0.21
CA ALA A 882 6.02 21.03 -0.58
C ALA A 882 6.16 21.17 -2.09
N TYR A 883 7.16 21.93 -2.53
CA TYR A 883 7.35 22.10 -3.96
C TYR A 883 7.95 20.85 -4.60
N GLY A 884 8.79 20.14 -3.86
CA GLY A 884 9.41 18.94 -4.37
C GLY A 884 9.63 17.90 -3.29
N GLY A 885 9.54 16.63 -3.67
CA GLY A 885 9.81 15.52 -2.77
C GLY A 885 10.10 14.27 -3.58
N GLY A 886 11.20 13.58 -3.26
CA GLY A 886 11.55 12.38 -4.00
C GLY A 886 12.77 11.62 -3.47
N ALA A 887 13.18 10.60 -4.21
CA ALA A 887 14.37 9.84 -3.87
C ALA A 887 15.26 9.70 -5.10
N MLY A 888 16.57 9.59 -4.89
CA MLY A 888 17.48 9.41 -6.01
CB MLY A 888 17.95 10.76 -6.54
CG MLY A 888 18.61 11.63 -5.48
CD MLY A 888 18.93 13.05 -5.97
CE MLY A 888 19.59 13.84 -4.84
NZ MLY A 888 19.80 15.30 -5.12
CH1 MLY A 888 20.66 15.41 -6.31
CH2 MLY A 888 18.49 15.85 -5.49
C MLY A 888 18.66 8.55 -5.57
O MLY A 888 18.96 8.43 -4.38
N LEU A 889 19.35 7.97 -6.55
CA LEU A 889 20.53 7.18 -6.24
C LEU A 889 21.71 7.72 -7.02
N SER A 890 22.80 8.02 -6.33
CA SER A 890 23.99 8.55 -6.98
C SER A 890 24.94 7.44 -7.42
N HIS A 891 25.90 7.79 -8.26
CA HIS A 891 26.90 6.86 -8.78
C HIS A 891 27.70 6.23 -7.63
N ASN A 892 27.90 6.99 -6.56
N ASN A 892 27.86 7.00 -6.56
CA ASN A 892 28.66 6.46 -5.42
CA ASN A 892 28.62 6.60 -5.37
C ASN A 892 27.87 5.56 -4.50
C ASN A 892 27.87 5.58 -4.52
N GLY A 893 26.60 5.34 -4.83
CA GLY A 893 25.79 4.40 -4.08
C GLY A 893 25.06 4.99 -2.90
N ILE A 894 24.97 6.31 -2.86
CA ILE A 894 24.21 7.00 -1.82
C ILE A 894 22.75 7.16 -2.24
N PHE A 895 21.85 6.54 -1.49
CA PHE A 895 20.42 6.64 -1.75
C PHE A 895 19.91 7.82 -0.94
N THR A 896 19.38 8.82 -1.64
CA THR A 896 19.00 10.06 -1.00
C THR A 896 17.50 10.32 -1.11
N LEU A 897 16.86 10.57 0.03
CA LEU A 897 15.49 11.06 0.05
C LEU A 897 15.55 12.54 0.39
N TYR A 898 14.74 13.36 -0.28
CA TYR A 898 14.87 14.80 -0.10
C TYR A 898 13.52 15.51 -0.22
N SER A 899 13.44 16.73 0.30
CA SER A 899 12.32 17.62 0.01
C SER A 899 12.83 19.03 -0.25
N TYR A 900 12.01 19.84 -0.93
CA TYR A 900 12.44 21.15 -1.42
C TYR A 900 11.30 22.15 -1.24
N ARG A 901 11.60 23.28 -0.60
CA ARG A 901 10.57 24.26 -0.22
C ARG A 901 9.44 23.58 0.53
N ASP A 902 9.80 22.92 1.62
CA ASP A 902 8.89 22.07 2.39
C ASP A 902 8.39 22.81 3.63
N PRO A 903 7.06 22.88 3.83
CA PRO A 903 6.58 23.52 5.06
C PRO A 903 6.81 22.63 6.28
N ASN A 904 7.12 21.35 6.04
CA ASN A 904 7.32 20.40 7.14
C ASN A 904 8.78 19.98 7.31
N THR A 905 9.08 19.39 8.46
CA THR A 905 10.40 18.81 8.73
C THR A 905 10.21 17.41 9.31
N ILE A 906 9.67 17.35 10.51
CA ILE A 906 9.39 16.10 11.21
C ILE A 906 8.49 15.16 10.42
N GLU A 907 7.37 15.69 9.91
CA GLU A 907 6.44 14.90 9.14
C GLU A 907 7.10 14.36 7.86
N THR A 908 8.04 15.14 7.32
CA THR A 908 8.74 14.73 6.10
C THR A 908 9.70 13.57 6.39
N LEU A 909 10.44 13.67 7.48
CA LEU A 909 11.29 12.55 7.90
C LEU A 909 10.45 11.30 8.17
N GLN A 910 9.27 11.49 8.77
CA GLN A 910 8.37 10.36 9.00
C GLN A 910 7.90 9.75 7.70
N SER A 911 7.67 10.59 6.69
CA SER A 911 7.26 10.09 5.38
C SER A 911 8.37 9.31 4.70
N PHE A 912 9.63 9.71 4.93
CA PHE A 912 10.77 8.98 4.42
C PHE A 912 10.72 7.54 4.95
N GLY A 913 10.48 7.39 6.25
CA GLY A 913 10.39 6.08 6.87
C GLY A 913 9.24 5.23 6.34
N MLY A 914 8.09 5.86 6.14
CA MLY A 914 6.92 5.17 5.60
CB MLY A 914 5.67 6.05 5.77
CG MLY A 914 5.27 6.26 7.23
CD MLY A 914 4.22 7.37 7.35
CE MLY A 914 3.66 7.46 8.76
NZ MLY A 914 2.60 8.50 8.98
CH1 MLY A 914 3.27 9.69 9.54
CH2 MLY A 914 2.04 8.91 7.69
C MLY A 914 7.11 4.78 4.15
O MLY A 914 6.58 3.76 3.70
N ALA A 915 7.91 5.57 3.42
CA ALA A 915 8.22 5.26 2.02
C ALA A 915 8.96 3.94 1.94
N VAL A 916 9.91 3.75 2.86
CA VAL A 916 10.68 2.52 2.94
C VAL A 916 9.77 1.34 3.35
N ASP A 917 8.92 1.56 4.35
CA ASP A 917 7.93 0.56 4.73
C ASP A 917 7.03 0.17 3.56
N TRP A 918 6.64 1.15 2.76
CA TRP A 918 5.81 0.90 1.60
C TRP A 918 6.56 0.07 0.56
N ALA A 919 7.83 0.40 0.34
CA ALA A 919 8.65 -0.34 -0.60
C ALA A 919 8.81 -1.79 -0.18
N MLY A 920 9.09 -2.02 1.11
CA MLY A 920 9.25 -3.37 1.65
CB MLY A 920 9.72 -3.30 3.11
CG MLY A 920 11.12 -2.79 3.34
CD MLY A 920 11.41 -2.58 4.82
CE MLY A 920 11.38 -3.88 5.63
NZ MLY A 920 11.34 -3.68 7.13
CH1 MLY A 920 11.99 -4.84 7.77
CH2 MLY A 920 12.14 -2.50 7.48
C MLY A 920 7.97 -4.19 1.55
O MLY A 920 8.03 -5.42 1.41
N SER A 921 6.82 -3.53 1.60
CA SER A 921 5.52 -4.21 1.52
C SER A 921 5.24 -4.80 0.14
N GLY A 922 5.95 -4.31 -0.87
CA GLY A 922 5.78 -4.79 -2.24
C GLY A 922 4.44 -4.43 -2.86
N MLY A 923 3.77 -3.43 -2.29
CA MLY A 923 2.44 -3.07 -2.79
CB MLY A 923 1.54 -2.58 -1.65
CG MLY A 923 1.20 -3.71 -0.68
CD MLY A 923 -0.11 -3.47 0.08
CE MLY A 923 -0.76 -4.81 0.45
NZ MLY A 923 -0.81 -5.10 1.90
CH1 MLY A 923 -1.35 -6.46 2.04
CH2 MLY A 923 0.55 -5.19 2.41
C MLY A 923 2.45 -2.10 -3.97
O MLY A 923 1.87 -1.03 -3.93
N PHE A 924 3.13 -2.53 -5.03
CA PHE A 924 3.16 -1.81 -6.29
C PHE A 924 3.08 -2.85 -7.38
N THR A 925 2.68 -2.44 -8.58
CA THR A 925 2.40 -3.39 -9.66
C THR A 925 3.54 -3.49 -10.64
N GLN A 926 3.47 -4.49 -11.52
CA GLN A 926 4.40 -4.63 -12.63
C GLN A 926 4.39 -3.38 -13.52
N GLN A 927 3.21 -2.79 -13.69
N GLN A 927 3.21 -2.79 -13.67
CA GLN A 927 3.09 -1.57 -14.48
CA GLN A 927 3.07 -1.59 -14.48
C GLN A 927 3.82 -0.41 -13.82
C GLN A 927 3.82 -0.42 -13.81
N ASP A 928 3.75 -0.35 -12.49
CA ASP A 928 4.50 0.66 -11.75
C ASP A 928 6.01 0.50 -12.01
N ILE A 929 6.47 -0.74 -12.05
CA ILE A 929 7.89 -1.03 -12.30
C ILE A 929 8.29 -0.66 -13.73
N ASP A 930 7.45 -0.98 -14.70
CA ASP A 930 7.72 -0.65 -16.10
C ASP A 930 7.83 0.87 -16.25
N GLU A 931 6.98 1.59 -15.54
CA GLU A 931 6.98 3.06 -15.59
C GLU A 931 8.22 3.64 -14.92
N ALA A 932 8.69 3.02 -13.85
CA ALA A 932 9.93 3.42 -13.21
C ALA A 932 11.10 3.25 -14.16
N MLY A 933 11.07 2.19 -14.96
CA MLY A 933 12.12 1.94 -15.95
CB MLY A 933 11.94 0.55 -16.58
CG MLY A 933 12.24 -0.61 -15.64
CD MLY A 933 12.34 -1.88 -16.44
CE MLY A 933 12.21 -3.14 -15.60
NZ MLY A 933 11.90 -4.27 -16.52
CH1 MLY A 933 12.11 -5.53 -15.80
CH2 MLY A 933 10.46 -4.26 -16.78
C MLY A 933 12.13 2.99 -17.05
O MLY A 933 13.18 3.53 -17.39
N LEU A 934 10.95 3.28 -17.59
CA LEU A 934 10.80 4.33 -18.59
C LEU A 934 11.41 5.64 -18.08
N SER A 935 11.05 6.02 -16.86
CA SER A 935 11.59 7.22 -16.23
C SER A 935 13.12 7.20 -16.14
N VAL A 936 13.67 6.12 -15.59
CA VAL A 936 15.12 5.99 -15.46
C VAL A 936 15.81 6.07 -16.82
N PHE A 937 15.26 5.38 -17.81
CA PHE A 937 15.86 5.41 -19.15
C PHE A 937 15.68 6.78 -19.84
N SER A 938 14.62 7.50 -19.50
CA SER A 938 14.49 8.89 -19.93
C SER A 938 15.72 9.70 -19.55
N THR A 939 16.14 9.54 -18.29
CA THR A 939 17.34 10.22 -17.80
C THR A 939 18.60 9.64 -18.43
N VAL A 940 18.77 8.33 -18.30
CA VAL A 940 19.98 7.64 -18.73
C VAL A 940 20.31 7.81 -20.22
N ASP A 941 19.28 7.75 -21.07
CA ASP A 941 19.49 7.83 -22.51
C ASP A 941 19.28 9.23 -23.08
N ALA A 942 19.32 10.25 -22.21
CA ALA A 942 19.22 11.64 -22.66
C ALA A 942 20.37 11.93 -23.61
N PRO A 943 20.12 12.78 -24.62
CA PRO A 943 21.14 13.05 -25.65
C PRO A 943 22.43 13.62 -25.07
N VAL A 944 23.57 13.23 -25.63
CA VAL A 944 24.86 13.76 -25.21
C VAL A 944 25.41 14.66 -26.31
N ALA A 945 25.86 15.86 -25.96
CA ALA A 945 26.40 16.80 -26.94
C ALA A 945 27.73 16.28 -27.48
N PRO A 946 28.05 16.63 -28.75
CA PRO A 946 29.33 16.25 -29.35
C PRO A 946 30.51 16.63 -28.47
N SER A 947 30.41 17.76 -27.77
CA SER A 947 31.47 18.23 -26.87
C SER A 947 31.66 17.36 -25.63
N ASP A 948 30.65 16.56 -25.30
CA ASP A 948 30.65 15.79 -24.06
C ASP A 948 30.81 14.29 -24.24
N MLY A 949 30.89 13.85 -25.50
CA MLY A 949 31.11 12.43 -25.81
CB MLY A 949 31.12 12.22 -27.32
CG MLY A 949 29.79 12.50 -28.00
CD MLY A 949 28.80 11.38 -27.74
CE MLY A 949 27.61 11.50 -28.69
NZ MLY A 949 26.70 10.31 -28.71
CH1 MLY A 949 26.14 10.27 -30.07
CH2 MLY A 949 27.49 9.09 -28.52
C MLY A 949 32.44 11.96 -25.23
O MLY A 949 33.43 12.67 -25.29
N GLY A 950 32.44 10.78 -24.61
CA GLY A 950 33.65 10.21 -24.04
C GLY A 950 33.95 10.66 -22.62
N MET A 951 33.12 11.54 -22.08
CA MET A 951 33.37 12.10 -20.74
C MET A 951 33.10 11.10 -19.62
N ASP A 952 32.15 10.22 -19.86
CA ASP A 952 31.88 9.12 -18.94
C ASP A 952 33.13 8.28 -18.80
N HIS A 953 33.76 7.96 -19.93
CA HIS A 953 35.01 7.22 -19.93
C HIS A 953 36.14 8.05 -19.31
N PHE A 954 36.26 9.31 -19.73
CA PHE A 954 37.36 10.16 -19.29
C PHE A 954 37.35 10.41 -17.78
N LEU A 955 36.19 10.74 -17.25
CA LEU A 955 36.07 11.08 -15.83
C LEU A 955 35.94 9.86 -14.91
N TYR A 956 34.96 9.01 -15.19
CA TYR A 956 34.62 7.92 -14.28
C TYR A 956 35.25 6.59 -14.68
N GLY A 957 35.81 6.54 -15.88
CA GLY A 957 36.48 5.33 -16.34
C GLY A 957 35.55 4.16 -16.60
N LEU A 958 34.26 4.43 -16.78
CA LEU A 958 33.36 3.32 -17.19
C LEU A 958 33.31 3.18 -18.70
N SER A 959 33.57 1.96 -19.16
CA SER A 959 33.55 1.63 -20.57
C SER A 959 32.13 1.47 -21.08
N ASP A 960 31.98 1.25 -22.37
CA ASP A 960 30.68 0.96 -22.95
C ASP A 960 30.22 -0.41 -22.49
N GLU A 961 31.18 -1.30 -22.27
CA GLU A 961 30.89 -2.66 -21.80
C GLU A 961 30.31 -2.63 -20.39
N MET A 962 30.77 -1.70 -19.56
CA MET A 962 30.27 -1.58 -18.20
C MET A 962 28.86 -0.96 -18.18
N LYS A 963 28.63 0.06 -19.00
CA LYS A 963 27.32 0.70 -19.10
C LYS A 963 26.27 -0.25 -19.63
N GLN A 964 26.66 -1.06 -20.61
CA GLN A 964 25.73 -2.00 -21.22
C GLN A 964 25.36 -3.09 -20.23
N ALA A 965 26.32 -3.49 -19.40
CA ALA A 965 26.02 -4.47 -18.37
C ALA A 965 25.02 -3.89 -17.38
N HIS A 966 25.20 -2.61 -17.05
CA HIS A 966 24.30 -1.96 -16.11
C HIS A 966 22.91 -1.81 -16.72
N ARG A 967 22.89 -1.49 -18.01
CA ARG A 967 21.65 -1.36 -18.76
C ARG A 967 20.85 -2.66 -18.74
N GLU A 968 21.55 -3.78 -18.92
CA GLU A 968 20.91 -5.09 -18.90
C GLU A 968 20.37 -5.43 -17.51
N GLN A 969 21.09 -5.00 -16.47
CA GLN A 969 20.64 -5.19 -15.11
C GLN A 969 19.38 -4.37 -14.83
N LEU A 970 19.35 -3.14 -15.34
CA LEU A 970 18.15 -2.30 -15.23
C LEU A 970 16.96 -2.96 -15.91
N PHE A 971 17.19 -3.50 -17.11
CA PHE A 971 16.14 -4.24 -17.83
C PHE A 971 15.65 -5.46 -17.08
N ALA A 972 16.48 -6.02 -16.21
CA ALA A 972 16.14 -7.27 -15.52
C ALA A 972 15.55 -7.05 -14.12
N VAL A 973 15.45 -5.80 -13.68
CA VAL A 973 14.93 -5.52 -12.34
C VAL A 973 13.50 -6.02 -12.20
N SER A 974 13.25 -6.88 -11.21
CA SER A 974 11.92 -7.47 -11.04
C SER A 974 11.30 -7.06 -9.72
N HIS A 975 10.01 -7.38 -9.54
CA HIS A 975 9.28 -7.07 -8.31
C HIS A 975 9.98 -7.66 -7.09
N ASP A 976 10.37 -8.93 -7.17
CA ASP A 976 11.02 -9.59 -6.03
C ASP A 976 12.35 -8.94 -5.67
N MLY A 977 13.10 -8.48 -6.68
CA MLY A 977 14.37 -7.80 -6.41
CB MLY A 977 15.17 -7.61 -7.70
CG MLY A 977 15.84 -8.86 -8.24
CD MLY A 977 16.37 -8.61 -9.65
CE MLY A 977 17.73 -9.28 -9.88
NZ MLY A 977 17.72 -10.54 -10.70
CH1 MLY A 977 17.59 -11.67 -9.77
CH2 MLY A 977 16.53 -10.54 -11.57
C MLY A 977 14.16 -6.45 -5.74
O MLY A 977 14.97 -6.02 -4.91
N LEU A 978 13.06 -5.78 -6.09
CA LEU A 978 12.78 -4.45 -5.53
C LEU A 978 12.46 -4.53 -4.04
N LEU A 979 11.68 -5.53 -3.64
CA LEU A 979 11.35 -5.65 -2.22
C LEU A 979 12.54 -6.19 -1.43
N ALA A 980 13.40 -6.96 -2.09
CA ALA A 980 14.60 -7.48 -1.44
C ALA A 980 15.60 -6.38 -1.10
N VAL A 981 15.90 -5.51 -2.06
CA VAL A 981 16.87 -4.44 -1.82
C VAL A 981 16.32 -3.38 -0.86
N SER A 982 15.00 -3.20 -0.86
CA SER A 982 14.37 -2.31 0.11
C SER A 982 14.65 -2.80 1.52
N ASP A 983 14.44 -4.09 1.75
CA ASP A 983 14.68 -4.68 3.06
C ASP A 983 16.17 -4.73 3.38
N ARG A 984 16.99 -5.06 2.38
CA ARG A 984 18.42 -5.23 2.60
C ARG A 984 19.16 -3.93 2.94
N TYR A 985 18.79 -2.83 2.30
CA TYR A 985 19.57 -1.59 2.43
C TYR A 985 18.88 -0.43 3.12
N LEU A 986 17.55 -0.32 2.94
CA LEU A 986 16.86 0.88 3.39
C LEU A 986 16.21 0.76 4.76
N GLY A 987 15.94 -0.48 5.18
CA GLY A 987 15.31 -0.73 6.46
C GLY A 987 16.11 -0.22 7.64
N THR A 988 15.42 0.02 8.75
CA THR A 988 16.04 0.56 9.95
C THR A 988 17.15 -0.37 10.43
N GLY A 989 18.30 0.20 10.76
CA GLY A 989 19.43 -0.57 11.28
C GLY A 989 20.24 -1.34 10.25
N MLY A 990 19.78 -1.34 9.00
CA MLY A 990 20.47 -2.09 7.95
CB MLY A 990 19.52 -2.36 6.77
CG MLY A 990 18.31 -3.20 7.14
CD MLY A 990 18.71 -4.58 7.66
CE MLY A 990 19.49 -5.37 6.63
NZ MLY A 990 19.50 -6.84 6.89
CH1 MLY A 990 20.32 -7.08 8.08
CH2 MLY A 990 18.12 -7.24 7.23
C MLY A 990 21.73 -1.38 7.44
O MLY A 990 22.77 -2.02 7.26
N SER A 991 21.61 -0.09 7.18
CA SER A 991 22.75 0.69 6.69
C SER A 991 22.88 1.96 7.50
N THR A 992 24.01 2.63 7.35
CA THR A 992 24.23 3.92 8.02
C THR A 992 23.47 5.04 7.30
N HIS A 993 22.80 5.89 8.08
CA HIS A 993 22.04 7.01 7.53
C HIS A 993 22.67 8.34 7.96
N GLY A 994 22.47 9.37 7.16
CA GLY A 994 22.81 10.73 7.55
C GLY A 994 21.62 11.63 7.30
N LEU A 995 21.42 12.64 8.14
CA LEU A 995 20.27 13.53 7.98
C LEU A 995 20.71 15.00 8.06
N ALA A 996 20.09 15.86 7.26
CA ALA A 996 20.34 17.30 7.39
C ALA A 996 19.12 18.11 7.00
N ILE A 997 18.95 19.26 7.64
CA ILE A 997 17.83 20.15 7.34
C ILE A 997 18.30 21.60 7.27
N LEU A 998 17.89 22.33 6.23
CA LEU A 998 18.05 23.78 6.22
C LEU A 998 16.69 24.40 6.44
N GLY A 999 16.54 25.18 7.51
CA GLY A 999 15.24 25.77 7.82
C GLY A 999 15.24 26.48 9.15
N PRO A 1000 14.10 27.07 9.53
CA PRO A 1000 14.02 27.88 10.76
C PRO A 1000 13.97 27.00 12.01
N GLU A 1001 14.01 27.63 13.18
CA GLU A 1001 13.91 26.94 14.46
C GLU A 1001 12.79 25.91 14.49
N ASN A 1002 13.11 24.71 14.95
CA ASN A 1002 12.12 23.68 15.22
C ASN A 1002 12.30 23.18 16.65
N PRO A 1003 11.31 23.44 17.50
CA PRO A 1003 11.35 23.11 18.93
C PRO A 1003 11.65 21.64 19.22
N LYS A 1004 11.05 20.73 18.46
CA LYS A 1004 11.23 19.30 18.71
C LYS A 1004 12.66 18.86 18.41
N ILE A 1005 13.20 19.33 17.29
CA ILE A 1005 14.57 19.01 16.92
C ILE A 1005 15.55 19.60 17.93
N ALA A 1006 15.29 20.86 18.31
CA ALA A 1006 16.14 21.57 19.25
C ALA A 1006 16.26 20.86 20.60
N LYS A 1007 15.21 20.11 20.97
CA LYS A 1007 15.20 19.40 22.24
C LYS A 1007 15.73 17.97 22.12
N ASP A 1008 16.08 17.56 20.90
CA ASP A 1008 16.59 16.22 20.66
C ASP A 1008 18.11 16.28 20.56
N PRO A 1009 18.81 15.69 21.55
CA PRO A 1009 20.27 15.77 21.64
C PRO A 1009 21.00 15.00 20.55
N SER A 1010 20.28 14.19 19.78
CA SER A 1010 20.88 13.49 18.64
C SER A 1010 20.97 14.39 17.41
N TRP A 1011 20.48 15.62 17.52
CA TRP A 1011 20.58 16.60 16.44
C TRP A 1011 21.62 17.67 16.75
N ILE A 1012 22.47 17.95 15.77
CA ILE A 1012 23.43 19.03 15.90
C ILE A 1012 22.85 20.29 15.28
N ILE A 1013 22.81 21.37 16.04
CA ILE A 1013 22.29 22.64 15.54
C ILE A 1013 23.43 23.51 15.02
N ARG A 1014 23.35 23.89 13.75
CA ARG A 1014 24.41 24.68 13.10
C ARG A 1014 23.82 25.90 12.41
N ALA B 8 -43.02 -25.15 -10.35
CA ALA B 8 -44.18 -24.76 -9.54
C ALA B 8 -44.96 -25.98 -9.06
N ALA B 9 -44.52 -26.58 -7.96
CA ALA B 9 -43.30 -26.19 -7.26
C ALA B 9 -42.14 -27.06 -7.76
N ALA B 10 -40.97 -26.88 -7.16
CA ALA B 10 -39.77 -27.61 -7.62
C ALA B 10 -39.91 -29.13 -7.55
N CYS B 11 -40.43 -29.62 -6.43
CA CYS B 11 -40.55 -31.07 -6.23
C CYS B 11 -41.59 -31.68 -7.17
N GLU B 12 -42.59 -30.90 -7.53
CA GLU B 12 -43.61 -31.33 -8.46
C GLU B 12 -43.06 -31.43 -9.88
N ARG B 13 -42.23 -30.44 -10.25
CA ARG B 13 -41.63 -30.42 -11.57
C ARG B 13 -40.72 -31.62 -11.77
N ALA B 14 -39.98 -31.99 -10.72
CA ALA B 14 -39.05 -33.10 -10.79
C ALA B 14 -39.75 -34.43 -11.03
N LEU B 15 -41.00 -34.54 -10.57
CA LEU B 15 -41.79 -35.74 -10.81
C LEU B 15 -42.19 -35.90 -12.27
N GLN B 16 -41.97 -34.86 -13.08
CA GLN B 16 -42.29 -34.93 -14.51
C GLN B 16 -41.19 -35.63 -15.31
N TYR B 17 -40.00 -35.72 -14.73
CA TYR B 17 -38.89 -36.42 -15.39
C TYR B 17 -39.25 -37.88 -15.61
N MLY B 18 -38.92 -38.39 -16.79
CA MLY B 18 -39.13 -39.80 -17.08
CB MLY B 18 -39.67 -39.98 -18.51
CG MLY B 18 -40.99 -39.28 -18.77
CD MLY B 18 -41.52 -39.59 -20.16
CE MLY B 18 -42.89 -38.96 -20.38
NZ MLY B 18 -43.42 -39.28 -21.74
CH1 MLY B 18 -44.73 -38.61 -21.87
CH2 MLY B 18 -42.52 -38.64 -22.71
C MLY B 18 -37.82 -40.55 -16.95
O MLY B 18 -36.78 -40.02 -17.33
N LEU B 19 -37.86 -41.76 -16.41
CA LEU B 19 -36.67 -42.61 -16.37
C LEU B 19 -36.17 -42.81 -17.79
N GLY B 20 -34.89 -42.58 -18.00
CA GLY B 20 -34.31 -42.74 -19.33
C GLY B 20 -34.18 -41.41 -20.08
N ASP B 21 -34.75 -40.34 -19.53
CA ASP B 21 -34.60 -39.02 -20.13
C ASP B 21 -33.13 -38.65 -20.22
N LYS B 22 -32.73 -38.09 -21.36
CA LYS B 22 -31.36 -37.65 -21.57
C LYS B 22 -31.32 -36.14 -21.42
N ILE B 23 -30.49 -35.66 -20.50
CA ILE B 23 -30.38 -34.22 -20.25
C ILE B 23 -28.91 -33.82 -20.20
N HIS B 24 -28.47 -33.07 -21.21
CA HIS B 24 -27.10 -32.54 -21.27
C HIS B 24 -26.03 -33.57 -20.91
N GLY B 25 -26.11 -34.75 -21.52
CA GLY B 25 -25.09 -35.76 -21.31
C GLY B 25 -25.34 -36.69 -20.13
N PHE B 26 -26.41 -36.40 -19.38
CA PHE B 26 -26.81 -37.21 -18.24
C PHE B 26 -28.06 -38.02 -18.56
N THR B 27 -28.21 -39.17 -17.92
CA THR B 27 -29.43 -39.98 -18.03
C THR B 27 -30.11 -40.09 -16.67
N VAL B 28 -31.41 -39.79 -16.62
CA VAL B 28 -32.21 -39.96 -15.41
C VAL B 28 -32.38 -41.44 -15.07
N ASN B 29 -31.93 -41.86 -13.89
CA ASN B 29 -32.01 -43.28 -13.50
C ASN B 29 -33.12 -43.58 -12.50
N GLN B 30 -33.46 -42.60 -11.68
CA GLN B 30 -34.44 -42.83 -10.61
C GLN B 30 -35.05 -41.51 -10.17
N VAL B 31 -36.34 -41.55 -9.86
CA VAL B 31 -37.02 -40.37 -9.35
C VAL B 31 -37.87 -40.82 -8.17
N THR B 32 -37.59 -40.24 -7.00
CA THR B 32 -38.22 -40.69 -5.76
C THR B 32 -38.82 -39.54 -4.96
N SER B 33 -40.11 -39.61 -4.70
CA SER B 33 -40.76 -38.63 -3.85
C SER B 33 -40.42 -38.92 -2.40
N VAL B 34 -40.02 -37.88 -1.65
CA VAL B 34 -39.72 -38.01 -0.22
C VAL B 34 -40.50 -36.93 0.53
N PRO B 35 -41.80 -37.16 0.76
CA PRO B 35 -42.68 -36.12 1.30
C PRO B 35 -42.35 -35.71 2.73
N GLU B 36 -41.75 -36.60 3.52
CA GLU B 36 -41.39 -36.24 4.89
C GLU B 36 -40.33 -35.13 4.89
N LEU B 37 -39.62 -34.97 3.78
CA LEU B 37 -38.61 -33.92 3.67
C LEU B 37 -39.00 -32.92 2.59
N PHE B 38 -40.26 -32.98 2.14
CA PHE B 38 -40.77 -32.06 1.12
C PHE B 38 -39.91 -31.96 -0.14
N LEU B 39 -39.40 -33.10 -0.61
CA LEU B 39 -38.52 -33.09 -1.77
C LEU B 39 -38.72 -34.27 -2.70
N THR B 40 -38.25 -34.10 -3.93
CA THR B 40 -38.18 -35.17 -4.91
C THR B 40 -36.72 -35.38 -5.27
N ALA B 41 -36.25 -36.61 -5.12
CA ALA B 41 -34.87 -36.94 -5.42
C ALA B 41 -34.74 -37.50 -6.83
N VAL B 42 -33.75 -37.01 -7.57
CA VAL B 42 -33.48 -37.46 -8.93
C VAL B 42 -32.05 -37.98 -9.01
N MLY B 43 -31.88 -39.26 -9.33
CA MLY B 43 -30.53 -39.81 -9.51
CB MLY B 43 -30.41 -41.23 -8.93
CG MLY B 43 -30.59 -41.31 -7.43
CD MLY B 43 -29.75 -42.44 -6.81
CE MLY B 43 -29.95 -43.77 -7.52
NZ MLY B 43 -29.53 -44.93 -6.67
CH1 MLY B 43 -29.96 -46.15 -7.38
CH2 MLY B 43 -28.07 -44.96 -6.65
C MLY B 43 -30.23 -39.87 -11.00
O MLY B 43 -31.06 -40.34 -11.79
N LEU B 44 -29.06 -39.37 -11.39
CA LEU B 44 -28.65 -39.43 -12.79
C LEU B 44 -27.23 -39.98 -12.89
N THR B 45 -26.86 -40.39 -14.09
CA THR B 45 -25.50 -40.83 -14.37
C THR B 45 -25.01 -40.08 -15.60
N HIS B 46 -23.78 -39.61 -15.59
CA HIS B 46 -23.20 -38.99 -16.77
C HIS B 46 -22.81 -40.07 -17.78
N ASP B 47 -23.38 -40.01 -18.98
CA ASP B 47 -23.22 -41.09 -19.96
C ASP B 47 -21.77 -41.44 -20.29
N ASP B 48 -20.96 -40.43 -20.57
CA ASP B 48 -19.58 -40.66 -21.03
C ASP B 48 -18.58 -40.98 -19.92
N THR B 49 -18.82 -40.51 -18.70
CA THR B 49 -17.84 -40.71 -17.63
C THR B 49 -18.33 -41.62 -16.50
N GLY B 50 -19.64 -41.79 -16.39
CA GLY B 50 -20.20 -42.56 -15.29
C GLY B 50 -20.30 -41.77 -14.00
N ALA B 51 -19.99 -40.47 -14.06
CA ALA B 51 -20.11 -39.61 -12.89
C ALA B 51 -21.52 -39.69 -12.33
N ARG B 52 -21.63 -39.75 -11.00
CA ARG B 52 -22.94 -39.84 -10.36
C ARG B 52 -23.51 -38.48 -10.00
N TYR B 53 -24.83 -38.38 -10.00
CA TYR B 53 -25.49 -37.13 -9.70
C TYR B 53 -26.75 -37.37 -8.88
N LEU B 54 -26.92 -36.58 -7.83
CA LEU B 54 -28.15 -36.61 -7.04
C LEU B 54 -28.70 -35.20 -6.97
N HIS B 55 -29.91 -35.00 -7.45
CA HIS B 55 -30.57 -33.71 -7.30
C HIS B 55 -31.75 -33.83 -6.36
N LEU B 56 -31.78 -32.97 -5.34
CA LEU B 56 -32.90 -32.93 -4.41
C LEU B 56 -33.71 -31.68 -4.68
N ALA B 57 -34.82 -31.87 -5.40
CA ALA B 57 -35.68 -30.75 -5.77
C ALA B 57 -36.61 -30.38 -4.63
N ARG B 58 -36.45 -29.16 -4.11
CA ARG B 58 -37.28 -28.69 -3.02
C ARG B 58 -37.51 -27.19 -3.14
N GLU B 59 -38.68 -26.72 -2.69
CA GLU B 59 -39.01 -25.31 -2.78
C GLU B 59 -38.27 -24.52 -1.71
N ASP B 60 -36.96 -24.40 -1.88
CA ASP B 60 -36.09 -23.74 -0.92
C ASP B 60 -35.15 -22.86 -1.75
N THR B 61 -35.13 -21.57 -1.46
CA THR B 61 -34.35 -20.64 -2.28
C THR B 61 -32.84 -20.71 -1.99
N ASN B 62 -32.48 -21.25 -0.84
CA ASN B 62 -31.06 -21.43 -0.54
C ASN B 62 -30.52 -22.69 -1.22
N ASN B 63 -30.09 -22.54 -2.47
CA ASN B 63 -29.63 -23.67 -3.29
C ASN B 63 -28.19 -24.03 -2.99
N LEU B 64 -27.86 -25.31 -3.02
CA LEU B 64 -26.50 -25.76 -2.75
C LEU B 64 -25.97 -26.66 -3.85
N PHE B 65 -24.67 -26.51 -4.16
CA PHE B 65 -23.96 -27.45 -5.00
C PHE B 65 -22.82 -28.05 -4.20
N SER B 66 -22.51 -29.32 -4.44
CA SER B 66 -21.26 -29.89 -3.96
C SER B 66 -20.76 -30.93 -4.93
N VAL B 67 -19.44 -31.10 -4.97
CA VAL B 67 -18.85 -32.23 -5.67
C VAL B 67 -17.94 -32.96 -4.69
N GLN B 68 -17.97 -34.29 -4.75
CA GLN B 68 -17.24 -35.12 -3.80
C GLN B 68 -16.34 -36.09 -4.54
N PHE B 69 -15.08 -36.18 -4.12
CA PHE B 69 -14.15 -37.12 -4.74
C PHE B 69 -13.70 -38.15 -3.72
N ARG B 70 -13.62 -39.41 -4.13
CA ARG B 70 -13.11 -40.43 -3.22
C ARG B 70 -11.59 -40.34 -3.23
N THR B 71 -11.03 -39.98 -2.08
CA THR B 71 -9.60 -39.69 -1.97
C THR B 71 -9.00 -40.59 -0.91
N THR B 72 -8.06 -41.43 -1.32
CA THR B 72 -7.58 -42.49 -0.43
C THR B 72 -6.09 -42.42 -0.17
N PRO B 73 -5.67 -41.54 0.76
CA PRO B 73 -4.25 -41.40 1.08
C PRO B 73 -3.66 -42.70 1.62
N MET B 74 -2.40 -42.96 1.30
CA MET B 74 -1.70 -44.15 1.78
C MET B 74 -0.56 -43.75 2.70
N ASP B 75 -0.50 -42.46 3.05
CA ASP B 75 0.46 -41.96 4.01
C ASP B 75 -0.11 -40.80 4.80
N SER B 76 0.65 -40.29 5.77
CA SER B 76 0.18 -39.24 6.65
C SER B 76 0.71 -37.86 6.27
N THR B 77 0.97 -37.66 4.99
CA THR B 77 1.52 -36.39 4.51
C THR B 77 0.46 -35.31 4.46
N GLY B 78 -0.81 -35.72 4.48
CA GLY B 78 -1.93 -34.79 4.34
C GLY B 78 -2.22 -34.40 2.92
N VAL B 79 -1.71 -35.20 1.98
CA VAL B 79 -1.86 -34.88 0.57
C VAL B 79 -3.29 -34.51 0.10
N PRO B 80 -4.34 -35.23 0.55
CA PRO B 80 -5.65 -34.80 0.07
C PRO B 80 -6.07 -33.45 0.64
N HIS B 81 -5.70 -33.21 1.88
CA HIS B 81 -6.01 -31.96 2.57
C HIS B 81 -5.26 -30.81 1.91
N ILE B 82 -3.97 -31.00 1.66
CA ILE B 82 -3.16 -29.96 1.03
C ILE B 82 -3.59 -29.72 -0.40
N LEU B 83 -3.98 -30.79 -1.10
CA LEU B 83 -4.50 -30.68 -2.46
C LEU B 83 -5.77 -29.85 -2.49
N GLN B 84 -6.68 -30.16 -1.56
CA GLN B 84 -7.92 -29.40 -1.38
C GLN B 84 -7.70 -27.89 -1.23
N HIS B 85 -6.66 -27.51 -0.49
CA HIS B 85 -6.31 -26.08 -0.36
C HIS B 85 -5.74 -25.56 -1.67
N THR B 86 -4.90 -26.36 -2.31
CA THR B 86 -4.15 -25.92 -3.47
C THR B 86 -4.99 -25.80 -4.76
N VAL B 87 -6.01 -26.65 -4.91
CA VAL B 87 -6.86 -26.55 -6.10
C VAL B 87 -7.60 -25.23 -6.15
N LEU B 88 -7.82 -24.64 -4.98
CA LEU B 88 -8.53 -23.36 -4.90
C LEU B 88 -7.56 -22.20 -5.14
N CAS B 89 -6.34 -22.52 -5.57
CA CAS B 89 -5.31 -21.51 -5.70
CB CAS B 89 -3.98 -22.08 -5.23
C CAS B 89 -5.16 -20.96 -7.10
O CAS B 89 -4.30 -20.09 -7.32
SG CAS B 89 -3.85 -21.90 -3.49
AS CAS B 89 -3.75 -19.68 -3.32
CE1 CAS B 89 -1.85 -19.11 -3.24
CE2 CAS B 89 -4.63 -18.85 -4.89
N GLY B 90 -5.97 -21.45 -8.04
CA GLY B 90 -5.92 -20.95 -9.40
C GLY B 90 -6.19 -22.09 -10.36
N SER B 91 -6.87 -21.80 -11.46
CA SER B 91 -7.24 -22.84 -12.41
C SER B 91 -7.06 -22.36 -13.84
N GLN B 92 -7.25 -23.27 -14.81
CA GLN B 92 -7.03 -22.94 -16.21
C GLN B 92 -7.82 -21.72 -16.68
N MLY B 93 -9.10 -21.66 -16.33
CA MLY B 93 -9.96 -20.56 -16.73
CB MLY B 93 -11.43 -21.02 -16.71
CG MLY B 93 -12.43 -20.08 -17.36
CD MLY B 93 -13.83 -20.71 -17.30
CE MLY B 93 -14.82 -20.03 -18.23
NZ MLY B 93 -16.08 -20.83 -18.44
CH1 MLY B 93 -15.73 -22.26 -18.53
CH2 MLY B 93 -16.92 -20.68 -17.25
C MLY B 93 -9.78 -19.34 -15.84
O MLY B 93 -10.01 -18.20 -16.26
N TYR B 94 -9.37 -19.57 -14.59
CA TYR B 94 -9.15 -18.47 -13.65
C TYR B 94 -7.77 -18.57 -12.98
N PRO B 95 -6.71 -18.26 -13.74
CA PRO B 95 -5.34 -18.49 -13.26
C PRO B 95 -4.82 -17.46 -12.27
N CYS B 96 -5.60 -16.44 -11.93
CA CYS B 96 -5.19 -15.48 -10.91
C CYS B 96 -5.03 -16.21 -9.57
N ARG B 97 -4.31 -15.59 -8.65
CA ARG B 97 -3.98 -16.21 -7.37
C ARG B 97 -5.30 -16.17 -6.61
N ASP B 98 -5.69 -17.33 -6.07
CA ASP B 98 -6.73 -17.45 -5.05
C ASP B 98 -8.11 -17.03 -5.55
N PRO B 99 -8.67 -17.79 -6.48
CA PRO B 99 -10.04 -17.57 -6.92
C PRO B 99 -11.01 -17.73 -5.77
N PHE B 100 -10.80 -18.73 -4.92
CA PHE B 100 -11.73 -19.02 -3.84
C PHE B 100 -11.90 -17.84 -2.90
N PHE B 101 -10.81 -17.38 -2.32
CA PHE B 101 -10.87 -16.26 -1.39
C PHE B 101 -11.34 -14.95 -2.03
N LYS B 102 -10.98 -14.74 -3.29
CA LYS B 102 -11.48 -13.55 -4.01
C LYS B 102 -12.99 -13.65 -4.24
N MET B 103 -13.48 -14.85 -4.61
CA MET B 103 -14.91 -15.05 -4.84
C MET B 103 -15.76 -14.84 -3.58
N LEU B 104 -15.15 -15.01 -2.41
CA LEU B 104 -15.84 -14.74 -1.15
C LEU B 104 -16.35 -13.31 -1.12
N ASN B 105 -15.62 -12.41 -1.77
CA ASN B 105 -15.94 -11.00 -1.75
C ASN B 105 -16.57 -10.53 -3.06
N ARG B 106 -16.89 -11.49 -3.92
CA ARG B 106 -17.48 -11.16 -5.22
C ARG B 106 -18.81 -11.90 -5.37
N SER B 107 -19.39 -12.31 -4.25
CA SER B 107 -20.62 -13.10 -4.29
C SER B 107 -21.54 -12.80 -3.10
N LEU B 108 -22.74 -13.39 -3.14
CA LEU B 108 -23.67 -13.27 -2.03
C LEU B 108 -23.96 -14.64 -1.43
N SER B 109 -22.97 -15.52 -1.50
CA SER B 109 -23.12 -16.89 -1.03
C SER B 109 -23.57 -16.95 0.42
N THR B 110 -24.31 -18.00 0.75
CA THR B 110 -24.70 -18.25 2.13
C THR B 110 -23.71 -19.20 2.77
N PHE B 111 -22.90 -19.86 1.95
CA PHE B 111 -21.86 -20.77 2.43
C PHE B 111 -20.89 -21.07 1.29
N MET B 112 -19.60 -21.09 1.60
CA MET B 112 -18.56 -21.38 0.63
C MET B 112 -17.41 -22.00 1.39
N ASN B 113 -17.11 -23.27 1.14
CA ASN B 113 -15.98 -23.90 1.80
C ASN B 113 -15.55 -25.17 1.08
N ALA B 114 -14.68 -25.93 1.72
CA ALA B 114 -14.22 -27.22 1.23
C ALA B 114 -13.76 -28.00 2.45
N PHE B 115 -13.99 -29.32 2.43
N PHE B 115 -13.93 -29.32 2.41
CA PHE B 115 -13.64 -30.16 3.56
CA PHE B 115 -13.64 -30.16 3.56
C PHE B 115 -12.93 -31.43 3.09
C PHE B 115 -13.00 -31.47 3.15
N THR B 116 -12.02 -31.93 3.91
CA THR B 116 -11.34 -33.18 3.64
C THR B 116 -11.62 -34.16 4.77
N ALA B 117 -12.37 -35.20 4.47
CA ALA B 117 -12.59 -36.28 5.42
C ALA B 117 -11.51 -37.33 5.22
N SER B 118 -11.61 -38.46 5.93
CA SER B 118 -10.61 -39.51 5.85
C SER B 118 -10.44 -40.03 4.43
N ASP B 119 -11.55 -40.37 3.80
CA ASP B 119 -11.45 -40.95 2.47
C ASP B 119 -12.28 -40.23 1.40
N TYR B 120 -12.67 -38.99 1.68
CA TYR B 120 -13.30 -38.17 0.65
C TYR B 120 -13.04 -36.69 0.86
N THR B 121 -13.11 -35.92 -0.22
CA THR B 121 -12.98 -34.47 -0.15
C THR B 121 -14.25 -33.90 -0.75
N LEU B 122 -14.82 -32.89 -0.09
CA LEU B 122 -16.13 -32.38 -0.45
C LEU B 122 -16.05 -30.87 -0.68
N TYR B 123 -16.61 -30.39 -1.79
CA TYR B 123 -16.53 -28.97 -2.14
C TYR B 123 -17.93 -28.37 -2.32
N PRO B 124 -18.49 -27.80 -1.25
CA PRO B 124 -19.85 -27.28 -1.30
C PRO B 124 -19.94 -25.75 -1.29
N PHE B 125 -20.95 -25.22 -1.97
CA PHE B 125 -21.30 -23.80 -1.81
C PHE B 125 -22.82 -23.67 -1.89
N SER B 126 -23.34 -22.59 -1.33
CA SER B 126 -24.78 -22.32 -1.42
C SER B 126 -25.04 -20.84 -1.57
N THR B 127 -26.15 -20.51 -2.23
CA THR B 127 -26.54 -19.11 -2.42
C THR B 127 -28.03 -19.02 -2.78
N GLN B 128 -28.61 -17.85 -2.57
CA GLN B 128 -30.00 -17.63 -2.94
C GLN B 128 -30.13 -16.87 -4.26
N ASN B 129 -28.98 -16.55 -4.86
CA ASN B 129 -28.97 -15.83 -6.13
C ASN B 129 -28.56 -16.74 -7.28
N PRO B 130 -29.43 -16.89 -8.28
CA PRO B 130 -29.20 -17.81 -9.41
C PRO B 130 -27.99 -17.45 -10.26
N LYS B 131 -27.71 -16.16 -10.45
CA LYS B 131 -26.52 -15.78 -11.20
C LYS B 131 -25.28 -16.12 -10.39
N ASP B 132 -25.32 -15.79 -9.11
CA ASP B 132 -24.25 -16.12 -8.18
C ASP B 132 -23.97 -17.63 -8.21
N PHE B 133 -25.02 -18.44 -8.25
CA PHE B 133 -24.89 -19.89 -8.29
C PHE B 133 -24.10 -20.35 -9.52
N GLN B 134 -24.44 -19.78 -10.68
CA GLN B 134 -23.72 -20.12 -11.91
C GLN B 134 -22.25 -19.71 -11.85
N ASN B 135 -21.99 -18.53 -11.30
CA ASN B 135 -20.63 -18.03 -11.16
C ASN B 135 -19.80 -18.95 -10.28
N LEU B 136 -20.33 -19.28 -9.10
CA LEU B 136 -19.63 -20.13 -8.16
C LEU B 136 -19.42 -21.54 -8.73
N LEU B 137 -20.44 -22.05 -9.42
CA LEU B 137 -20.35 -23.36 -10.07
C LEU B 137 -19.17 -23.42 -11.05
N SER B 138 -19.03 -22.39 -11.88
CA SER B 138 -17.91 -22.34 -12.83
C SER B 138 -16.55 -22.32 -12.14
N VAL B 139 -16.46 -21.57 -11.05
CA VAL B 139 -15.19 -21.48 -10.33
C VAL B 139 -14.85 -22.80 -9.65
N TYR B 140 -15.86 -23.44 -9.05
CA TYR B 140 -15.65 -24.71 -8.37
C TYR B 140 -15.32 -25.85 -9.35
N LEU B 141 -16.00 -25.86 -10.50
CA LEU B 141 -15.73 -26.88 -11.51
C LEU B 141 -14.31 -26.73 -12.07
N ASP B 142 -13.91 -25.50 -12.37
CA ASP B 142 -12.61 -25.27 -12.95
C ASP B 142 -11.50 -25.56 -11.94
N ALA B 143 -11.73 -25.17 -10.69
CA ALA B 143 -10.78 -25.45 -9.62
C ALA B 143 -10.55 -26.94 -9.40
N THR B 144 -11.63 -27.69 -9.26
CA THR B 144 -11.51 -29.11 -8.92
C THR B 144 -10.99 -29.95 -10.09
N PHE B 145 -11.43 -29.64 -11.31
CA PHE B 145 -11.02 -30.43 -12.46
C PHE B 145 -9.79 -29.92 -13.21
N PHE B 146 -9.61 -28.60 -13.27
CA PHE B 146 -8.47 -28.05 -14.00
C PHE B 146 -7.63 -27.07 -13.17
N PRO B 147 -7.15 -27.50 -12.00
CA PRO B 147 -6.41 -26.58 -11.14
C PRO B 147 -5.03 -26.24 -11.66
N CAS B 148 -4.48 -25.13 -11.19
CA CAS B 148 -3.14 -24.73 -11.58
CB CAS B 148 -2.94 -23.25 -11.28
C CAS B 148 -2.08 -25.54 -10.87
O CAS B 148 -1.05 -25.86 -11.49
SG CAS B 148 -3.78 -22.28 -12.49
AS CAS B 148 -2.68 -22.87 -14.34
CE1 CAS B 148 -3.35 -21.80 -15.88
CE2 CAS B 148 -2.96 -24.80 -14.71
N LEU B 149 -2.30 -25.89 -9.61
CA LEU B 149 -1.30 -26.64 -8.85
C LEU B 149 0.10 -26.09 -9.07
N ARG B 150 0.23 -24.76 -9.00
CA ARG B 150 1.54 -24.13 -9.08
C ARG B 150 2.39 -24.46 -7.86
N GLU B 151 3.69 -24.57 -8.06
CA GLU B 151 4.61 -24.97 -6.99
C GLU B 151 4.52 -24.04 -5.79
N LEU B 152 4.56 -22.73 -6.04
CA LEU B 152 4.59 -21.75 -4.95
C LEU B 152 3.25 -21.65 -4.22
N ASP B 153 2.19 -22.05 -4.89
CA ASP B 153 0.88 -22.16 -4.25
C ASP B 153 0.87 -23.33 -3.27
N PHE B 154 1.49 -24.43 -3.70
CA PHE B 154 1.72 -25.57 -2.83
C PHE B 154 2.60 -25.14 -1.65
N TRP B 155 3.64 -24.34 -1.91
CA TRP B 155 4.53 -23.88 -0.84
C TRP B 155 3.79 -23.05 0.20
N GLN B 156 2.84 -22.24 -0.24
CA GLN B 156 2.08 -21.41 0.68
C GLN B 156 1.10 -22.22 1.53
N GLU B 157 0.35 -23.10 0.87
CA GLU B 157 -0.75 -23.81 1.51
C GLU B 157 -0.33 -25.08 2.24
N GLY B 158 0.74 -25.71 1.75
CA GLY B 158 1.20 -26.97 2.33
C GLY B 158 2.34 -26.79 3.31
N TRP B 159 3.56 -26.86 2.80
CA TRP B 159 4.74 -26.61 3.60
C TRP B 159 5.83 -26.09 2.68
N ARG B 160 6.76 -25.34 3.25
CA ARG B 160 7.93 -24.86 2.51
C ARG B 160 9.06 -24.62 3.51
N LEU B 161 10.29 -24.59 2.99
CA LEU B 161 11.42 -24.06 3.73
C LEU B 161 11.53 -22.58 3.40
N GLU B 162 11.69 -21.75 4.43
CA GLU B 162 11.75 -20.31 4.23
C GLU B 162 12.72 -19.70 5.21
N HIS B 163 13.54 -18.75 4.73
CA HIS B 163 14.40 -17.98 5.62
C HIS B 163 13.52 -17.15 6.54
N GLU B 164 13.93 -17.02 7.80
CA GLU B 164 13.20 -16.18 8.76
C GLU B 164 12.99 -14.77 8.22
N ASN B 165 13.98 -14.24 7.51
CA ASN B 165 13.76 -13.07 6.65
C ASN B 165 14.02 -13.45 5.21
N PRO B 166 12.95 -13.59 4.43
CA PRO B 166 12.98 -14.02 3.02
C PRO B 166 13.94 -13.20 2.16
N SER B 167 14.22 -11.97 2.58
CA SER B 167 15.13 -11.09 1.84
C SER B 167 16.57 -11.20 2.31
N ASP B 168 16.81 -12.04 3.33
CA ASP B 168 18.15 -12.21 3.88
C ASP B 168 18.52 -13.70 3.99
N PRO B 169 19.27 -14.20 3.00
CA PRO B 169 19.64 -15.62 2.88
C PRO B 169 20.58 -16.11 3.98
N GLN B 170 21.04 -15.21 4.85
CA GLN B 170 21.91 -15.59 5.96
C GLN B 170 21.10 -16.00 7.18
N THR B 171 19.82 -15.67 7.20
CA THR B 171 18.93 -16.06 8.29
C THR B 171 18.57 -17.55 8.18
N PRO B 172 18.25 -18.20 9.32
CA PRO B 172 17.98 -19.63 9.29
C PRO B 172 16.74 -20.02 8.51
N LEU B 173 16.76 -21.21 7.93
CA LEU B 173 15.59 -21.75 7.23
C LEU B 173 14.65 -22.39 8.24
N VAL B 174 13.36 -22.12 8.11
CA VAL B 174 12.35 -22.74 8.98
C VAL B 174 11.20 -23.31 8.15
N PHE B 175 10.39 -24.17 8.79
CA PHE B 175 9.19 -24.71 8.14
C PHE B 175 8.07 -23.68 8.21
N MLY B 176 7.34 -23.50 7.12
CA MLY B 176 6.14 -22.67 7.12
CB MLY B 176 6.43 -21.27 6.59
CG MLY B 176 7.33 -20.45 7.50
CD MLY B 176 7.60 -19.09 6.89
CE MLY B 176 8.38 -18.20 7.84
NZ MLY B 176 8.44 -16.82 7.29
CH1 MLY B 176 9.49 -16.10 8.03
CH2 MLY B 176 7.16 -16.18 7.61
C MLY B 176 5.05 -23.31 6.27
O MLY B 176 5.34 -24.17 5.44
N GLY B 177 3.81 -22.90 6.49
CA GLY B 177 2.68 -23.41 5.72
C GLY B 177 1.35 -23.36 6.45
N VAL B 178 0.28 -23.08 5.71
CA VAL B 178 -1.06 -23.00 6.30
C VAL B 178 -1.54 -24.36 6.87
N VAL B 179 -1.52 -25.41 6.04
CA VAL B 179 -1.97 -26.72 6.52
C VAL B 179 -1.06 -27.23 7.64
N PHE B 180 0.23 -26.93 7.53
CA PHE B 180 1.23 -27.27 8.55
C PHE B 180 0.77 -26.78 9.92
N ASN B 181 0.40 -25.50 10.01
CA ASN B 181 -0.09 -24.94 11.26
C ASN B 181 -1.54 -25.27 11.58
N GLU B 182 -2.36 -25.44 10.53
CA GLU B 182 -3.75 -25.84 10.72
C GLU B 182 -3.78 -27.16 11.51
N MET B 183 -2.90 -28.08 11.15
CA MET B 183 -2.89 -29.41 11.76
C MET B 183 -2.23 -29.43 13.14
N LYS B 184 -1.21 -28.60 13.32
CA LYS B 184 -0.63 -28.42 14.65
C LYS B 184 -1.71 -27.97 15.63
N GLY B 185 -2.53 -27.00 15.21
CA GLY B 185 -3.63 -26.52 16.02
C GLY B 185 -4.70 -27.58 16.21
N ALA B 186 -5.00 -28.32 15.15
CA ALA B 186 -5.98 -29.39 15.23
C ALA B 186 -5.60 -30.39 16.31
N PHE B 187 -4.32 -30.78 16.34
CA PHE B 187 -3.87 -31.78 17.32
C PHE B 187 -3.44 -31.18 18.65
N THR B 188 -3.79 -29.91 18.87
CA THR B 188 -3.65 -29.28 20.17
C THR B 188 -4.83 -29.71 21.03
N ASP B 189 -5.91 -30.12 20.36
CA ASP B 189 -7.06 -30.71 21.01
C ASP B 189 -6.76 -32.19 21.29
N ASN B 190 -6.61 -32.53 22.56
CA ASN B 190 -6.24 -33.89 22.94
C ASN B 190 -7.29 -34.93 22.58
N GLU B 191 -8.55 -34.52 22.50
CA GLU B 191 -9.61 -35.43 22.07
C GLU B 191 -9.45 -35.83 20.61
N ARG B 192 -8.94 -34.91 19.80
CA ARG B 192 -8.69 -35.16 18.38
C ARG B 192 -7.50 -36.09 18.19
N ILE B 193 -6.47 -35.94 19.02
CA ILE B 193 -5.37 -36.90 19.02
C ILE B 193 -5.92 -38.30 19.30
N PHE B 194 -6.76 -38.40 20.32
CA PHE B 194 -7.30 -39.69 20.74
C PHE B 194 -8.14 -40.29 19.61
N SER B 195 -9.06 -39.49 19.09
CA SER B 195 -9.95 -39.92 18.02
C SER B 195 -9.20 -40.40 16.79
N GLN B 196 -8.11 -39.70 16.45
CA GLN B 196 -7.30 -40.05 15.29
C GLN B 196 -6.62 -41.41 15.44
N HIS B 197 -6.00 -41.63 16.60
CA HIS B 197 -5.33 -42.91 16.87
C HIS B 197 -6.34 -44.04 16.98
N LEU B 198 -7.52 -43.72 17.50
CA LEU B 198 -8.59 -44.70 17.61
C LEU B 198 -8.96 -45.24 16.23
N GLN B 199 -9.23 -44.35 15.29
CA GLN B 199 -9.58 -44.76 13.93
C GLN B 199 -8.42 -45.52 13.28
N ASN B 200 -7.20 -44.99 13.43
CA ASN B 200 -6.02 -45.60 12.82
C ASN B 200 -5.73 -47.03 13.32
N ARG B 201 -5.94 -47.27 14.61
CA ARG B 201 -5.68 -48.59 15.21
C ARG B 201 -6.81 -49.58 14.98
N LEU B 202 -8.04 -49.07 14.93
CA LEU B 202 -9.21 -49.93 14.76
C LEU B 202 -9.36 -50.36 13.30
N LEU B 203 -8.92 -49.51 12.38
CA LEU B 203 -9.02 -49.82 10.95
C LEU B 203 -7.65 -49.73 10.28
N PRO B 204 -6.74 -50.66 10.63
CA PRO B 204 -5.33 -50.54 10.27
C PRO B 204 -4.97 -50.98 8.84
N ASP B 205 -5.93 -51.54 8.11
CA ASP B 205 -5.59 -52.25 6.86
C ASP B 205 -5.44 -51.40 5.60
N HIS B 206 -6.11 -50.26 5.53
CA HIS B 206 -6.07 -49.45 4.32
C HIS B 206 -5.92 -47.96 4.64
N THR B 207 -6.67 -47.13 3.93
CA THR B 207 -6.51 -45.68 4.01
C THR B 207 -6.85 -45.14 5.40
N TYR B 208 -7.71 -45.84 6.15
CA TYR B 208 -8.11 -45.34 7.46
C TYR B 208 -6.99 -45.43 8.51
N SER B 209 -5.88 -46.05 8.14
CA SER B 209 -4.76 -46.23 9.07
C SER B 209 -3.85 -44.99 9.11
N VAL B 210 -4.09 -44.04 8.22
CA VAL B 210 -3.23 -42.86 8.15
C VAL B 210 -3.95 -41.59 8.61
N VAL B 211 -3.19 -40.51 8.72
CA VAL B 211 -3.72 -39.22 9.13
C VAL B 211 -4.02 -38.44 7.84
N SER B 212 -5.29 -38.45 7.43
CA SER B 212 -5.68 -37.86 6.16
C SER B 212 -5.44 -36.35 6.14
N GLY B 213 -5.66 -35.71 7.28
CA GLY B 213 -5.47 -34.27 7.39
C GLY B 213 -4.01 -33.89 7.33
N GLY B 214 -3.14 -34.84 7.68
CA GLY B 214 -1.71 -34.58 7.72
C GLY B 214 -1.15 -34.57 9.13
N ASP B 215 -0.18 -35.44 9.37
CA ASP B 215 0.57 -35.41 10.61
C ASP B 215 1.68 -34.38 10.41
N PRO B 216 1.76 -33.37 11.28
CA PRO B 216 2.72 -32.27 11.12
C PRO B 216 4.15 -32.76 10.92
N LEU B 217 4.50 -33.89 11.55
CA LEU B 217 5.83 -34.46 11.39
C LEU B 217 6.02 -35.15 10.04
N CYS B 218 4.92 -35.46 9.37
CA CYS B 218 5.00 -36.16 8.08
C CYS B 218 4.75 -35.24 6.87
N ILE B 219 4.07 -34.12 7.10
CA ILE B 219 3.79 -33.16 6.03
C ILE B 219 5.00 -32.77 5.13
N PRO B 220 6.17 -32.46 5.72
CA PRO B 220 7.29 -32.09 4.83
C PRO B 220 7.83 -33.23 3.95
N GLU B 221 7.28 -34.44 4.06
CA GLU B 221 7.65 -35.53 3.16
C GLU B 221 6.93 -35.41 1.82
N LEU B 222 5.93 -34.56 1.78
CA LEU B 222 5.11 -34.41 0.57
C LEU B 222 5.85 -33.57 -0.48
N THR B 223 5.91 -34.08 -1.70
CA THR B 223 6.54 -33.35 -2.79
C THR B 223 5.48 -32.79 -3.72
N TRP B 224 5.84 -31.73 -4.45
CA TRP B 224 4.97 -31.13 -5.43
C TRP B 224 4.52 -32.18 -6.43
N GLU B 225 5.45 -33.03 -6.87
CA GLU B 225 5.13 -34.10 -7.80
C GLU B 225 4.07 -35.07 -7.24
N GLN B 226 4.21 -35.47 -5.98
CA GLN B 226 3.24 -36.36 -5.35
C GLN B 226 1.87 -35.70 -5.25
N LEU B 227 1.85 -34.39 -5.10
CA LEU B 227 0.61 -33.63 -5.02
C LEU B 227 -0.13 -33.67 -6.34
N MLY B 228 0.60 -33.41 -7.43
CA MLY B 228 0.00 -33.43 -8.77
CB MLY B 228 0.99 -32.89 -9.81
CG MLY B 228 1.41 -31.45 -9.57
CD MLY B 228 2.16 -30.87 -10.77
CE MLY B 228 3.46 -31.58 -11.04
NZ MLY B 228 4.23 -30.94 -12.15
CH1 MLY B 228 3.71 -31.50 -13.41
CH2 MLY B 228 5.62 -31.40 -12.03
C MLY B 228 -0.47 -34.83 -9.17
O MLY B 228 -1.52 -34.98 -9.79
N GLN B 229 0.30 -35.84 -8.79
CA GLN B 229 -0.06 -37.23 -9.06
C GLN B 229 -1.36 -37.64 -8.34
N PHE B 230 -1.50 -37.19 -7.10
CA PHE B 230 -2.70 -37.51 -6.32
C PHE B 230 -3.94 -36.90 -6.96
N HIS B 231 -3.80 -35.68 -7.48
CA HIS B 231 -4.92 -35.04 -8.16
C HIS B 231 -5.27 -35.81 -9.44
N ALA B 232 -4.26 -36.19 -10.20
CA ALA B 232 -4.51 -36.92 -11.45
C ALA B 232 -5.25 -38.24 -11.18
N THR B 233 -4.89 -38.92 -10.10
CA THR B 233 -5.48 -40.22 -9.76
C THR B 233 -6.90 -40.14 -9.19
N HIS B 234 -7.23 -39.03 -8.51
CA HIS B 234 -8.49 -38.97 -7.76
C HIS B 234 -9.51 -37.97 -8.29
N TYR B 235 -9.05 -36.94 -9.00
CA TYR B 235 -9.97 -35.89 -9.42
C TYR B 235 -10.47 -36.06 -10.85
N HIS B 236 -10.84 -37.29 -11.17
CA HIS B 236 -11.46 -37.61 -12.45
C HIS B 236 -12.96 -37.75 -12.20
N PRO B 237 -13.79 -37.29 -13.14
CA PRO B 237 -15.25 -37.36 -12.98
C PRO B 237 -15.79 -38.78 -12.74
N SER B 238 -15.11 -39.81 -13.22
CA SER B 238 -15.54 -41.18 -12.95
C SER B 238 -15.42 -41.49 -11.46
N ASN B 239 -14.65 -40.66 -10.75
CA ASN B 239 -14.43 -40.82 -9.33
C ASN B 239 -15.19 -39.77 -8.49
N ALA B 240 -16.14 -39.09 -9.12
CA ALA B 240 -16.83 -37.96 -8.50
C ALA B 240 -18.33 -38.18 -8.28
N ARG B 241 -18.88 -37.53 -7.25
CA ARG B 241 -20.33 -37.49 -7.04
C ARG B 241 -20.80 -36.04 -7.01
N PHE B 242 -21.78 -35.70 -7.85
CA PHE B 242 -22.31 -34.34 -7.90
C PHE B 242 -23.66 -34.26 -7.19
N PHE B 243 -23.89 -33.17 -6.47
CA PHE B 243 -25.11 -33.01 -5.66
C PHE B 243 -25.63 -31.58 -5.80
N THR B 244 -26.92 -31.42 -6.09
CA THR B 244 -27.54 -30.11 -6.00
C THR B 244 -28.83 -30.20 -5.21
N TYR B 245 -29.24 -29.08 -4.63
CA TYR B 245 -30.40 -29.03 -3.77
C TYR B 245 -31.05 -27.67 -3.96
N GLY B 246 -32.37 -27.63 -4.04
CA GLY B 246 -33.07 -26.36 -4.07
C GLY B 246 -34.04 -26.20 -5.21
N ASN B 247 -34.50 -24.97 -5.43
CA ASN B 247 -35.53 -24.71 -6.42
C ASN B 247 -35.02 -24.23 -7.78
N PHE B 248 -33.70 -24.03 -7.90
CA PHE B 248 -33.13 -23.67 -9.20
C PHE B 248 -33.26 -24.88 -10.13
N PRO B 249 -33.57 -24.62 -11.41
CA PRO B 249 -33.80 -25.69 -12.41
C PRO B 249 -32.57 -26.59 -12.60
N LEU B 250 -32.78 -27.90 -12.53
CA LEU B 250 -31.69 -28.87 -12.66
C LEU B 250 -30.98 -28.75 -14.00
N GLU B 251 -31.74 -28.57 -15.07
CA GLU B 251 -31.22 -28.53 -16.45
C GLU B 251 -30.00 -27.63 -16.59
N GLN B 252 -30.07 -26.46 -15.97
CA GLN B 252 -28.99 -25.47 -16.03
C GLN B 252 -27.72 -25.98 -15.36
N HIS B 253 -27.88 -26.69 -14.24
CA HIS B 253 -26.72 -27.26 -13.54
C HIS B 253 -26.03 -28.26 -14.44
N LEU B 254 -26.81 -29.19 -14.98
CA LEU B 254 -26.30 -30.27 -15.82
C LEU B 254 -25.57 -29.74 -17.05
N MLY B 255 -26.13 -28.68 -17.64
CA MLY B 255 -25.54 -28.06 -18.82
CB MLY B 255 -26.45 -26.96 -19.36
CG MLY B 255 -25.82 -26.17 -20.50
CD MLY B 255 -26.84 -25.37 -21.29
CE MLY B 255 -26.39 -25.28 -22.74
NZ MLY B 255 -26.41 -23.92 -23.32
CH1 MLY B 255 -25.67 -23.04 -22.41
CH2 MLY B 255 -25.63 -23.98 -24.57
C MLY B 255 -24.15 -27.51 -18.54
O MLY B 255 -23.21 -27.77 -19.30
N GLN B 256 -24.02 -26.77 -17.44
CA GLN B 256 -22.73 -26.22 -17.03
C GLN B 256 -21.72 -27.33 -16.72
N ILE B 257 -22.16 -28.30 -15.94
CA ILE B 257 -21.27 -29.38 -15.48
C ILE B 257 -20.73 -30.19 -16.66
N HIS B 258 -21.60 -30.48 -17.62
CA HIS B 258 -21.20 -31.23 -18.81
C HIS B 258 -20.29 -30.40 -19.72
N GLU B 259 -20.75 -29.21 -20.08
CA GLU B 259 -20.03 -28.39 -21.06
C GLU B 259 -18.72 -27.80 -20.54
N GLU B 260 -18.67 -27.40 -19.28
CA GLU B 260 -17.47 -26.74 -18.76
C GLU B 260 -16.42 -27.71 -18.21
N ALA B 261 -16.79 -28.97 -18.01
CA ALA B 261 -15.87 -29.91 -17.37
C ALA B 261 -15.94 -31.35 -17.89
N LEU B 262 -17.06 -32.02 -17.67
CA LEU B 262 -17.17 -33.47 -17.90
C LEU B 262 -16.92 -33.89 -19.34
N SER B 263 -17.21 -33.02 -20.29
CA SER B 263 -17.03 -33.34 -21.71
C SER B 263 -15.57 -33.46 -22.12
N MLY B 264 -14.67 -33.04 -21.24
CA MLY B 264 -13.23 -33.13 -21.51
CB MLY B 264 -12.47 -32.05 -20.74
CG MLY B 264 -12.71 -30.62 -21.21
CD MLY B 264 -11.49 -29.77 -20.88
CE MLY B 264 -11.72 -28.30 -21.17
NZ MLY B 264 -10.45 -27.52 -21.11
CH1 MLY B 264 -10.80 -26.11 -21.29
CH2 MLY B 264 -9.90 -27.65 -19.76
C MLY B 264 -12.66 -34.48 -21.13
O MLY B 264 -11.47 -34.74 -21.35
N PHE B 265 -13.49 -35.36 -20.56
CA PHE B 265 -13.00 -36.63 -20.05
C PHE B 265 -13.62 -37.84 -20.72
N GLN B 266 -12.91 -38.97 -20.68
CA GLN B 266 -13.49 -40.27 -21.04
C GLN B 266 -13.65 -41.06 -19.76
N MLY B 267 -14.39 -42.16 -19.80
CA MLY B 267 -14.59 -42.99 -18.62
CB MLY B 267 -15.75 -43.97 -18.84
CG MLY B 267 -16.08 -44.81 -17.61
CD MLY B 267 -17.26 -45.73 -17.87
CE MLY B 267 -18.54 -44.96 -18.12
NZ MLY B 267 -19.65 -45.87 -18.51
CH1 MLY B 267 -20.90 -45.25 -18.04
CH2 MLY B 267 -19.71 -45.85 -19.98
C MLY B 267 -13.32 -43.76 -18.23
O MLY B 267 -12.62 -44.28 -19.09
N ILE B 268 -13.02 -43.79 -16.94
CA ILE B 268 -11.94 -44.63 -16.43
C ILE B 268 -12.48 -45.50 -15.31
N GLU B 269 -11.69 -46.49 -14.90
CA GLU B 269 -11.97 -47.24 -13.69
C GLU B 269 -11.03 -46.72 -12.61
N PRO B 270 -11.53 -45.81 -11.76
CA PRO B 270 -10.65 -45.16 -10.78
C PRO B 270 -10.08 -46.16 -9.79
N SER B 271 -8.79 -46.05 -9.52
CA SER B 271 -8.11 -46.95 -8.60
C SER B 271 -8.21 -46.40 -7.18
N THR B 272 -9.44 -46.28 -6.68
CA THR B 272 -9.69 -45.56 -5.44
C THR B 272 -10.61 -46.30 -4.47
N VAL B 273 -10.88 -47.57 -4.73
CA VAL B 273 -11.80 -48.34 -3.90
C VAL B 273 -11.23 -48.54 -2.50
N VAL B 274 -12.05 -48.32 -1.48
CA VAL B 274 -11.65 -48.66 -0.12
C VAL B 274 -12.16 -50.07 0.18
N PRO B 275 -11.24 -51.02 0.36
CA PRO B 275 -11.65 -52.41 0.60
C PRO B 275 -12.23 -52.60 2.00
N ALA B 276 -13.01 -53.66 2.16
CA ALA B 276 -13.58 -53.98 3.47
C ALA B 276 -12.47 -54.29 4.47
N GLN B 277 -12.64 -53.83 5.70
CA GLN B 277 -11.72 -54.22 6.77
C GLN B 277 -12.01 -55.67 7.17
N THR B 278 -10.98 -56.51 7.14
CA THR B 278 -11.15 -57.89 7.58
C THR B 278 -11.12 -57.94 9.10
N PRO B 279 -12.18 -58.50 9.70
CA PRO B 279 -12.31 -58.55 11.15
C PRO B 279 -11.17 -59.32 11.82
N TRP B 280 -10.72 -58.81 12.96
CA TRP B 280 -9.73 -59.50 13.79
C TRP B 280 -10.36 -60.76 14.38
N ASP B 281 -9.53 -61.75 14.68
CA ASP B 281 -10.00 -62.96 15.37
C ASP B 281 -9.87 -62.76 16.88
N LYS B 282 -9.26 -61.63 17.25
CA LYS B 282 -8.81 -61.40 18.62
C LYS B 282 -8.72 -59.90 18.91
N PRO B 283 -9.15 -59.49 20.11
CA PRO B 283 -9.10 -58.07 20.51
C PRO B 283 -7.68 -57.52 20.62
N ARG B 284 -7.54 -56.22 20.47
CA ARG B 284 -6.24 -55.58 20.63
C ARG B 284 -6.33 -54.44 21.63
N GLU B 285 -5.18 -54.06 22.18
CA GLU B 285 -5.08 -52.90 23.05
C GLU B 285 -3.81 -52.10 22.74
N PHE B 286 -3.89 -50.79 22.90
CA PHE B 286 -2.74 -49.90 22.66
C PHE B 286 -2.73 -48.76 23.66
N GLN B 287 -1.54 -48.23 23.91
CA GLN B 287 -1.35 -47.06 24.76
C GLN B 287 -0.76 -45.94 23.91
N ILE B 288 -1.25 -44.71 24.12
CA ILE B 288 -0.67 -43.55 23.46
C ILE B 288 -0.49 -42.42 24.46
N THR B 289 0.13 -41.34 23.98
CA THR B 289 0.39 -40.15 24.75
C THR B 289 -0.32 -38.97 24.07
N CAS B 290 -0.84 -38.09 24.91
CA CAS B 290 -1.42 -36.79 24.59
CB CAS B 290 -2.73 -36.89 25.37
C CAS B 290 -0.65 -35.60 25.06
O CAS B 290 -0.02 -35.63 26.13
SG CAS B 290 -2.38 -36.82 27.10
AS CAS B 290 -4.08 -35.53 27.78
CE1 CAS B 290 -5.73 -36.63 27.88
CE2 CAS B 290 -3.67 -34.78 29.58
N GLY B 291 -0.86 -34.44 24.44
CA GLY B 291 -0.48 -33.20 25.12
C GLY B 291 -1.21 -33.04 26.47
N PRO B 292 -0.66 -32.26 27.41
CA PRO B 292 -1.18 -32.24 28.78
C PRO B 292 -2.19 -31.13 29.07
N ASP B 293 -2.84 -31.12 30.25
CA ASP B 293 -3.79 -30.04 30.51
C ASP B 293 -3.34 -28.90 31.43
N MLZ B 301 -4.85 -38.25 37.61
CA MLZ B 301 -6.21 -38.58 37.28
CB MLZ B 301 -7.13 -38.03 38.35
CG MLZ B 301 -8.38 -38.88 38.47
CD MLZ B 301 -9.21 -38.44 39.66
CE MLZ B 301 -10.59 -39.06 39.58
NZ MLZ B 301 -11.30 -38.53 38.42
CM MLZ B 301 -11.67 -37.14 38.67
C MLZ B 301 -6.52 -38.01 35.93
O MLZ B 301 -7.54 -37.30 35.76
N GLN B 302 -5.69 -38.34 34.94
CA GLN B 302 -5.85 -37.79 33.60
C GLN B 302 -5.75 -38.86 32.51
N THR B 303 -6.17 -40.08 32.82
CA THR B 303 -6.17 -41.15 31.82
C THR B 303 -7.51 -41.20 31.10
N THR B 304 -7.46 -41.38 29.78
CA THR B 304 -8.64 -41.65 28.97
C THR B 304 -8.56 -43.08 28.47
N VAL B 305 -9.66 -43.84 28.61
CA VAL B 305 -9.71 -45.18 28.07
C VAL B 305 -11.04 -45.42 27.34
N SER B 306 -10.99 -46.11 26.21
CA SER B 306 -12.22 -46.50 25.52
C SER B 306 -12.10 -47.89 24.93
N VAL B 307 -13.24 -48.55 24.78
CA VAL B 307 -13.34 -49.82 24.08
C VAL B 307 -14.21 -49.58 22.84
N SER B 308 -13.71 -49.97 21.68
CA SER B 308 -14.43 -49.72 20.43
C SER B 308 -14.67 -51.01 19.67
N PHE B 309 -15.83 -51.09 19.03
CA PHE B 309 -16.26 -52.30 18.35
C PHE B 309 -16.49 -52.02 16.87
N LEU B 310 -15.98 -52.89 16.01
CA LEU B 310 -16.22 -52.78 14.57
C LEU B 310 -17.66 -53.16 14.21
N LEU B 311 -18.29 -52.32 13.39
CA LEU B 311 -19.68 -52.53 12.99
C LEU B 311 -19.70 -52.79 11.47
N PRO B 312 -20.85 -53.18 10.91
CA PRO B 312 -20.86 -53.47 9.46
C PRO B 312 -20.75 -52.25 8.54
N ASP B 313 -20.61 -52.52 7.25
CA ASP B 313 -20.60 -51.51 6.19
C ASP B 313 -21.80 -50.58 6.27
N ILE B 314 -21.56 -49.29 6.18
CA ILE B 314 -22.63 -48.30 6.22
C ILE B 314 -23.50 -48.35 4.97
N THR B 315 -23.01 -48.99 3.91
CA THR B 315 -23.81 -49.15 2.69
C THR B 315 -25.03 -50.06 2.91
N ASP B 316 -25.02 -50.85 3.97
CA ASP B 316 -26.22 -51.53 4.43
C ASP B 316 -27.02 -50.51 5.24
N THR B 317 -27.80 -49.69 4.55
CA THR B 317 -28.39 -48.50 5.17
C THR B 317 -29.31 -48.77 6.36
N PHE B 318 -30.13 -49.82 6.27
CA PHE B 318 -31.04 -50.10 7.37
C PHE B 318 -30.33 -50.59 8.63
N GLU B 319 -29.35 -51.47 8.45
CA GLU B 319 -28.59 -51.97 9.61
C GLU B 319 -27.82 -50.83 10.25
N ALA B 320 -27.33 -49.91 9.42
CA ALA B 320 -26.65 -48.71 9.91
C ALA B 320 -27.61 -47.82 10.70
N PHE B 321 -28.81 -47.65 10.18
CA PHE B 321 -29.85 -46.92 10.89
C PHE B 321 -30.12 -47.61 12.23
N THR B 322 -30.29 -48.93 12.17
CA THR B 322 -30.54 -49.72 13.37
C THR B 322 -29.45 -49.54 14.43
N LEU B 323 -28.19 -49.64 14.01
CA LEU B 323 -27.09 -49.57 14.97
C LEU B 323 -26.85 -48.15 15.47
N SER B 324 -27.18 -47.15 14.66
CA SER B 324 -27.10 -45.77 15.12
C SER B 324 -28.08 -45.54 16.27
N LEU B 325 -29.33 -45.95 16.06
CA LEU B 325 -30.36 -45.86 17.10
C LEU B 325 -29.95 -46.64 18.34
N LEU B 326 -29.44 -47.84 18.12
CA LEU B 326 -28.99 -48.69 19.23
C LEU B 326 -27.88 -48.01 20.01
N SER B 327 -26.97 -47.35 19.30
CA SER B 327 -25.87 -46.65 19.95
C SER B 327 -26.37 -45.53 20.86
N SER B 328 -27.41 -44.84 20.43
CA SER B 328 -28.02 -43.80 21.26
C SER B 328 -28.72 -44.41 22.48
N LEU B 329 -29.41 -45.52 22.29
CA LEU B 329 -30.04 -46.21 23.41
C LEU B 329 -28.98 -46.59 24.44
N LEU B 330 -27.81 -46.97 23.96
CA LEU B 330 -26.72 -47.43 24.83
C LEU B 330 -25.99 -46.33 25.61
N THR B 331 -25.89 -45.14 25.02
CA THR B 331 -25.00 -44.11 25.57
C THR B 331 -25.58 -42.72 25.81
N SER B 332 -26.79 -42.45 25.34
CA SER B 332 -27.31 -41.09 25.39
C SER B 332 -28.14 -40.80 26.65
N GLY B 333 -27.69 -39.86 27.46
CA GLY B 333 -28.46 -39.42 28.61
C GLY B 333 -28.39 -40.37 29.80
N PRO B 334 -28.87 -39.89 30.97
CA PRO B 334 -28.78 -40.59 32.26
C PRO B 334 -29.62 -41.86 32.38
N ASN B 335 -30.47 -42.14 31.40
CA ASN B 335 -31.19 -43.40 31.40
C ASN B 335 -30.49 -44.50 30.59
N SER B 336 -29.42 -44.13 29.89
CA SER B 336 -28.69 -45.11 29.08
C SER B 336 -27.78 -45.97 29.96
N PRO B 337 -27.62 -47.25 29.60
CA PRO B 337 -26.87 -48.19 30.44
C PRO B 337 -25.41 -47.81 30.64
N PHE B 338 -24.76 -47.27 29.63
CA PHE B 338 -23.35 -46.88 29.81
C PHE B 338 -23.18 -45.62 30.65
N TYR B 339 -24.15 -44.71 30.57
CA TYR B 339 -24.13 -43.53 31.43
C TYR B 339 -24.21 -43.98 32.89
N MLY B 340 -25.14 -44.88 33.17
CA MLY B 340 -25.36 -45.38 34.52
CB MLY B 340 -26.65 -46.23 34.58
CG MLY B 340 -27.93 -45.42 34.43
CD MLY B 340 -29.20 -46.23 34.75
CE MLY B 340 -29.69 -47.06 33.56
NZ MLY B 340 -31.05 -47.67 33.76
CH1 MLY B 340 -31.27 -47.92 35.19
CH2 MLY B 340 -32.06 -46.70 33.34
C MLY B 340 -24.17 -46.17 35.06
O MLY B 340 -23.74 -45.95 36.20
N ALA B 341 -23.60 -47.03 34.24
CA ALA B 341 -22.44 -47.82 34.65
C ALA B 341 -21.14 -47.01 34.74
N LEU B 342 -20.92 -46.09 33.80
CA LEU B 342 -19.63 -45.39 33.70
C LEU B 342 -19.61 -43.97 34.26
N ILE B 343 -20.53 -43.13 33.80
CA ILE B 343 -20.58 -41.73 34.24
C ILE B 343 -20.89 -41.65 35.73
N GLU B 344 -21.75 -42.54 36.21
CA GLU B 344 -22.17 -42.52 37.61
C GLU B 344 -21.31 -43.43 38.49
N SER B 345 -20.31 -44.06 37.90
CA SER B 345 -19.34 -44.87 38.65
C SER B 345 -18.46 -43.96 39.50
N GLY B 346 -18.34 -42.70 39.08
CA GLY B 346 -17.48 -41.75 39.76
C GLY B 346 -16.02 -41.97 39.43
N LEU B 347 -15.75 -42.90 38.51
CA LEU B 347 -14.37 -43.23 38.12
C LEU B 347 -13.72 -42.14 37.25
N GLY B 348 -14.52 -41.41 36.49
CA GLY B 348 -13.99 -40.41 35.58
C GLY B 348 -14.78 -39.12 35.57
N THR B 349 -14.58 -38.29 34.55
CA THR B 349 -15.24 -36.99 34.47
C THR B 349 -16.30 -36.93 33.38
N ASP B 350 -16.10 -37.70 32.30
CA ASP B 350 -16.95 -37.63 31.14
C ASP B 350 -16.68 -38.83 30.24
N PHE B 351 -17.55 -39.06 29.25
CA PHE B 351 -17.31 -40.10 28.26
C PHE B 351 -16.03 -39.80 27.50
N SER B 352 -15.33 -40.85 27.08
CA SER B 352 -14.20 -40.74 26.15
C SER B 352 -14.66 -40.12 24.82
N PRO B 353 -13.73 -39.56 24.03
CA PRO B 353 -14.11 -38.96 22.75
C PRO B 353 -14.69 -39.96 21.75
N ASP B 354 -15.55 -39.47 20.85
CA ASP B 354 -16.22 -40.29 19.85
C ASP B 354 -17.11 -41.39 20.42
N VAL B 355 -17.66 -41.16 21.61
CA VAL B 355 -18.57 -42.13 22.20
C VAL B 355 -19.81 -42.29 21.32
N GLY B 356 -20.24 -43.53 21.12
CA GLY B 356 -21.42 -43.79 20.31
C GLY B 356 -21.09 -44.29 18.92
N TYR B 357 -22.02 -44.10 18.00
CA TYR B 357 -21.90 -44.58 16.63
C TYR B 357 -21.01 -43.65 15.81
N ASN B 358 -20.08 -44.22 15.07
CA ASN B 358 -19.19 -43.44 14.21
C ASN B 358 -19.31 -43.95 12.78
N GLY B 359 -19.91 -43.15 11.90
CA GLY B 359 -20.27 -43.62 10.57
C GLY B 359 -19.65 -42.87 9.40
N TYR B 360 -18.46 -42.33 9.60
CA TYR B 360 -17.75 -41.63 8.52
C TYR B 360 -16.92 -42.60 7.69
N THR B 361 -16.67 -43.79 8.24
CA THR B 361 -15.81 -44.78 7.61
C THR B 361 -16.65 -45.90 6.99
N ARG B 362 -16.09 -46.60 6.00
CA ARG B 362 -16.83 -47.64 5.28
C ARG B 362 -17.47 -48.65 6.23
N GLU B 363 -16.70 -49.16 7.19
CA GLU B 363 -17.29 -49.88 8.32
C GLU B 363 -17.45 -48.89 9.45
N ALA B 364 -18.66 -48.78 9.98
CA ALA B 364 -18.91 -47.93 11.13
C ALA B 364 -18.30 -48.57 12.38
N TYR B 365 -18.20 -47.80 13.46
CA TYR B 365 -17.80 -48.37 14.74
C TYR B 365 -18.49 -47.71 15.92
N PHE B 366 -18.62 -48.46 17.01
CA PHE B 366 -19.15 -47.95 18.26
C PHE B 366 -18.02 -47.79 19.24
N SER B 367 -18.05 -46.72 20.03
CA SER B 367 -17.04 -46.55 21.06
C SER B 367 -17.67 -46.11 22.38
N VAL B 368 -17.08 -46.55 23.48
CA VAL B 368 -17.50 -46.10 24.81
C VAL B 368 -16.33 -46.20 25.80
N GLY B 369 -16.31 -45.29 26.77
CA GLY B 369 -15.23 -45.22 27.74
C GLY B 369 -15.33 -43.96 28.58
N LEU B 370 -14.26 -43.65 29.30
CA LEU B 370 -14.22 -42.48 30.16
C LEU B 370 -12.92 -41.71 29.99
N GLN B 371 -12.97 -40.41 30.23
CA GLN B 371 -11.76 -39.64 30.43
C GLN B 371 -11.69 -39.20 31.89
N GLY B 372 -10.52 -38.73 32.33
CA GLY B 372 -10.36 -38.29 33.70
C GLY B 372 -10.32 -39.39 34.76
N ILE B 373 -9.77 -40.55 34.41
CA ILE B 373 -9.62 -41.63 35.38
C ILE B 373 -8.17 -41.82 35.83
N VAL B 374 -7.98 -42.57 36.91
CA VAL B 374 -6.64 -42.99 37.35
C VAL B 374 -6.24 -44.24 36.57
N GLU B 375 -4.95 -44.33 36.22
CA GLU B 375 -4.43 -45.42 35.38
C GLU B 375 -4.79 -46.82 35.87
N LYS B 376 -4.79 -47.02 37.18
CA LYS B 376 -5.11 -48.32 37.76
C LYS B 376 -6.59 -48.67 37.55
N ASP B 377 -7.41 -47.66 37.34
CA ASP B 377 -8.85 -47.87 37.15
C ASP B 377 -9.23 -48.24 35.72
N ILE B 378 -8.24 -48.38 34.84
CA ILE B 378 -8.48 -48.80 33.47
C ILE B 378 -9.19 -50.15 33.41
N GLU B 379 -8.71 -51.11 34.20
CA GLU B 379 -9.26 -52.46 34.16
C GLU B 379 -10.69 -52.54 34.70
N THR B 380 -11.00 -51.75 35.72
CA THR B 380 -12.37 -51.74 36.24
C THR B 380 -13.36 -51.10 35.26
N VAL B 381 -12.92 -50.08 34.52
CA VAL B 381 -13.76 -49.51 33.46
C VAL B 381 -14.02 -50.56 32.38
N ARG B 382 -12.98 -51.28 31.98
CA ARG B 382 -13.11 -52.37 31.01
C ARG B 382 -14.08 -53.43 31.53
N SER B 383 -13.96 -53.75 32.82
CA SER B 383 -14.83 -54.73 33.45
C SER B 383 -16.28 -54.26 33.44
N LEU B 384 -16.48 -53.00 33.83
CA LEU B 384 -17.80 -52.37 33.83
C LEU B 384 -18.45 -52.40 32.44
N ILE B 385 -17.64 -52.16 31.41
CA ILE B 385 -18.13 -52.19 30.03
C ILE B 385 -18.61 -53.60 29.65
N ASP B 386 -17.78 -54.60 29.95
CA ASP B 386 -18.16 -56.00 29.71
C ASP B 386 -19.45 -56.36 30.43
N ARG B 387 -19.55 -55.95 31.69
CA ARG B 387 -20.71 -56.29 32.52
C ARG B 387 -21.99 -55.65 32.00
N THR B 388 -21.86 -54.40 31.54
CA THR B 388 -23.00 -53.68 30.99
C THR B 388 -23.54 -54.38 29.75
N ILE B 389 -22.63 -54.82 28.89
CA ILE B 389 -23.00 -55.57 27.70
C ILE B 389 -23.83 -56.80 28.06
N ASP B 390 -23.36 -57.56 29.06
CA ASP B 390 -24.07 -58.75 29.51
C ASP B 390 -25.47 -58.41 30.00
N GLU B 391 -25.60 -57.32 30.75
CA GLU B 391 -26.89 -56.91 31.28
C GLU B 391 -27.88 -56.50 30.18
N VAL B 392 -27.41 -55.72 29.21
CA VAL B 392 -28.28 -55.30 28.11
C VAL B 392 -28.75 -56.49 27.28
N VAL B 393 -27.86 -57.46 27.08
CA VAL B 393 -28.21 -58.68 26.36
C VAL B 393 -29.32 -59.44 27.08
N GLU B 394 -29.29 -59.47 28.40
CA GLU B 394 -30.30 -60.21 29.15
C GLU B 394 -31.60 -59.44 29.37
N LYS B 395 -31.51 -58.12 29.46
CA LYS B 395 -32.67 -57.29 29.82
C LYS B 395 -33.25 -56.47 28.67
N GLY B 396 -32.39 -55.99 27.78
CA GLY B 396 -32.85 -55.18 26.66
C GLY B 396 -33.17 -53.75 27.04
N PHE B 397 -34.07 -53.12 26.29
CA PHE B 397 -34.40 -51.72 26.53
C PHE B 397 -35.88 -51.50 26.87
N GLU B 398 -36.17 -50.44 27.61
CA GLU B 398 -37.53 -50.08 27.94
C GLU B 398 -38.26 -49.45 26.74
N ASP B 399 -39.52 -49.83 26.56
CA ASP B 399 -40.36 -49.31 25.49
C ASP B 399 -40.39 -47.79 25.43
N ASP B 400 -40.51 -47.14 26.59
CA ASP B 400 -40.65 -45.69 26.62
C ASP B 400 -39.38 -44.98 26.17
N ARG B 401 -38.21 -45.58 26.40
CA ARG B 401 -36.95 -45.02 25.91
C ARG B 401 -36.91 -45.09 24.39
N ILE B 402 -37.37 -46.21 23.84
CA ILE B 402 -37.40 -46.38 22.40
C ILE B 402 -38.36 -45.38 21.76
N GLU B 403 -39.52 -45.20 22.39
CA GLU B 403 -40.50 -44.22 21.92
C GLU B 403 -39.92 -42.79 21.93
N ALA B 404 -39.16 -42.47 22.98
CA ALA B 404 -38.57 -41.15 23.10
C ALA B 404 -37.52 -40.90 22.02
N LEU B 405 -36.75 -41.93 21.70
CA LEU B 405 -35.72 -41.81 20.65
C LEU B 405 -36.34 -41.64 19.26
N LEU B 406 -37.39 -42.39 18.98
CA LEU B 406 -38.08 -42.26 17.71
C LEU B 406 -38.76 -40.89 17.60
N HIS B 407 -39.24 -40.38 18.74
CA HIS B 407 -39.80 -39.04 18.79
C HIS B 407 -38.73 -38.00 18.51
N MLY B 408 -37.53 -38.25 19.02
CA MLY B 408 -36.38 -37.38 18.83
CB MLY B 408 -35.18 -37.94 19.61
CG MLY B 408 -33.96 -37.03 19.63
CD MLY B 408 -32.77 -37.77 20.24
CE MLY B 408 -31.67 -36.81 20.68
NZ MLY B 408 -30.40 -37.55 20.99
CH1 MLY B 408 -29.47 -36.58 21.59
CH2 MLY B 408 -30.71 -38.56 22.00
C MLY B 408 -36.03 -37.25 17.35
O MLY B 408 -35.77 -36.15 16.85
N ILE B 409 -36.06 -38.38 16.66
CA ILE B 409 -35.80 -38.40 15.21
C ILE B 409 -36.90 -37.69 14.43
N GLU B 410 -38.15 -37.83 14.89
CA GLU B 410 -39.27 -37.12 14.27
C GLU B 410 -39.06 -35.62 14.30
N ILE B 411 -38.61 -35.11 15.45
CA ILE B 411 -38.32 -33.68 15.57
C ILE B 411 -37.19 -33.25 14.64
N GLN B 412 -36.13 -34.06 14.58
CA GLN B 412 -35.00 -33.77 13.69
C GLN B 412 -35.47 -33.72 12.25
N MET B 413 -36.44 -34.56 11.92
CA MET B 413 -36.98 -34.65 10.57
C MET B 413 -37.88 -33.46 10.20
N LYS B 414 -38.57 -32.92 11.19
CA LYS B 414 -39.54 -31.86 10.96
C LYS B 414 -39.00 -30.44 11.13
N HIS B 415 -37.94 -30.30 11.93
CA HIS B 415 -37.33 -29.00 12.18
C HIS B 415 -36.86 -28.36 10.88
N GLN B 416 -37.20 -27.09 10.67
CA GLN B 416 -36.84 -26.40 9.44
C GLN B 416 -35.54 -25.62 9.63
N SER B 417 -34.54 -25.96 8.82
CA SER B 417 -33.21 -25.36 8.93
C SER B 417 -32.91 -24.47 7.72
N THR B 418 -32.01 -23.50 7.88
CA THR B 418 -31.60 -22.63 6.78
C THR B 418 -30.48 -23.25 5.95
N SER B 419 -29.90 -24.34 6.44
CA SER B 419 -28.81 -24.99 5.75
C SER B 419 -29.12 -26.46 5.50
N PHE B 420 -30.31 -26.73 4.96
CA PHE B 420 -30.75 -28.11 4.76
C PHE B 420 -29.90 -28.81 3.70
N GLY B 421 -29.59 -28.09 2.62
CA GLY B 421 -28.76 -28.63 1.55
C GLY B 421 -27.41 -29.09 2.04
N LEU B 422 -26.78 -28.29 2.90
CA LEU B 422 -25.46 -28.61 3.41
C LEU B 422 -25.51 -29.81 4.35
N MET B 423 -26.55 -29.85 5.19
CA MET B 423 -26.75 -30.96 6.10
C MET B 423 -26.95 -32.26 5.32
N LEU B 424 -27.72 -32.20 4.24
CA LEU B 424 -28.01 -33.39 3.46
C LEU B 424 -26.79 -33.95 2.73
N THR B 425 -26.01 -33.09 2.07
CA THR B 425 -24.84 -33.57 1.37
C THR B 425 -23.78 -34.16 2.33
N SER B 426 -23.66 -33.57 3.52
CA SER B 426 -22.72 -34.08 4.52
C SER B 426 -23.22 -35.41 5.08
N TYR B 427 -24.52 -35.49 5.30
CA TYR B 427 -25.15 -36.69 5.84
C TYR B 427 -24.95 -37.92 4.95
N ILE B 428 -25.11 -37.75 3.64
CA ILE B 428 -25.03 -38.89 2.73
C ILE B 428 -23.61 -39.19 2.24
N ALA B 429 -22.70 -38.26 2.46
CA ALA B 429 -21.37 -38.30 1.84
C ALA B 429 -20.61 -39.63 2.02
N SER B 430 -20.52 -40.13 3.24
CA SER B 430 -19.73 -41.32 3.50
C SER B 430 -20.34 -42.57 2.87
N CYS B 431 -21.66 -42.71 2.99
CA CYS B 431 -22.36 -43.83 2.37
C CYS B 431 -22.21 -43.80 0.85
N TRP B 432 -22.39 -42.62 0.28
CA TRP B 432 -22.26 -42.44 -1.17
C TRP B 432 -20.83 -42.72 -1.63
N ASN B 433 -19.86 -42.43 -0.79
CA ASN B 433 -18.44 -42.61 -1.11
C ASN B 433 -18.11 -44.06 -1.45
N HIS B 434 -18.86 -44.98 -0.87
CA HIS B 434 -18.63 -46.40 -1.09
C HIS B 434 -19.75 -47.01 -1.91
N ASP B 435 -20.35 -46.17 -2.75
CA ASP B 435 -21.32 -46.62 -3.75
C ASP B 435 -22.61 -47.17 -3.15
N GLY B 436 -22.94 -46.70 -1.95
CA GLY B 436 -24.23 -46.97 -1.36
C GLY B 436 -25.27 -46.05 -1.97
N ASP B 437 -26.54 -46.27 -1.63
CA ASP B 437 -27.64 -45.51 -2.20
C ASP B 437 -28.07 -44.40 -1.25
N PRO B 438 -27.67 -43.16 -1.57
CA PRO B 438 -27.97 -42.01 -0.70
C PRO B 438 -29.46 -41.75 -0.57
N VAL B 439 -30.25 -42.16 -1.56
CA VAL B 439 -31.70 -41.93 -1.50
C VAL B 439 -32.35 -42.74 -0.38
N GLU B 440 -31.76 -43.91 -0.07
CA GLU B 440 -32.26 -44.72 1.04
C GLU B 440 -32.05 -44.04 2.40
N LEU B 441 -31.05 -43.18 2.50
CA LEU B 441 -30.82 -42.42 3.73
C LEU B 441 -31.84 -41.31 3.90
N LEU B 442 -32.42 -40.86 2.80
CA LEU B 442 -33.40 -39.77 2.84
C LEU B 442 -34.76 -40.28 3.29
N MLY B 443 -35.02 -41.56 3.03
CA MLY B 443 -36.32 -42.15 3.33
CB MLY B 443 -36.60 -43.36 2.43
CG MLY B 443 -36.72 -42.96 0.95
CD MLY B 443 -36.38 -44.10 0.01
CE MLY B 443 -37.45 -45.19 -0.01
NZ MLY B 443 -37.13 -46.22 -1.05
CH1 MLY B 443 -38.23 -47.19 -1.05
CH2 MLY B 443 -37.17 -45.54 -2.36
C MLY B 443 -36.44 -42.53 4.81
O MLY B 443 -36.55 -43.70 5.17
N LEU B 444 -36.41 -41.50 5.66
CA LEU B 444 -36.44 -41.65 7.12
C LEU B 444 -37.73 -42.30 7.61
N GLY B 445 -38.85 -41.90 7.04
CA GLY B 445 -40.14 -42.45 7.42
C GLY B 445 -40.19 -43.96 7.20
N ASN B 446 -39.65 -44.39 6.06
CA ASN B 446 -39.55 -45.79 5.73
C ASN B 446 -38.67 -46.55 6.72
N GLN B 447 -37.55 -45.92 7.10
CA GLN B 447 -36.63 -46.52 8.06
C GLN B 447 -37.25 -46.67 9.45
N LEU B 448 -37.93 -45.63 9.92
CA LEU B 448 -38.61 -45.66 11.22
C LEU B 448 -39.68 -46.74 11.24
N ALA B 449 -40.49 -46.77 10.19
CA ALA B 449 -41.57 -47.75 10.08
C ALA B 449 -41.07 -49.19 10.15
N MLY B 450 -40.00 -49.49 9.42
CA MLY B 450 -39.43 -50.84 9.43
CB MLY B 450 -38.42 -51.02 8.30
CG MLY B 450 -37.90 -52.44 8.19
CD MLY B 450 -36.98 -52.64 6.99
CE MLY B 450 -36.48 -54.07 6.96
NZ MLY B 450 -35.52 -54.34 5.86
CH1 MLY B 450 -35.17 -55.75 5.94
CH2 MLY B 450 -36.26 -54.16 4.60
C MLY B 450 -38.80 -51.18 10.78
O MLY B 450 -38.89 -52.32 11.24
N PHE B 451 -38.17 -50.18 11.40
CA PHE B 451 -37.59 -50.36 12.73
C PHE B 451 -38.67 -50.74 13.74
N ARG B 452 -39.81 -50.05 13.71
CA ARG B 452 -40.93 -50.36 14.57
C ARG B 452 -41.44 -51.78 14.34
N GLN B 453 -41.68 -52.13 13.08
CA GLN B 453 -42.10 -53.48 12.70
C GLN B 453 -41.06 -54.47 13.19
N CAS B 454 -39.77 -54.33 12.99
CA CAS B 454 -38.72 -55.17 13.54
CB CAS B 454 -37.36 -54.53 13.29
C CAS B 454 -38.93 -55.38 15.02
O CAS B 454 -38.89 -56.54 15.48
SG CAS B 454 -36.94 -54.71 11.60
AS CAS B 454 -37.09 -56.92 11.37
CE1 CAS B 454 -35.31 -57.66 10.85
CE2 CAS B 454 -38.43 -57.36 9.98
N LEU B 455 -39.21 -54.33 15.78
CA LEU B 455 -39.45 -54.48 17.22
C LEU B 455 -40.66 -55.37 17.56
N GLN B 456 -41.76 -55.13 16.85
CA GLN B 456 -43.06 -55.78 17.08
C GLN B 456 -43.03 -57.26 16.70
N GLU B 457 -42.31 -57.60 15.65
CA GLU B 457 -42.23 -58.99 15.19
C GLU B 457 -41.20 -59.78 15.98
N ASN B 458 -40.25 -59.09 16.59
CA ASN B 458 -39.21 -59.75 17.39
C ASN B 458 -38.84 -58.93 18.62
N PRO B 459 -39.27 -59.39 19.80
CA PRO B 459 -39.04 -58.70 21.08
C PRO B 459 -37.59 -58.77 21.53
N LYS B 460 -36.83 -59.70 20.98
CA LYS B 460 -35.41 -59.84 21.34
C LYS B 460 -34.49 -59.19 20.30
N PHE B 461 -35.08 -58.43 19.39
CA PHE B 461 -34.37 -57.77 18.29
C PHE B 461 -33.11 -57.05 18.74
N LEU B 462 -33.27 -56.06 19.61
CA LEU B 462 -32.14 -55.23 20.03
C LEU B 462 -31.12 -56.02 20.85
N GLN B 463 -31.61 -56.90 21.72
CA GLN B 463 -30.74 -57.76 22.51
C GLN B 463 -29.84 -58.60 21.60
N GLU B 464 -30.43 -59.16 20.55
CA GLU B 464 -29.66 -60.00 19.62
C GLU B 464 -28.60 -59.19 18.85
N MLY B 465 -28.93 -57.96 18.48
CA MLY B 465 -27.96 -57.06 17.85
CB MLY B 465 -28.61 -55.72 17.46
CG MLY B 465 -29.63 -55.83 16.33
CD MLY B 465 -29.00 -56.41 15.08
CE MLY B 465 -30.06 -56.67 14.00
NZ MLY B 465 -29.47 -57.20 12.72
CH1 MLY B 465 -28.82 -58.49 13.03
CH2 MLY B 465 -30.59 -57.50 11.82
C MLY B 465 -26.78 -56.78 18.78
O MLY B 465 -25.62 -56.82 18.35
N VAL B 466 -27.08 -56.55 20.05
CA VAL B 466 -26.04 -56.30 21.04
C VAL B 466 -25.16 -57.53 21.24
N MLZ B 467 -25.79 -58.71 21.27
CA MLZ B 467 -25.07 -59.94 21.41
CB MLZ B 467 -26.09 -61.07 21.46
CG MLZ B 467 -25.45 -62.34 21.99
CD MLZ B 467 -26.56 -63.32 22.32
CE MLZ B 467 -26.08 -64.75 22.14
NZ MLZ B 467 -27.24 -65.63 22.16
CM MLZ B 467 -26.89 -66.87 22.85
C MLZ B 467 -24.13 -60.12 20.26
O MLZ B 467 -22.94 -60.50 20.45
N GLN B 468 -24.61 -59.84 19.06
CA GLN B 468 -23.83 -60.07 17.85
C GLN B 468 -22.67 -59.09 17.67
N TYR B 469 -22.93 -57.81 17.92
CA TYR B 469 -21.95 -56.77 17.60
C TYR B 469 -21.08 -56.31 18.78
N PHE B 470 -21.43 -56.76 19.99
CA PHE B 470 -20.69 -56.35 21.16
C PHE B 470 -20.17 -57.54 21.94
N MLZ B 471 -21.06 -58.45 22.31
CA MLZ B 471 -20.69 -59.60 23.11
CB MLZ B 471 -21.94 -60.26 23.63
CG MLZ B 471 -21.58 -61.44 24.54
CD MLZ B 471 -21.33 -60.93 25.95
CE MLZ B 471 -20.00 -61.46 26.47
NZ MLZ B 471 -19.74 -60.90 27.79
CM MLZ B 471 -18.91 -61.82 28.57
C MLZ B 471 -19.82 -60.56 22.34
O MLZ B 471 -18.73 -60.97 22.83
N ASN B 472 -20.24 -60.94 21.14
CA ASN B 472 -19.53 -61.95 20.35
C ASN B 472 -18.55 -61.36 19.34
N ASN B 473 -18.39 -60.05 19.35
CA ASN B 473 -17.53 -59.36 18.40
C ASN B 473 -16.07 -59.35 18.86
N GLN B 474 -15.19 -60.01 18.12
CA GLN B 474 -13.78 -60.08 18.49
C GLN B 474 -12.96 -58.88 17.99
N HIS B 475 -13.52 -58.13 17.04
CA HIS B 475 -12.87 -56.93 16.56
C HIS B 475 -13.09 -55.79 17.54
N MLY B 476 -12.42 -55.87 18.68
CA MLY B 476 -12.53 -54.87 19.74
CB MLY B 476 -13.06 -55.50 21.03
CG MLY B 476 -14.48 -55.98 20.98
CD MLY B 476 -14.93 -56.49 22.35
CE MLY B 476 -14.41 -57.89 22.65
NZ MLY B 476 -15.53 -58.84 22.86
CH1 MLY B 476 -14.95 -60.15 23.16
CH2 MLY B 476 -16.25 -58.40 24.06
C MLY B 476 -11.19 -54.25 20.03
O MLY B 476 -10.20 -54.95 20.24
N LEU B 477 -11.15 -52.92 20.04
CA LEU B 477 -9.95 -52.19 20.40
C LEU B 477 -10.11 -51.52 21.75
N THR B 478 -9.13 -51.75 22.64
CA THR B 478 -9.04 -50.99 23.88
C THR B 478 -7.89 -49.99 23.77
N LEU B 479 -8.22 -48.70 23.78
CA LEU B 479 -7.22 -47.66 23.63
C LEU B 479 -7.16 -46.80 24.88
N SER B 480 -5.96 -46.61 25.42
CA SER B 480 -5.81 -45.75 26.58
C SER B 480 -4.80 -44.66 26.28
N MET B 481 -4.98 -43.51 26.92
CA MET B 481 -4.15 -42.35 26.64
C MET B 481 -3.84 -41.62 27.94
N ARG B 482 -2.59 -41.22 28.11
CA ARG B 482 -2.16 -40.49 29.29
C ARG B 482 -1.28 -39.33 28.87
N PRO B 483 -1.32 -38.23 29.63
CA PRO B 483 -0.56 -37.02 29.26
C PRO B 483 0.94 -37.21 29.34
N ASP B 484 1.67 -36.52 28.47
CA ASP B 484 3.12 -36.41 28.58
C ASP B 484 3.44 -34.94 28.79
N ASP B 485 4.14 -34.65 29.89
CA ASP B 485 4.46 -33.27 30.26
C ASP B 485 5.23 -32.51 29.19
N LYS B 486 5.99 -33.23 28.38
CA LYS B 486 6.81 -32.60 27.34
C LYS B 486 6.40 -33.07 25.94
N TYR B 487 5.13 -33.41 25.77
CA TYR B 487 4.62 -33.90 24.50
C TYR B 487 5.01 -32.99 23.34
N HIS B 488 4.73 -31.69 23.48
CA HIS B 488 5.00 -30.74 22.41
C HIS B 488 6.49 -30.37 22.33
N GLU B 489 7.20 -30.55 23.43
CA GLU B 489 8.65 -30.33 23.44
C GLU B 489 9.38 -31.44 22.69
N MLY B 490 8.90 -32.67 22.83
CA MLY B 490 9.47 -33.80 22.10
CB MLY B 490 8.97 -35.13 22.68
CG MLY B 490 9.36 -35.37 24.13
CD MLY B 490 9.13 -36.82 24.54
CE MLY B 490 9.04 -36.94 26.06
NZ MLY B 490 9.39 -38.29 26.61
CH1 MLY B 490 9.02 -38.27 28.02
CH2 MLY B 490 8.54 -39.30 25.95
C MLY B 490 9.15 -33.70 20.61
O MLY B 490 9.97 -34.06 19.77
N GLN B 491 7.95 -33.21 20.31
CA GLN B 491 7.54 -33.00 18.91
C GLN B 491 8.41 -31.92 18.26
N ALA B 492 8.60 -30.81 18.96
CA ALA B 492 9.46 -29.73 18.48
C ALA B 492 10.91 -30.19 18.27
N GLN B 493 11.39 -31.08 19.14
CA GLN B 493 12.72 -31.67 18.99
C GLN B 493 12.81 -32.51 17.72
N VAL B 494 11.81 -33.36 17.50
CA VAL B 494 11.71 -34.14 16.28
C VAL B 494 11.66 -33.24 15.05
N GLU B 495 10.87 -32.18 15.13
CA GLU B 495 10.74 -31.24 14.01
C GLU B 495 12.07 -30.56 13.68
N ALA B 496 12.82 -30.18 14.72
CA ALA B 496 14.11 -29.53 14.55
C ALA B 496 15.10 -30.46 13.84
N THR B 497 15.06 -31.74 14.22
CA THR B 497 15.89 -32.76 13.59
C THR B 497 15.51 -32.93 12.12
N LYS B 498 14.21 -33.05 11.85
CA LYS B 498 13.71 -33.13 10.48
C LYS B 498 14.12 -31.90 9.67
N LEU B 499 14.05 -30.73 10.30
CA LEU B 499 14.42 -29.49 9.62
C LEU B 499 15.89 -29.50 9.23
N LYS B 500 16.76 -29.83 10.19
CA LYS B 500 18.21 -29.88 9.94
C LYS B 500 18.54 -30.85 8.82
N GLN B 501 17.86 -32.00 8.81
CA GLN B 501 18.10 -33.02 7.80
C GLN B 501 17.78 -32.53 6.39
N MLY B 502 16.70 -31.78 6.28
CA MLY B 502 16.29 -31.24 4.99
CB MLY B 502 14.81 -30.81 5.03
CG MLY B 502 14.17 -30.70 3.67
CD MLY B 502 12.66 -30.77 3.78
CE MLY B 502 12.18 -32.11 4.34
NZ MLY B 502 12.43 -33.26 3.44
CH1 MLY B 502 11.66 -34.39 3.97
CH2 MLY B 502 11.85 -32.94 2.12
C MLY B 502 17.18 -30.09 4.55
O MLY B 502 17.51 -29.96 3.37
N VAL B 503 17.60 -29.26 5.49
CA VAL B 503 18.49 -28.14 5.19
C VAL B 503 19.86 -28.67 4.74
N GLU B 504 20.42 -29.60 5.51
CA GLU B 504 21.70 -30.20 5.16
C GLU B 504 21.69 -30.87 3.79
N ALA B 505 20.52 -31.33 3.36
CA ALA B 505 20.39 -32.02 2.08
C ALA B 505 20.49 -31.06 0.89
N LEU B 506 20.43 -29.75 1.16
CA LEU B 506 20.41 -28.75 0.10
C LEU B 506 21.79 -28.51 -0.51
N SER B 507 21.90 -28.70 -1.82
CA SER B 507 23.10 -28.27 -2.54
C SER B 507 23.14 -26.74 -2.56
N PRO B 508 24.30 -26.16 -2.90
CA PRO B 508 24.37 -24.70 -3.02
C PRO B 508 23.40 -24.17 -4.07
N GLY B 509 23.14 -24.96 -5.11
CA GLY B 509 22.13 -24.64 -6.08
C GLY B 509 20.73 -24.65 -5.46
N ASP B 510 20.45 -25.67 -4.66
CA ASP B 510 19.15 -25.78 -4.00
C ASP B 510 18.90 -24.57 -3.10
N ARG B 511 19.92 -24.20 -2.33
CA ARG B 511 19.80 -23.07 -1.40
C ARG B 511 19.50 -21.78 -2.14
N GLN B 512 20.13 -21.61 -3.29
CA GLN B 512 19.88 -20.43 -4.11
C GLN B 512 18.44 -20.42 -4.63
N GLN B 513 17.98 -21.58 -5.11
CA GLN B 513 16.62 -21.72 -5.60
C GLN B 513 15.57 -21.46 -4.51
N ILE B 514 15.84 -21.94 -3.31
CA ILE B 514 14.91 -21.76 -2.19
C ILE B 514 14.80 -20.30 -1.83
N TYR B 515 15.93 -19.60 -1.87
CA TYR B 515 15.99 -18.17 -1.59
C TYR B 515 15.22 -17.38 -2.64
N GLU B 516 15.48 -17.68 -3.91
CA GLU B 516 14.80 -17.00 -5.01
C GLU B 516 13.30 -17.28 -5.03
N MLY B 517 12.94 -18.55 -4.82
CA MLY B 517 11.52 -18.94 -4.80
CB MLY B 517 11.41 -20.47 -4.79
CG MLY B 517 11.55 -21.10 -6.17
CD MLY B 517 11.60 -22.62 -6.09
CE MLY B 517 11.57 -23.24 -7.48
NZ MLY B 517 12.32 -24.54 -7.59
CH1 MLY B 517 12.06 -25.35 -6.40
CH2 MLY B 517 11.79 -25.28 -8.75
C MLY B 517 10.77 -18.34 -3.62
O MLY B 517 9.59 -18.01 -3.74
N GLY B 518 11.45 -18.18 -2.50
CA GLY B 518 10.86 -17.53 -1.34
C GLY B 518 10.55 -16.07 -1.62
N LEU B 519 11.45 -15.40 -2.33
CA LEU B 519 11.24 -14.01 -2.72
C LEU B 519 10.12 -13.90 -3.74
N GLU B 520 10.09 -14.87 -4.66
CA GLU B 520 9.06 -14.91 -5.70
C GLU B 520 7.67 -15.15 -5.10
N LEU B 521 7.59 -16.01 -4.08
CA LEU B 521 6.33 -16.22 -3.38
C LEU B 521 5.92 -14.94 -2.66
N ARG B 522 6.86 -14.34 -1.94
CA ARG B 522 6.59 -13.12 -1.18
C ARG B 522 6.11 -12.02 -2.12
N SER B 523 6.74 -11.93 -3.28
CA SER B 523 6.35 -11.00 -4.32
C SER B 523 4.92 -11.28 -4.82
N GLN B 524 4.61 -12.56 -5.09
CA GLN B 524 3.27 -12.92 -5.54
C GLN B 524 2.20 -12.64 -4.48
N GLN B 525 2.56 -12.73 -3.21
CA GLN B 525 1.62 -12.43 -2.13
C GLN B 525 1.44 -10.93 -1.91
N SER B 526 2.41 -10.13 -2.36
CA SER B 526 2.44 -8.69 -2.12
C SER B 526 1.85 -7.88 -3.27
N MLY B 527 2.18 -8.29 -4.49
CA MLY B 527 1.89 -7.55 -5.70
CB MLY B 527 2.68 -8.15 -6.87
CG MLY B 527 2.44 -7.51 -8.21
CD MLY B 527 3.33 -8.12 -9.31
CE MLY B 527 3.18 -9.64 -9.37
NZ MLY B 527 3.61 -10.25 -10.67
CH1 MLY B 527 2.65 -9.78 -11.69
CH2 MLY B 527 4.91 -9.70 -11.05
C MLY B 527 0.40 -7.52 -6.02
O MLY B 527 -0.23 -8.57 -6.14
N PRO B 528 -0.17 -6.31 -6.14
CA PRO B 528 -1.59 -6.18 -6.50
C PRO B 528 -1.80 -6.76 -7.88
N GLN B 529 -2.76 -7.66 -8.04
CA GLN B 529 -2.95 -8.34 -9.31
C GLN B 529 -4.38 -8.27 -9.82
N ASP B 530 -4.52 -8.31 -11.14
CA ASP B 530 -5.81 -8.19 -11.81
C ASP B 530 -6.67 -9.43 -11.57
N ALA B 531 -7.92 -9.22 -11.17
CA ALA B 531 -8.83 -10.33 -10.91
C ALA B 531 -10.06 -10.29 -11.83
N SER B 532 -9.94 -9.57 -12.95
CA SER B 532 -11.02 -9.47 -13.92
C SER B 532 -11.33 -10.82 -14.58
N CAS B 533 -10.50 -11.82 -14.30
CA CAS B 533 -10.75 -13.16 -14.80
CB CAS B 533 -9.51 -14.03 -14.55
C CAS B 533 -11.93 -13.78 -14.10
O CAS B 533 -12.56 -14.69 -14.67
SG CAS B 533 -8.49 -14.02 -15.99
AS CAS B 533 -6.52 -13.57 -15.04
CE1 CAS B 533 -5.06 -13.96 -16.34
CE2 CAS B 533 -6.45 -11.65 -14.53
N LEU B 534 -12.24 -13.33 -12.89
CA LEU B 534 -13.31 -13.91 -12.11
C LEU B 534 -14.68 -13.31 -12.39
N PRO B 535 -15.73 -14.13 -12.27
CA PRO B 535 -17.10 -13.62 -12.30
C PRO B 535 -17.32 -12.79 -11.06
N ALA B 536 -18.37 -11.98 -11.05
CA ALA B 536 -18.68 -11.14 -9.90
C ALA B 536 -20.10 -10.60 -9.95
N LEU B 537 -20.77 -10.56 -8.80
CA LEU B 537 -21.99 -9.80 -8.66
C LEU B 537 -21.58 -8.34 -8.46
N LYS B 538 -22.54 -7.43 -8.46
CA LYS B 538 -22.26 -6.03 -8.15
C LYS B 538 -23.18 -5.61 -7.01
N VAL B 539 -22.92 -4.43 -6.45
CA VAL B 539 -23.70 -3.97 -5.30
C VAL B 539 -25.16 -3.76 -5.68
N SER B 540 -25.43 -3.56 -6.97
CA SER B 540 -26.80 -3.42 -7.46
C SER B 540 -27.56 -4.75 -7.39
N ASP B 541 -26.83 -5.84 -7.17
CA ASP B 541 -27.46 -7.15 -7.01
C ASP B 541 -27.98 -7.36 -5.58
N ILE B 542 -27.63 -6.44 -4.69
CA ILE B 542 -28.09 -6.50 -3.30
C ILE B 542 -29.49 -5.88 -3.17
N GLU B 543 -30.40 -6.59 -2.52
CA GLU B 543 -31.75 -6.06 -2.26
C GLU B 543 -31.67 -4.76 -1.47
N PRO B 544 -32.31 -3.70 -1.99
CA PRO B 544 -32.31 -2.39 -1.32
C PRO B 544 -33.11 -2.43 -0.01
N THR B 545 -34.06 -3.34 0.07
CA THR B 545 -34.90 -3.46 1.27
C THR B 545 -35.11 -4.91 1.69
N ILE B 546 -35.39 -5.13 2.98
CA ILE B 546 -35.69 -6.45 3.50
C ILE B 546 -37.20 -6.59 3.73
N PRO B 547 -37.72 -7.83 3.71
CA PRO B 547 -39.15 -8.00 4.00
C PRO B 547 -39.44 -7.81 5.48
N VAL B 548 -40.59 -7.24 5.80
CA VAL B 548 -40.97 -6.98 7.18
C VAL B 548 -41.22 -8.29 7.94
N THR B 549 -40.75 -8.35 9.18
CA THR B 549 -41.07 -9.46 10.07
C THR B 549 -42.36 -9.13 10.80
N GLU B 550 -43.39 -9.94 10.61
CA GLU B 550 -44.68 -9.66 11.24
C GLU B 550 -44.82 -10.28 12.63
N LEU B 551 -45.04 -9.41 13.60
CA LEU B 551 -45.12 -9.80 15.00
C LEU B 551 -46.44 -9.34 15.60
N ASP B 552 -46.84 -9.99 16.68
CA ASP B 552 -48.00 -9.57 17.45
C ASP B 552 -47.66 -9.74 18.93
N VAL B 553 -47.47 -8.62 19.61
CA VAL B 553 -47.15 -8.65 21.04
C VAL B 553 -48.43 -8.57 21.87
N VAL B 554 -48.58 -9.50 22.80
CA VAL B 554 -49.77 -9.54 23.65
C VAL B 554 -49.40 -9.48 25.13
N LEU B 555 -49.96 -8.52 25.85
CA LEU B 555 -49.83 -8.48 27.30
C LEU B 555 -50.55 -9.68 27.89
N THR B 556 -49.87 -10.37 28.79
CA THR B 556 -50.36 -11.66 29.27
C THR B 556 -50.07 -11.85 30.75
N ALA B 557 -51.09 -12.25 31.50
CA ALA B 557 -50.95 -12.63 32.91
C ALA B 557 -50.25 -11.65 33.87
N GLY B 558 -50.60 -10.37 33.90
CA GLY B 558 -51.52 -9.74 32.97
C GLY B 558 -50.77 -8.61 32.28
N ASP B 559 -49.46 -8.58 32.51
CA ASP B 559 -48.59 -7.51 32.03
C ASP B 559 -47.28 -8.04 31.47
N ILE B 560 -47.20 -9.35 31.26
CA ILE B 560 -46.01 -9.95 30.68
C ILE B 560 -46.17 -10.02 29.17
N PRO B 561 -45.30 -9.30 28.43
CA PRO B 561 -45.43 -9.26 26.97
C PRO B 561 -45.05 -10.58 26.33
N VAL B 562 -45.90 -11.07 25.42
CA VAL B 562 -45.59 -12.27 24.67
C VAL B 562 -45.59 -11.97 23.19
N GLN B 563 -44.45 -12.25 22.55
CA GLN B 563 -44.27 -11.99 21.12
C GLN B 563 -44.63 -13.21 20.28
N TYR B 564 -45.65 -13.08 19.43
CA TYR B 564 -46.09 -14.18 18.57
C TYR B 564 -45.66 -13.94 17.13
N CYS B 565 -45.02 -14.94 16.53
CA CYS B 565 -44.56 -14.83 15.16
C CYS B 565 -44.98 -16.04 14.33
N ALA B 566 -45.95 -15.85 13.44
CA ALA B 566 -46.48 -16.94 12.63
C ALA B 566 -45.49 -17.32 11.53
N GLN B 567 -45.10 -18.59 11.49
CA GLN B 567 -44.07 -19.05 10.56
C GLN B 567 -44.32 -20.48 10.09
N PRO B 568 -43.86 -20.79 8.86
CA PRO B 568 -43.90 -22.16 8.35
C PRO B 568 -42.92 -23.08 9.08
N THR B 569 -43.24 -23.41 10.33
CA THR B 569 -42.36 -24.20 11.19
C THR B 569 -42.55 -25.71 11.03
N ASN B 570 -43.46 -26.11 10.14
CA ASN B 570 -43.73 -27.53 9.88
C ASN B 570 -44.22 -28.31 11.12
N GLY B 571 -45.19 -27.74 11.83
CA GLY B 571 -45.81 -28.43 12.95
C GLY B 571 -44.96 -28.43 14.20
N MET B 572 -44.06 -27.46 14.30
CA MET B 572 -43.19 -27.29 15.46
C MET B 572 -43.54 -25.99 16.19
N VAL B 573 -43.35 -25.99 17.50
CA VAL B 573 -43.51 -24.75 18.28
C VAL B 573 -42.21 -24.41 18.98
N TYR B 574 -41.81 -23.15 18.91
CA TYR B 574 -40.57 -22.71 19.57
C TYR B 574 -40.89 -21.67 20.64
N PHE B 575 -40.52 -21.98 21.88
CA PHE B 575 -40.81 -21.09 22.98
C PHE B 575 -39.54 -20.50 23.60
N ARG B 576 -39.57 -19.20 23.88
CA ARG B 576 -38.52 -18.58 24.67
C ARG B 576 -39.10 -17.69 25.76
N ALA B 577 -38.44 -17.68 26.91
CA ALA B 577 -38.73 -16.73 27.96
C ALA B 577 -37.41 -16.10 28.35
N PHE B 578 -37.42 -14.79 28.59
CA PHE B 578 -36.23 -14.09 29.03
C PHE B 578 -36.48 -13.45 30.38
N SER B 579 -35.67 -13.82 31.37
CA SER B 579 -35.87 -13.33 32.74
C SER B 579 -34.67 -12.49 33.17
N SER B 580 -34.94 -11.26 33.61
CA SER B 580 -33.90 -10.32 33.98
C SER B 580 -33.03 -10.75 35.16
N LEU B 581 -31.76 -10.36 35.12
CA LEU B 581 -30.80 -10.63 36.18
C LEU B 581 -30.68 -9.43 37.14
N ASN B 582 -31.52 -8.42 36.94
CA ASN B 582 -31.37 -7.16 37.65
C ASN B 582 -31.52 -7.20 39.17
N THR B 583 -32.29 -8.16 39.69
CA THR B 583 -32.46 -8.24 41.15
C THR B 583 -31.45 -9.16 41.82
N LEU B 584 -30.66 -9.87 41.01
CA LEU B 584 -29.71 -10.83 41.55
C LEU B 584 -28.53 -10.16 42.26
N PRO B 585 -28.24 -10.58 43.50
CA PRO B 585 -27.02 -10.18 44.20
C PRO B 585 -25.80 -10.50 43.33
N GLU B 586 -25.02 -9.48 43.00
CA GLU B 586 -23.97 -9.63 41.99
C GLU B 586 -22.88 -10.63 42.37
N GLU B 587 -22.76 -10.98 43.65
CA GLU B 587 -21.83 -12.02 44.06
C GLU B 587 -22.26 -13.40 43.57
N LEU B 588 -23.51 -13.52 43.14
CA LEU B 588 -24.03 -14.80 42.64
C LEU B 588 -23.86 -14.96 41.13
N ARG B 589 -23.64 -13.84 40.43
CA ARG B 589 -23.46 -13.84 38.97
C ARG B 589 -22.53 -14.90 38.38
N PRO B 590 -21.33 -15.10 38.99
CA PRO B 590 -20.45 -16.10 38.37
C PRO B 590 -21.04 -17.52 38.37
N TYR B 591 -22.07 -17.73 39.19
CA TYR B 591 -22.68 -19.06 39.33
C TYR B 591 -23.92 -19.22 38.45
N VAL B 592 -24.33 -18.15 37.78
CA VAL B 592 -25.48 -18.21 36.87
C VAL B 592 -25.32 -19.23 35.73
N PRO B 593 -24.15 -19.26 35.06
CA PRO B 593 -23.99 -20.30 34.03
C PRO B 593 -24.16 -21.72 34.57
N LEU B 594 -23.58 -22.01 35.73
CA LEU B 594 -23.74 -23.34 36.33
C LEU B 594 -25.21 -23.63 36.64
N PHE B 595 -25.88 -22.66 37.27
CA PHE B 595 -27.32 -22.74 37.51
C PHE B 595 -28.08 -23.07 36.23
N CYS B 596 -27.83 -22.32 35.18
CA CYS B 596 -28.51 -22.53 33.90
C CYS B 596 -28.22 -23.91 33.35
N SER B 597 -26.99 -24.37 33.57
CA SER B 597 -26.54 -25.64 33.05
C SER B 597 -27.27 -26.84 33.69
N VAL B 598 -27.57 -26.74 34.97
CA VAL B 598 -28.14 -27.88 35.69
C VAL B 598 -29.65 -27.76 35.95
N LEU B 599 -30.20 -26.58 35.72
CA LEU B 599 -31.61 -26.30 36.03
C LEU B 599 -32.60 -27.32 35.48
N THR B 600 -32.39 -27.74 34.23
CA THR B 600 -33.33 -28.64 33.57
C THR B 600 -32.87 -30.09 33.63
N MLY B 601 -31.97 -30.38 34.57
CA MLY B 601 -31.36 -31.71 34.65
CB MLY B 601 -29.92 -31.66 34.13
CG MLY B 601 -29.78 -31.37 32.64
CD MLY B 601 -28.31 -31.21 32.29
CE MLY B 601 -28.13 -30.68 30.88
NZ MLY B 601 -26.74 -30.16 30.70
CH1 MLY B 601 -26.05 -31.14 29.85
CH2 MLY B 601 -26.84 -28.90 29.96
C MLY B 601 -31.35 -32.33 36.04
O MLY B 601 -30.87 -33.45 36.22
N LEU B 602 -31.84 -31.60 37.03
CA LEU B 602 -31.75 -32.08 38.41
C LEU B 602 -33.03 -32.72 38.92
N GLY B 603 -34.07 -32.72 38.09
CA GLY B 603 -35.38 -33.22 38.48
C GLY B 603 -36.31 -32.08 38.79
N CYS B 604 -37.61 -32.33 38.68
CA CYS B 604 -38.62 -31.31 38.98
C CYS B 604 -39.93 -31.98 39.35
N GLY B 605 -40.64 -31.41 40.33
CA GLY B 605 -41.91 -31.96 40.76
C GLY B 605 -41.75 -33.35 41.34
N LEU B 606 -42.47 -34.33 40.76
CA LEU B 606 -42.38 -35.71 41.20
C LEU B 606 -41.38 -36.50 40.34
N LEU B 607 -40.70 -35.81 39.44
CA LEU B 607 -39.77 -36.45 38.53
C LEU B 607 -38.33 -36.27 39.00
N ASP B 608 -37.64 -37.38 39.29
CA ASP B 608 -36.22 -37.29 39.59
C ASP B 608 -35.44 -37.03 38.30
N TYR B 609 -34.12 -36.86 38.39
CA TYR B 609 -33.34 -36.48 37.22
C TYR B 609 -33.48 -37.45 36.04
N ARG B 610 -33.63 -38.74 36.33
CA ARG B 610 -33.82 -39.73 35.28
C ARG B 610 -35.19 -39.62 34.63
N GLU B 611 -36.22 -39.46 35.46
CA GLU B 611 -37.58 -39.39 34.95
C GLU B 611 -37.80 -38.08 34.18
N GLN B 612 -37.16 -37.02 34.64
CA GLN B 612 -37.24 -35.73 33.96
C GLN B 612 -36.56 -35.79 32.60
N ALA B 613 -35.39 -36.41 32.53
CA ALA B 613 -34.69 -36.54 31.25
C ALA B 613 -35.53 -37.34 30.27
N GLN B 614 -36.17 -38.40 30.75
CA GLN B 614 -37.05 -39.19 29.90
C GLN B 614 -38.23 -38.37 29.36
N GLN B 615 -38.87 -37.59 30.21
CA GLN B 615 -40.02 -36.77 29.79
C GLN B 615 -39.62 -35.69 28.79
N ILE B 616 -38.50 -35.03 29.05
CA ILE B 616 -38.00 -33.99 28.15
C ILE B 616 -37.68 -34.58 26.76
N GLU B 617 -37.09 -35.78 26.75
CA GLU B 617 -36.75 -36.43 25.48
C GLU B 617 -37.99 -36.92 24.74
N LEU B 618 -38.99 -37.37 25.49
CA LEU B 618 -40.22 -37.90 24.93
C LEU B 618 -41.16 -36.79 24.42
N MLY B 619 -41.19 -35.65 25.11
CA MLY B 619 -42.18 -34.62 24.82
CB MLY B 619 -42.90 -34.19 26.10
CG MLY B 619 -43.70 -35.29 26.80
CD MLY B 619 -44.80 -35.85 25.89
CE MLY B 619 -45.67 -36.86 26.65
NZ MLY B 619 -46.70 -37.50 25.78
CH1 MLY B 619 -47.35 -38.54 26.59
CH2 MLY B 619 -47.74 -36.49 25.50
C MLY B 619 -41.65 -33.37 24.10
O MLY B 619 -42.43 -32.61 23.53
N THR B 620 -40.34 -33.15 24.14
CA THR B 620 -39.76 -31.94 23.56
C THR B 620 -38.52 -32.25 22.72
N GLY B 621 -37.99 -31.22 22.05
CA GLY B 621 -36.76 -31.36 21.29
C GLY B 621 -35.60 -30.86 22.10
N GLY B 622 -35.88 -30.53 23.35
CA GLY B 622 -34.87 -29.97 24.24
C GLY B 622 -35.43 -28.80 25.02
N MET B 623 -34.94 -28.65 26.24
CA MET B 623 -35.26 -27.50 27.07
C MET B 623 -33.97 -27.03 27.70
N SER B 624 -33.65 -25.75 27.57
CA SER B 624 -32.40 -25.26 28.13
C SER B 624 -32.51 -23.84 28.67
N ALA B 625 -31.56 -23.49 29.54
CA ALA B 625 -31.45 -22.14 30.05
C ALA B 625 -30.02 -21.69 29.80
N SER B 626 -29.84 -20.41 29.50
CA SER B 626 -28.51 -19.87 29.25
C SER B 626 -28.46 -18.38 29.57
N PRO B 627 -27.35 -17.93 30.16
CA PRO B 627 -27.16 -16.52 30.53
C PRO B 627 -26.76 -15.69 29.32
N HIS B 628 -27.27 -14.46 29.24
CA HIS B 628 -26.97 -13.59 28.12
C HIS B 628 -26.68 -12.16 28.55
N VAL B 629 -25.71 -11.54 27.88
CA VAL B 629 -25.46 -10.12 28.03
C VAL B 629 -25.83 -9.48 26.69
N LEU B 630 -26.81 -8.59 26.70
CA LEU B 630 -27.29 -8.01 25.45
C LEU B 630 -27.01 -6.52 25.40
N PRO B 631 -25.97 -6.14 24.63
CA PRO B 631 -25.55 -4.76 24.44
C PRO B 631 -26.69 -3.88 23.96
N ASP B 632 -26.75 -2.65 24.47
CA ASP B 632 -27.70 -1.66 23.98
C ASP B 632 -27.24 -1.22 22.60
N ASP B 633 -28.17 -0.80 21.74
CA ASP B 633 -27.83 -0.46 20.37
C ASP B 633 -27.29 0.96 20.20
N SER B 634 -27.35 1.75 21.27
CA SER B 634 -27.01 3.18 21.17
C SER B 634 -26.05 3.69 22.23
N HIS B 635 -25.76 2.87 23.24
CA HIS B 635 -24.92 3.33 24.34
C HIS B 635 -23.98 2.22 24.82
N MET B 636 -22.68 2.48 24.74
CA MET B 636 -21.65 1.47 24.95
C MET B 636 -21.62 0.90 26.36
N ASP B 637 -22.10 1.67 27.32
CA ASP B 637 -22.04 1.26 28.73
C ASP B 637 -23.42 0.93 29.27
N THR B 638 -24.33 0.60 28.37
CA THR B 638 -25.67 0.14 28.73
C THR B 638 -25.87 -1.26 28.16
N TYR B 639 -26.49 -2.14 28.94
CA TYR B 639 -26.71 -3.52 28.48
C TYR B 639 -27.86 -4.18 29.22
N GLU B 640 -28.44 -5.21 28.61
CA GLU B 640 -29.45 -6.03 29.27
C GLU B 640 -28.84 -7.36 29.69
N GLN B 641 -29.16 -7.80 30.90
CA GLN B 641 -28.63 -9.06 31.43
C GLN B 641 -29.80 -9.92 31.87
N GLY B 642 -29.74 -11.21 31.52
CA GLY B 642 -30.80 -12.12 31.90
C GLY B 642 -30.50 -13.54 31.50
N VAL B 643 -31.47 -14.42 31.78
CA VAL B 643 -31.39 -15.81 31.39
C VAL B 643 -32.43 -16.10 30.33
N LEU B 644 -32.01 -16.76 29.25
CA LEU B 644 -32.92 -17.18 28.19
C LEU B 644 -33.33 -18.63 28.39
N PHE B 645 -34.62 -18.86 28.55
CA PHE B 645 -35.16 -20.21 28.63
C PHE B 645 -35.69 -20.58 27.26
N SER B 646 -35.28 -21.72 26.74
CA SER B 646 -35.57 -22.04 25.34
C SER B 646 -35.98 -23.50 25.20
N SER B 647 -37.04 -23.73 24.44
CA SER B 647 -37.51 -25.09 24.18
C SER B 647 -38.23 -25.17 22.84
N LEU B 648 -38.44 -26.39 22.37
CA LEU B 648 -39.20 -26.65 21.16
C LEU B 648 -39.93 -27.98 21.30
N CYS B 649 -41.02 -28.13 20.56
CA CYS B 649 -41.77 -29.38 20.59
C CYS B 649 -42.67 -29.48 19.36
N LEU B 650 -43.21 -30.68 19.14
CA LEU B 650 -44.25 -30.89 18.14
C LEU B 650 -45.53 -30.26 18.67
N ASP B 651 -46.39 -29.79 17.76
CA ASP B 651 -47.67 -29.19 18.13
C ASP B 651 -48.41 -29.99 19.22
N ARG B 652 -48.52 -31.30 19.01
CA ARG B 652 -49.30 -32.16 19.89
C ARG B 652 -48.75 -32.26 21.32
N ASN B 653 -47.48 -31.92 21.50
CA ASN B 653 -46.84 -32.03 22.81
C ASN B 653 -46.66 -30.69 23.50
N LEU B 654 -47.27 -29.65 22.93
CA LEU B 654 -47.17 -28.30 23.49
C LEU B 654 -47.59 -28.19 24.96
N PRO B 655 -48.77 -28.76 25.34
CA PRO B 655 -49.13 -28.65 26.76
C PRO B 655 -48.12 -29.35 27.68
N ASP B 656 -47.60 -30.50 27.26
CA ASP B 656 -46.57 -31.20 28.03
C ASP B 656 -45.32 -30.33 28.21
N MET B 657 -44.91 -29.65 27.15
CA MET B 657 -43.70 -28.81 27.21
C MET B 657 -43.88 -27.68 28.20
N MET B 658 -45.03 -27.01 28.16
CA MET B 658 -45.25 -25.88 29.06
C MET B 658 -45.48 -26.32 30.49
N GLN B 659 -46.05 -27.52 30.68
CA GLN B 659 -46.22 -28.09 32.01
C GLN B 659 -44.85 -28.38 32.63
N LEU B 660 -43.91 -28.81 31.80
CA LEU B 660 -42.55 -29.08 32.28
C LEU B 660 -41.90 -27.78 32.73
N TRP B 661 -42.13 -26.70 31.99
CA TRP B 661 -41.60 -25.40 32.40
C TRP B 661 -42.22 -24.95 33.73
N SER B 662 -43.52 -25.21 33.91
CA SER B 662 -44.16 -24.90 35.19
C SER B 662 -43.48 -25.60 36.35
N GLU B 663 -43.25 -26.90 36.20
CA GLU B 663 -42.60 -27.69 37.24
C GLU B 663 -41.16 -27.24 37.50
N ILE B 664 -40.43 -26.94 36.44
CA ILE B 664 -39.04 -26.47 36.55
C ILE B 664 -38.97 -25.12 37.26
N PHE B 665 -39.94 -24.25 36.97
CA PHE B 665 -39.99 -22.93 37.60
C PHE B 665 -40.50 -23.02 39.04
N ASN B 666 -41.48 -23.88 39.27
CA ASN B 666 -42.15 -23.96 40.57
C ASN B 666 -41.59 -25.00 41.54
N ASN B 667 -41.14 -26.14 41.01
CA ASN B 667 -40.59 -27.18 41.87
C ASN B 667 -39.28 -27.82 41.42
N PRO B 668 -38.22 -27.00 41.22
CA PRO B 668 -36.95 -27.59 40.80
C PRO B 668 -36.28 -28.38 41.92
N CAS B 669 -35.58 -29.45 41.57
CA CAS B 669 -34.90 -30.27 42.57
CB CAS B 669 -34.91 -31.73 42.12
C CAS B 669 -33.49 -29.81 42.78
O CAS B 669 -32.60 -30.12 41.96
SG CAS B 669 -34.15 -32.72 43.37
AS CAS B 669 -35.97 -33.58 44.34
CE1 CAS B 669 -36.97 -34.68 43.01
CE2 CAS B 669 -35.42 -34.72 45.87
N PHE B 670 -33.26 -29.07 43.86
CA PHE B 670 -31.91 -28.61 44.22
C PHE B 670 -31.28 -29.45 45.34
N GLU B 671 -31.82 -30.65 45.56
CA GLU B 671 -31.32 -31.57 46.58
C GLU B 671 -30.48 -32.72 46.01
N GLU B 672 -30.51 -32.89 44.68
CA GLU B 672 -29.81 -33.99 44.02
C GLU B 672 -28.31 -33.72 43.96
N GLU B 673 -27.63 -34.02 45.06
CA GLU B 673 -26.23 -33.64 45.24
C GLU B 673 -25.26 -34.44 44.38
N GLU B 674 -25.47 -35.76 44.29
CA GLU B 674 -24.53 -36.61 43.57
C GLU B 674 -24.60 -36.41 42.06
N HIS B 675 -25.81 -36.27 41.52
CA HIS B 675 -25.93 -35.98 40.09
C HIS B 675 -25.41 -34.57 39.76
N PHE B 676 -25.57 -33.63 40.70
CA PHE B 676 -25.03 -32.28 40.52
C PHE B 676 -23.51 -32.33 40.34
N LYS B 677 -22.85 -33.12 41.18
CA LYS B 677 -21.40 -33.28 41.08
C LYS B 677 -21.00 -33.90 39.73
N VAL B 678 -21.81 -34.84 39.26
CA VAL B 678 -21.59 -35.45 37.96
C VAL B 678 -21.66 -34.41 36.84
N LEU B 679 -22.70 -33.58 36.88
CA LEU B 679 -22.88 -32.54 35.87
C LEU B 679 -21.73 -31.54 35.88
N VAL B 680 -21.34 -31.13 37.08
CA VAL B 680 -20.25 -30.17 37.27
C VAL B 680 -18.93 -30.68 36.68
N MLY B 681 -18.60 -31.93 36.95
CA MLY B 681 -17.37 -32.52 36.45
CB MLY B 681 -17.07 -33.85 37.15
CG MLY B 681 -16.75 -33.69 38.63
CD MLY B 681 -16.24 -35.00 39.22
CE MLY B 681 -17.27 -36.09 39.13
NZ MLY B 681 -17.05 -37.11 40.20
CH1 MLY B 681 -18.34 -37.82 40.38
CH2 MLY B 681 -16.10 -38.10 39.67
C MLY B 681 -17.38 -32.70 34.93
O MLY B 681 -16.35 -32.49 34.27
N MET B 682 -18.52 -33.07 34.37
CA MET B 682 -18.67 -33.17 32.92
C MET B 682 -18.48 -31.81 32.26
N THR B 683 -19.15 -30.80 32.80
CA THR B 683 -19.09 -29.44 32.24
C THR B 683 -17.68 -28.87 32.28
N ALA B 684 -17.00 -29.06 33.41
CA ALA B 684 -15.65 -28.54 33.58
C ALA B 684 -14.69 -29.20 32.61
N GLN B 685 -14.88 -30.50 32.39
CA GLN B 685 -14.04 -31.25 31.47
C GLN B 685 -14.28 -30.78 30.04
N GLU B 686 -15.54 -30.55 29.69
CA GLU B 686 -15.88 -30.13 28.34
C GLU B 686 -15.37 -28.73 28.05
N LEU B 687 -15.52 -27.83 29.02
CA LEU B 687 -14.99 -26.48 28.90
C LEU B 687 -13.47 -26.48 28.70
N ALA B 688 -12.76 -27.25 29.52
CA ALA B 688 -11.32 -27.33 29.41
C ALA B 688 -10.88 -27.91 28.06
N ASN B 689 -11.53 -29.00 27.63
CA ASN B 689 -11.19 -29.62 26.36
C ASN B 689 -11.39 -28.68 25.16
N GLY B 690 -12.39 -27.82 25.26
CA GLY B 690 -12.78 -26.98 24.15
C GLY B 690 -11.98 -25.70 23.96
N ILE B 691 -11.01 -25.46 24.83
CA ILE B 691 -10.22 -24.21 24.75
C ILE B 691 -9.49 -24.01 23.42
N PRO B 692 -8.64 -24.97 22.99
CA PRO B 692 -7.89 -24.73 21.77
C PRO B 692 -8.78 -24.43 20.56
N ASP B 693 -9.85 -25.21 20.40
CA ASP B 693 -10.73 -25.05 19.25
C ASP B 693 -11.40 -23.67 19.21
N SER B 694 -11.54 -23.05 20.38
CA SER B 694 -12.12 -21.72 20.46
C SER B 694 -11.11 -20.73 21.04
N GLY B 695 -9.82 -20.99 20.81
CA GLY B 695 -8.76 -20.18 21.39
C GLY B 695 -8.88 -18.69 21.12
N HIS B 696 -9.21 -18.32 19.89
CA HIS B 696 -9.32 -16.90 19.54
C HIS B 696 -10.52 -16.23 20.21
N LEU B 697 -11.57 -17.01 20.49
CA LEU B 697 -12.75 -16.48 21.17
C LEU B 697 -12.43 -16.18 22.64
N TYR B 698 -11.74 -17.11 23.29
CA TYR B 698 -11.30 -16.87 24.66
C TYR B 698 -10.36 -15.66 24.74
N ALA B 699 -9.49 -15.51 23.74
CA ALA B 699 -8.62 -14.35 23.68
C ALA B 699 -9.39 -13.05 23.48
N SER B 700 -10.35 -13.07 22.58
N SER B 700 -10.36 -13.04 22.59
CA SER B 700 -11.17 -11.89 22.30
CA SER B 700 -11.13 -11.82 22.34
C SER B 700 -11.98 -11.48 23.53
C SER B 700 -12.04 -11.46 23.52
N ILE B 701 -12.58 -12.46 24.20
CA ILE B 701 -13.39 -12.22 25.39
C ILE B 701 -12.55 -11.59 26.50
N ARG B 702 -11.35 -12.12 26.73
CA ARG B 702 -10.45 -11.53 27.69
C ARG B 702 -10.02 -10.14 27.25
N ALA B 703 -9.69 -9.99 25.97
CA ALA B 703 -9.22 -8.71 25.45
C ALA B 703 -10.27 -7.60 25.58
N GLY B 704 -11.54 -7.95 25.49
CA GLY B 704 -12.60 -6.97 25.54
C GLY B 704 -13.18 -6.71 26.92
N ARG B 705 -12.72 -7.48 27.92
CA ARG B 705 -13.30 -7.46 29.27
C ARG B 705 -13.22 -6.11 29.98
N THR B 706 -12.16 -5.35 29.72
CA THR B 706 -11.93 -4.09 30.43
C THR B 706 -12.44 -2.89 29.63
N LEU B 707 -13.11 -3.16 28.51
CA LEU B 707 -13.49 -2.09 27.58
C LEU B 707 -14.93 -1.61 27.72
N THR B 708 -15.82 -2.52 28.12
CA THR B 708 -17.24 -2.20 28.34
C THR B 708 -17.77 -2.99 29.53
N PRO B 709 -18.84 -2.49 30.17
CA PRO B 709 -19.48 -3.25 31.26
C PRO B 709 -19.93 -4.63 30.78
N ALA B 710 -20.56 -4.68 29.61
CA ALA B 710 -21.04 -5.93 29.03
C ALA B 710 -19.89 -6.91 28.83
N GLY B 711 -18.74 -6.40 28.38
CA GLY B 711 -17.57 -7.22 28.12
C GLY B 711 -17.05 -7.86 29.39
N ASP B 712 -17.10 -7.11 30.49
CA ASP B 712 -16.63 -7.61 31.77
C ASP B 712 -17.52 -8.76 32.24
N LEU B 713 -18.81 -8.63 31.98
CA LEU B 713 -19.78 -9.66 32.37
C LEU B 713 -19.61 -10.90 31.50
N GLN B 714 -19.40 -10.70 30.21
CA GLN B 714 -19.24 -11.83 29.30
C GLN B 714 -18.06 -12.72 29.70
N GLU B 715 -16.98 -12.09 30.16
CA GLU B 715 -15.82 -12.84 30.65
C GLU B 715 -16.21 -13.69 31.85
N THR B 716 -17.01 -13.11 32.74
CA THR B 716 -17.51 -13.85 33.90
C THR B 716 -18.34 -15.04 33.48
N PHE B 717 -19.24 -14.83 32.51
CA PHE B 717 -20.14 -15.88 32.06
C PHE B 717 -19.50 -16.96 31.18
N SER B 718 -18.61 -16.58 30.27
CA SER B 718 -18.13 -17.52 29.27
C SER B 718 -16.65 -17.41 28.89
N GLY B 719 -15.90 -16.61 29.65
CA GLY B 719 -14.47 -16.48 29.40
C GLY B 719 -13.65 -17.51 30.17
N MET B 720 -12.33 -17.33 30.14
CA MET B 720 -11.43 -18.20 30.90
C MET B 720 -11.73 -18.16 32.40
N ASP B 721 -12.27 -17.04 32.87
CA ASP B 721 -12.69 -16.93 34.27
C ASP B 721 -13.75 -17.97 34.62
N GLN B 722 -14.68 -18.22 33.70
CA GLN B 722 -15.72 -19.21 33.93
C GLN B 722 -15.16 -20.63 33.85
N VAL B 723 -14.23 -20.85 32.93
CA VAL B 723 -13.60 -22.16 32.81
C VAL B 723 -12.87 -22.55 34.09
N ARG B 724 -12.08 -21.62 34.61
CA ARG B 724 -11.32 -21.85 35.84
C ARG B 724 -12.21 -22.00 37.06
N LEU B 725 -13.31 -21.24 37.09
CA LEU B 725 -14.29 -21.37 38.17
C LEU B 725 -14.88 -22.78 38.20
N MET B 726 -15.31 -23.27 37.03
CA MET B 726 -15.89 -24.60 36.93
C MET B 726 -14.90 -25.71 37.30
N MLY B 727 -13.63 -25.50 36.99
CA MLY B 727 -12.59 -26.46 37.34
CB MLY B 727 -11.29 -26.18 36.58
CG MLY B 727 -11.40 -26.45 35.07
CD MLY B 727 -11.57 -27.93 34.77
CE MLY B 727 -10.22 -28.65 34.71
NZ MLY B 727 -10.34 -30.13 34.83
CH1 MLY B 727 -11.13 -30.64 33.70
CH2 MLY B 727 -8.99 -30.69 34.66
C MLY B 727 -12.33 -26.46 38.85
O MLY B 727 -12.04 -27.52 39.42
N ARG B 728 -12.45 -25.30 39.49
CA ARG B 728 -12.34 -25.23 40.94
C ARG B 728 -13.51 -25.92 41.63
N ILE B 729 -14.72 -25.63 41.15
CA ILE B 729 -15.92 -26.28 41.68
C ILE B 729 -15.84 -27.80 41.52
N ALA B 730 -15.34 -28.25 40.36
CA ALA B 730 -15.25 -29.68 40.07
C ALA B 730 -14.28 -30.42 41.00
N GLU B 731 -13.42 -29.67 41.67
CA GLU B 731 -12.40 -30.27 42.55
C GLU B 731 -12.74 -30.08 44.02
N MET B 732 -13.90 -29.50 44.32
CA MET B 732 -14.34 -29.32 45.70
C MET B 732 -14.69 -30.66 46.32
N THR B 733 -14.19 -30.88 47.54
CA THR B 733 -14.50 -32.08 48.29
C THR B 733 -15.93 -32.01 48.83
N ASP B 734 -16.34 -30.80 49.20
CA ASP B 734 -17.72 -30.57 49.65
C ASP B 734 -18.42 -29.56 48.74
N ILE B 735 -19.36 -30.06 47.95
CA ILE B 735 -20.03 -29.26 46.93
C ILE B 735 -21.24 -28.50 47.50
N MLZ B 736 -21.59 -28.80 48.75
CA MLZ B 736 -22.76 -28.24 49.39
CB MLZ B 736 -22.92 -28.80 50.79
CG MLZ B 736 -23.32 -30.27 50.71
CD MLZ B 736 -23.78 -30.77 52.06
CE MLZ B 736 -23.69 -32.28 52.12
NZ MLZ B 736 -22.32 -32.69 51.87
CM MLZ B 736 -22.26 -34.15 51.81
C MLZ B 736 -22.84 -26.73 49.35
O MLZ B 736 -23.94 -26.20 49.06
N PRO B 737 -21.74 -26.02 49.65
CA PRO B 737 -21.90 -24.55 49.61
C PRO B 737 -22.21 -23.98 48.22
N ILE B 738 -21.91 -24.72 47.15
CA ILE B 738 -22.28 -24.29 45.81
C ILE B 738 -23.75 -24.62 45.54
N LEU B 739 -24.14 -25.83 45.91
CA LEU B 739 -25.52 -26.29 45.76
C LEU B 739 -26.50 -25.36 46.44
N ARG B 740 -26.10 -24.79 47.59
CA ARG B 740 -26.95 -23.88 48.34
C ARG B 740 -27.19 -22.54 47.64
N MLZ B 741 -26.35 -22.22 46.66
CA MLZ B 741 -26.48 -20.98 45.94
CB MLZ B 741 -25.19 -20.68 45.20
CG MLZ B 741 -24.05 -20.56 46.19
CD MLZ B 741 -23.00 -19.61 45.65
CE MLZ B 741 -21.75 -19.66 46.54
NZ MLZ B 741 -21.47 -18.34 47.07
CM MLZ B 741 -20.47 -18.45 48.12
C MLZ B 741 -27.64 -21.05 44.98
O MLZ B 741 -28.25 -20.01 44.65
N LEU B 742 -27.94 -22.27 44.52
CA LEU B 742 -28.98 -22.46 43.51
C LEU B 742 -30.39 -21.98 43.94
N PRO B 743 -30.83 -22.32 45.17
CA PRO B 743 -32.13 -21.78 45.58
C PRO B 743 -32.14 -20.25 45.60
N ARG B 744 -31.00 -19.65 45.92
CA ARG B 744 -30.90 -18.20 46.00
C ARG B 744 -31.07 -17.55 44.63
N ILE B 745 -30.44 -18.14 43.63
CA ILE B 745 -30.56 -17.69 42.25
C ILE B 745 -31.99 -17.91 41.77
N MLZ B 746 -32.57 -19.04 42.17
CA MLZ B 746 -33.91 -19.40 41.76
CB MLZ B 746 -34.29 -20.72 42.40
CG MLZ B 746 -35.77 -21.00 42.16
CD MLZ B 746 -36.34 -21.82 43.31
CE MLZ B 746 -37.80 -22.14 43.03
NZ MLZ B 746 -38.61 -20.94 43.14
CM MLZ B 746 -39.94 -21.30 43.60
C MLZ B 746 -34.87 -18.32 42.12
O MLZ B 746 -35.76 -17.95 41.30
N LYS B 747 -34.74 -17.77 43.34
CA LYS B 747 -35.65 -16.74 43.83
C LYS B 747 -35.68 -15.49 42.95
N HIS B 748 -34.55 -15.17 42.33
CA HIS B 748 -34.47 -13.93 41.53
C HIS B 748 -34.76 -14.17 40.06
N LEU B 749 -34.78 -15.44 39.65
CA LEU B 749 -34.94 -15.75 38.22
C LEU B 749 -36.25 -16.45 37.86
N LEU B 750 -36.60 -17.50 38.60
CA LEU B 750 -37.72 -18.34 38.23
C LEU B 750 -39.05 -17.77 38.72
N ASN B 751 -39.43 -16.63 38.13
CA ASN B 751 -40.69 -15.96 38.44
C ASN B 751 -41.06 -15.04 37.29
N GLY B 752 -42.22 -14.40 37.37
CA GLY B 752 -42.69 -13.54 36.30
C GLY B 752 -42.60 -12.05 36.57
N ASP B 753 -41.68 -11.66 37.45
CA ASP B 753 -41.55 -10.24 37.81
C ASP B 753 -40.88 -9.40 36.74
N ASN B 754 -39.91 -9.98 36.04
CA ASN B 754 -39.15 -9.25 35.01
C ASN B 754 -38.94 -10.11 33.77
N MET B 755 -40.01 -10.34 33.01
CA MET B 755 -40.01 -11.35 31.96
C MET B 755 -40.65 -10.87 30.65
N ARG B 756 -40.15 -11.38 29.53
CA ARG B 756 -40.88 -11.34 28.27
C ARG B 756 -40.73 -12.69 27.57
N CYS B 757 -41.69 -13.02 26.70
CA CYS B 757 -41.69 -14.30 26.02
C CYS B 757 -41.86 -14.16 24.51
N SER B 758 -41.51 -15.22 23.79
CA SER B 758 -41.72 -15.28 22.35
C SER B 758 -42.22 -16.66 21.94
N VAL B 759 -43.04 -16.69 20.91
CA VAL B 759 -43.58 -17.93 20.39
C VAL B 759 -43.45 -17.91 18.87
N ASN B 760 -42.83 -18.94 18.32
CA ASN B 760 -42.81 -19.13 16.87
C ASN B 760 -43.55 -20.40 16.54
N ALA B 761 -44.61 -20.27 15.74
CA ALA B 761 -45.44 -21.41 15.37
C ALA B 761 -46.23 -21.11 14.10
N THR B 762 -46.84 -22.15 13.54
CA THR B 762 -47.71 -21.97 12.38
C THR B 762 -48.95 -21.17 12.79
N PRO B 763 -49.55 -20.45 11.84
CA PRO B 763 -50.77 -19.68 12.18
C PRO B 763 -51.91 -20.58 12.65
N GLN B 764 -51.97 -21.82 12.16
CA GLN B 764 -52.98 -22.78 12.60
C GLN B 764 -52.85 -23.06 14.10
N GLN B 765 -51.61 -23.17 14.56
CA GLN B 765 -51.31 -23.61 15.93
C GLN B 765 -51.37 -22.46 16.94
N MET B 766 -51.22 -21.24 16.44
CA MET B 766 -51.11 -20.04 17.29
C MET B 766 -52.18 -19.88 18.39
N PRO B 767 -53.47 -20.08 18.07
CA PRO B 767 -54.46 -19.92 19.15
C PRO B 767 -54.31 -20.96 20.26
N GLN B 768 -54.00 -22.20 19.90
CA GLN B 768 -53.74 -23.24 20.90
C GLN B 768 -52.52 -22.92 21.75
N THR B 769 -51.55 -22.21 21.17
CA THR B 769 -50.31 -21.90 21.87
C THR B 769 -50.48 -20.78 22.88
N GLU B 770 -51.34 -19.81 22.58
CA GLU B 770 -51.57 -18.71 23.50
C GLU B 770 -52.12 -19.19 24.84
N LYS B 771 -52.99 -20.19 24.80
CA LYS B 771 -53.56 -20.74 26.03
C LYS B 771 -52.48 -21.35 26.90
N ALA B 772 -51.68 -22.24 26.31
CA ALA B 772 -50.64 -22.95 27.04
C ALA B 772 -49.61 -22.01 27.65
N VAL B 773 -49.24 -20.97 26.91
CA VAL B 773 -48.25 -20.00 27.40
C VAL B 773 -48.82 -19.18 28.55
N GLU B 774 -50.07 -18.72 28.40
CA GLU B 774 -50.70 -17.92 29.45
C GLU B 774 -50.88 -18.74 30.72
N ASP B 775 -51.27 -20.00 30.55
CA ASP B 775 -51.36 -20.93 31.69
C ASP B 775 -50.03 -21.07 32.40
N PHE B 776 -48.95 -21.21 31.64
CA PHE B 776 -47.61 -21.25 32.24
C PHE B 776 -47.29 -19.96 32.99
N LEU B 777 -47.54 -18.81 32.35
CA LEU B 777 -47.22 -17.53 32.97
C LEU B 777 -48.05 -17.28 34.22
N ARG B 778 -49.32 -17.67 34.18
CA ARG B 778 -50.18 -17.52 35.35
C ARG B 778 -49.74 -18.48 36.46
N SER B 779 -49.02 -19.53 36.10
CA SER B 779 -48.62 -20.55 37.06
C SER B 779 -47.37 -20.19 37.85
N ILE B 780 -46.58 -19.26 37.33
CA ILE B 780 -45.34 -18.88 38.01
C ILE B 780 -45.53 -17.70 38.95
N GLY B 781 -44.63 -17.58 39.92
CA GLY B 781 -44.76 -16.60 40.98
C GLY B 781 -44.64 -15.15 40.51
N ARG B 782 -45.35 -14.27 41.21
CA ARG B 782 -45.25 -12.83 40.97
C ARG B 782 -44.94 -12.16 42.29
N SER B 783 -44.30 -10.98 42.22
CA SER B 783 -43.91 -10.22 43.40
C SER B 783 -42.97 -11.00 44.33
N PRO B 789 -34.22 -3.53 41.56
CA PRO B 789 -32.91 -3.50 40.91
C PRO B 789 -31.82 -3.07 41.89
N VAL B 790 -30.63 -3.65 41.74
CA VAL B 790 -29.49 -3.30 42.59
C VAL B 790 -28.68 -2.17 41.96
N ARG B 791 -28.47 -2.26 40.65
CA ARG B 791 -27.71 -1.24 39.93
C ARG B 791 -28.63 -0.18 39.34
N HIS B 793 -27.41 1.49 37.64
CA HIS B 793 -28.66 2.17 37.33
C HIS B 793 -29.53 1.35 36.39
N THR B 794 -30.82 1.70 36.32
CA THR B 794 -31.76 1.00 35.45
C THR B 794 -32.46 1.98 34.52
N VAL B 795 -32.29 1.76 33.21
CA VAL B 795 -32.91 2.63 32.22
C VAL B 795 -34.04 1.89 31.52
N GLU B 796 -35.19 2.54 31.39
CA GLU B 796 -36.29 1.97 30.62
C GLU B 796 -36.05 2.18 29.13
N LYS B 797 -35.96 1.07 28.39
CA LYS B 797 -35.82 1.14 26.94
C LYS B 797 -37.06 0.59 26.26
N PRO B 798 -37.99 1.49 25.87
CA PRO B 798 -39.24 1.11 25.21
C PRO B 798 -39.02 0.36 23.90
N VAL B 815 -43.45 -4.26 26.57
CA VAL B 815 -42.63 -3.83 25.44
C VAL B 815 -41.49 -2.93 25.93
N ILE B 816 -41.36 -2.82 27.24
CA ILE B 816 -40.37 -1.94 27.86
C ILE B 816 -39.28 -2.75 28.54
N ARG B 817 -38.05 -2.66 28.02
CA ARG B 817 -36.93 -3.40 28.59
C ARG B 817 -36.22 -2.58 29.67
N LYS B 818 -35.76 -3.26 30.72
CA LYS B 818 -35.03 -2.60 31.80
C LYS B 818 -33.55 -2.96 31.74
N LEU B 819 -32.73 -2.01 31.30
CA LEU B 819 -31.31 -2.24 31.12
C LEU B 819 -30.51 -1.60 32.24
N VAL B 820 -29.33 -2.14 32.51
CA VAL B 820 -28.40 -1.53 33.45
C VAL B 820 -27.46 -0.58 32.70
N MET B 821 -27.27 0.61 33.25
CA MET B 821 -26.30 1.55 32.69
C MET B 821 -25.20 1.81 33.71
N GLU B 822 -23.96 1.80 33.25
CA GLU B 822 -22.82 2.16 34.09
C GLU B 822 -22.09 3.35 33.45
N PRO B 823 -22.61 4.56 33.68
CA PRO B 823 -22.13 5.77 33.01
C PRO B 823 -20.75 6.26 33.46
N THR B 824 -20.24 5.74 34.58
CA THR B 824 -18.88 6.06 35.00
C THR B 824 -17.93 4.91 34.73
N PHE B 825 -18.29 4.03 33.80
CA PHE B 825 -17.38 2.94 33.46
C PHE B 825 -16.11 3.53 32.86
N LYS B 826 -14.98 3.07 33.38
CA LYS B 826 -13.69 3.54 32.91
C LYS B 826 -13.01 2.42 32.15
N PRO B 827 -13.05 2.49 30.81
CA PRO B 827 -12.29 1.51 30.03
C PRO B 827 -10.80 1.65 30.30
N TRP B 828 -10.09 0.55 30.52
CA TRP B 828 -8.65 0.62 30.70
C TRP B 828 -7.91 -0.47 29.91
N GLN B 829 -6.69 -0.16 29.51
CA GLN B 829 -5.93 -1.05 28.66
C GLN B 829 -5.34 -2.19 29.49
N MET B 830 -5.42 -3.40 28.96
CA MET B 830 -4.87 -4.57 29.63
C MET B 830 -4.30 -5.53 28.58
N MLZ B 831 -3.18 -6.18 28.91
CA MLZ B 831 -2.58 -7.13 28.01
CB MLZ B 831 -1.25 -6.60 27.50
CG MLZ B 831 -1.37 -5.17 26.97
CD MLZ B 831 -0.05 -4.78 26.31
CE MLZ B 831 -0.07 -3.30 25.94
NZ MLZ B 831 1.29 -2.79 25.91
CM MLZ B 831 2.02 -3.40 24.80
C MLZ B 831 -2.37 -8.39 28.79
O MLZ B 831 -1.62 -8.38 29.80
N THR B 832 -3.00 -9.47 28.36
CA THR B 832 -2.90 -10.73 29.10
C THR B 832 -2.33 -11.87 28.24
N HIS B 833 -1.32 -12.56 28.77
CA HIS B 833 -0.82 -13.77 28.13
C HIS B 833 -1.15 -15.01 28.94
N PHE B 834 -2.10 -15.81 28.45
CA PHE B 834 -2.39 -17.10 29.07
C PHE B 834 -1.34 -18.12 28.64
N LEU B 835 -0.46 -18.50 29.56
CA LEU B 835 0.52 -19.54 29.30
C LEU B 835 -0.16 -20.89 29.11
N MET B 836 -0.12 -21.42 27.90
CA MET B 836 -0.74 -22.69 27.58
C MET B 836 0.26 -23.60 26.87
N PRO B 837 0.22 -24.92 27.15
CA PRO B 837 1.13 -25.86 26.50
C PRO B 837 0.69 -26.14 25.07
N PHE B 838 0.66 -25.10 24.23
CA PHE B 838 0.19 -25.21 22.87
C PHE B 838 1.36 -25.07 21.89
N PRO B 839 1.32 -25.77 20.75
CA PRO B 839 2.34 -25.57 19.72
C PRO B 839 2.04 -24.36 18.82
N VAL B 840 0.86 -23.77 18.98
CA VAL B 840 0.47 -22.59 18.21
C VAL B 840 -0.19 -21.55 19.12
N ASN B 841 -0.52 -20.40 18.54
CA ASN B 841 -1.01 -19.27 19.32
C ASN B 841 -2.40 -18.81 18.90
N TYR B 842 -3.10 -18.12 19.80
CA TYR B 842 -4.39 -17.52 19.50
C TYR B 842 -4.34 -16.10 20.04
N VAL B 843 -4.56 -15.15 19.15
CA VAL B 843 -4.28 -13.74 19.47
C VAL B 843 -5.54 -12.90 19.30
N GLY B 844 -5.79 -12.00 20.26
CA GLY B 844 -6.93 -11.11 20.15
C GLY B 844 -6.59 -9.69 20.58
N GLU B 845 -6.97 -8.72 19.76
CA GLU B 845 -6.89 -7.31 20.13
C GLU B 845 -8.24 -6.64 19.91
N CYS B 846 -8.73 -5.97 20.93
CA CYS B 846 -10.05 -5.36 20.89
C CYS B 846 -9.97 -3.85 21.03
N ILE B 847 -10.79 -3.12 20.29
CA ILE B 847 -10.80 -1.68 20.32
C ILE B 847 -12.22 -1.16 20.54
N ARG B 848 -12.38 -0.29 21.53
CA ARG B 848 -13.69 0.28 21.84
C ARG B 848 -14.04 1.34 20.80
N THR B 849 -15.10 1.11 20.01
CA THR B 849 -15.51 2.09 19.02
C THR B 849 -16.89 2.69 19.29
N VAL B 850 -17.86 2.46 18.40
CA VAL B 850 -19.20 3.05 18.56
C VAL B 850 -20.30 2.02 18.36
N PRO B 851 -21.45 2.21 19.05
CA PRO B 851 -22.50 1.20 18.95
C PRO B 851 -23.25 1.22 17.62
N TYR B 852 -24.20 0.30 17.50
CA TYR B 852 -24.94 0.01 16.27
C TYR B 852 -25.60 1.22 15.60
N THR B 853 -26.21 2.10 16.40
CA THR B 853 -26.99 3.21 15.83
C THR B 853 -26.13 4.40 15.42
N ASP B 854 -24.89 4.42 15.88
CA ASP B 854 -23.95 5.46 15.46
C ASP B 854 -23.68 5.28 13.96
N PRO B 855 -23.83 6.36 13.18
CA PRO B 855 -23.62 6.26 11.73
C PRO B 855 -22.22 5.79 11.36
N ASP B 856 -21.25 6.00 12.24
CA ASP B 856 -19.89 5.50 12.01
C ASP B 856 -19.79 3.98 12.14
N HIS B 857 -20.81 3.35 12.71
CA HIS B 857 -20.78 1.91 12.92
C HIS B 857 -20.76 1.16 11.60
N ALA B 858 -21.57 1.63 10.65
CA ALA B 858 -21.59 1.04 9.32
C ALA B 858 -20.22 1.09 8.63
N SER B 859 -19.55 2.24 8.71
CA SER B 859 -18.23 2.38 8.10
C SER B 859 -17.21 1.43 8.70
N LEU B 860 -17.23 1.29 10.03
CA LEU B 860 -16.30 0.40 10.71
C LEU B 860 -16.58 -1.08 10.38
N MLZ B 861 -17.84 -1.37 10.05
CA MLZ B 861 -18.22 -2.71 9.66
CB MLZ B 861 -19.74 -2.80 9.66
CG MLZ B 861 -20.18 -4.21 9.25
CD MLZ B 861 -20.19 -5.12 10.46
CE MLZ B 861 -20.73 -6.50 10.05
NZ MLZ B 861 -20.82 -7.37 11.22
CM MLZ B 861 -20.93 -8.75 10.76
C MLZ B 861 -17.63 -3.02 8.32
O MLZ B 861 -17.05 -4.12 8.12
N ILE B 862 -17.78 -2.09 7.37
CA ILE B 862 -17.19 -2.28 6.05
C ILE B 862 -15.67 -2.33 6.15
N LEU B 863 -15.12 -1.47 7.01
CA LEU B 863 -13.67 -1.42 7.23
C LEU B 863 -13.10 -2.75 7.76
N ALA B 864 -13.78 -3.36 8.72
CA ALA B 864 -13.35 -4.66 9.26
C ALA B 864 -13.20 -5.70 8.16
N ARG B 865 -14.22 -5.78 7.30
CA ARG B 865 -14.19 -6.73 6.17
C ARG B 865 -13.11 -6.36 5.14
N LEU B 866 -13.01 -5.07 4.83
CA LEU B 866 -12.00 -4.55 3.92
C LEU B 866 -10.59 -4.91 4.41
N MET B 867 -10.33 -4.64 5.69
CA MET B 867 -9.03 -4.93 6.28
C MET B 867 -8.72 -6.42 6.30
N THR B 868 -9.76 -7.23 6.47
CA THR B 868 -9.57 -8.69 6.48
C THR B 868 -9.17 -9.18 5.10
N ALA B 869 -9.96 -8.81 4.10
CA ALA B 869 -9.77 -9.31 2.73
C ALA B 869 -8.52 -8.77 2.04
N LYS B 870 -8.18 -7.51 2.30
CA LYS B 870 -7.09 -6.88 1.55
C LYS B 870 -5.77 -6.83 2.31
N PHE B 871 -5.81 -6.99 3.63
CA PHE B 871 -4.58 -6.90 4.41
C PHE B 871 -4.30 -8.08 5.34
N LEU B 872 -5.19 -8.34 6.29
CA LEU B 872 -4.89 -9.26 7.37
C LEU B 872 -4.73 -10.71 6.92
N HIS B 873 -5.61 -11.16 6.02
CA HIS B 873 -5.52 -12.52 5.50
C HIS B 873 -4.16 -12.77 4.87
N THR B 874 -3.71 -11.84 4.04
CA THR B 874 -2.40 -11.94 3.41
C THR B 874 -1.25 -11.98 4.41
N GLU B 875 -1.20 -11.01 5.33
CA GLU B 875 -0.10 -10.93 6.29
C GLU B 875 -0.07 -12.11 7.25
N ILE B 876 -1.23 -12.42 7.81
CA ILE B 876 -1.31 -13.34 8.93
C ILE B 876 -1.37 -14.80 8.47
N ARG B 877 -2.21 -15.08 7.48
CA ARG B 877 -2.36 -16.44 6.98
C ARG B 877 -1.41 -16.77 5.82
N GLU B 878 -1.49 -16.03 4.72
CA GLU B 878 -0.70 -16.35 3.54
C GLU B 878 0.81 -16.29 3.80
N MLY B 879 1.26 -15.15 4.33
CA MLY B 879 2.68 -14.97 4.63
CB MLY B 879 3.01 -13.48 4.77
CG MLY B 879 2.92 -12.66 3.48
CD MLY B 879 3.28 -11.20 3.74
CE MLY B 879 3.15 -10.32 2.49
NZ MLY B 879 3.21 -8.87 2.84
CH1 MLY B 879 2.82 -8.09 1.66
CH2 MLY B 879 4.60 -8.54 3.15
C MLY B 879 3.09 -15.70 5.91
O MLY B 879 4.05 -16.46 5.91
N GLY B 880 2.35 -15.47 6.99
CA GLY B 880 2.70 -16.04 8.28
C GLY B 880 2.43 -17.53 8.41
N GLY B 881 1.37 -18.00 7.80
CA GLY B 881 1.05 -19.42 7.86
C GLY B 881 0.06 -19.76 8.96
N ALA B 882 -0.56 -18.75 9.55
CA ALA B 882 -1.63 -18.99 10.53
C ALA B 882 -2.85 -19.54 9.80
N TYR B 883 -3.69 -20.28 10.51
CA TYR B 883 -4.88 -20.86 9.89
C TYR B 883 -5.93 -19.79 9.61
N GLY B 884 -5.98 -18.77 10.46
CA GLY B 884 -6.95 -17.70 10.27
C GLY B 884 -6.47 -16.38 10.84
N GLY B 885 -6.82 -15.29 10.17
CA GLY B 885 -6.51 -13.95 10.63
C GLY B 885 -7.49 -12.96 10.03
N GLY B 886 -8.00 -12.03 10.84
CA GLY B 886 -8.97 -11.07 10.34
C GLY B 886 -9.42 -10.05 11.36
N ALA B 887 -10.43 -9.27 10.97
CA ALA B 887 -10.98 -8.26 11.84
C ALA B 887 -12.50 -8.33 11.79
N MLY B 888 -13.15 -7.91 12.88
CA MLY B 888 -14.61 -7.94 12.93
CB MLY B 888 -15.12 -9.34 13.30
CG MLY B 888 -14.64 -9.79 14.67
CD MLY B 888 -15.01 -11.24 14.96
CE MLY B 888 -14.50 -11.62 16.34
NZ MLY B 888 -14.71 -13.05 16.72
CH1 MLY B 888 -13.67 -13.83 16.06
CH2 MLY B 888 -14.43 -13.10 18.16
C MLY B 888 -15.13 -6.91 13.91
O MLY B 888 -14.41 -6.47 14.81
N LEU B 889 -16.39 -6.53 13.74
CA LEU B 889 -17.02 -5.52 14.58
C LEU B 889 -18.28 -6.10 15.17
N SER B 890 -18.37 -6.12 16.48
CA SER B 890 -19.55 -6.65 17.16
C SER B 890 -20.64 -5.60 17.27
N HIS B 891 -21.86 -6.05 17.58
CA HIS B 891 -23.02 -5.20 17.78
C HIS B 891 -22.76 -4.12 18.83
N ASN B 892 -21.90 -4.44 19.80
N ASN B 892 -21.94 -4.42 19.83
CA ASN B 892 -21.57 -3.58 20.91
CA ASN B 892 -21.65 -3.45 20.88
C ASN B 892 -20.48 -2.55 20.57
C ASN B 892 -20.48 -2.52 20.57
N GLY B 893 -20.07 -2.52 19.31
CA GLY B 893 -19.05 -1.58 18.86
C GLY B 893 -17.63 -1.94 19.21
N ILE B 894 -17.39 -3.18 19.62
CA ILE B 894 -16.01 -3.62 19.85
C ILE B 894 -15.39 -4.08 18.53
N PHE B 895 -14.35 -3.38 18.08
CA PHE B 895 -13.62 -3.73 16.87
C PHE B 895 -12.54 -4.75 17.26
N THR B 896 -12.60 -5.95 16.71
CA THR B 896 -11.69 -7.02 17.12
C THR B 896 -10.77 -7.44 15.98
N LEU B 897 -9.48 -7.53 16.28
CA LEU B 897 -8.51 -8.13 15.37
C LEU B 897 -8.04 -9.44 16.01
N TYR B 898 -7.93 -10.50 15.21
CA TYR B 898 -7.66 -11.82 15.77
C TYR B 898 -6.83 -12.70 14.86
N SER B 899 -6.19 -13.70 15.44
CA SER B 899 -5.56 -14.77 14.66
C SER B 899 -5.81 -16.10 15.35
N TYR B 900 -5.71 -17.18 14.59
CA TYR B 900 -6.14 -18.50 15.03
C TYR B 900 -5.15 -19.54 14.52
N ARG B 901 -4.68 -20.41 15.42
CA ARG B 901 -3.61 -21.37 15.10
C ARG B 901 -2.45 -20.66 14.42
N ASP B 902 -1.84 -19.73 15.15
CA ASP B 902 -0.87 -18.79 14.63
C ASP B 902 0.52 -19.14 15.17
N PRO B 903 1.51 -19.29 14.28
CA PRO B 903 2.85 -19.58 14.81
C PRO B 903 3.48 -18.33 15.39
N ASN B 904 2.91 -17.17 15.08
CA ASN B 904 3.46 -15.90 15.56
C ASN B 904 2.62 -15.28 16.67
N THR B 905 3.20 -14.31 17.36
CA THR B 905 2.50 -13.50 18.33
C THR B 905 2.85 -12.04 18.12
N ILE B 906 4.12 -11.70 18.37
CA ILE B 906 4.61 -10.34 18.22
C ILE B 906 4.39 -9.83 16.79
N GLU B 907 4.79 -10.63 15.80
CA GLU B 907 4.63 -10.24 14.40
C GLU B 907 3.16 -10.01 14.06
N THR B 908 2.28 -10.82 14.67
CA THR B 908 0.85 -10.67 14.42
C THR B 908 0.34 -9.37 15.03
N LEU B 909 0.75 -9.09 16.25
CA LEU B 909 0.43 -7.83 16.91
C LEU B 909 0.94 -6.65 16.07
N GLN B 910 2.13 -6.80 15.50
CA GLN B 910 2.68 -5.75 14.63
C GLN B 910 1.84 -5.60 13.37
N SER B 911 1.34 -6.71 12.83
CA SER B 911 0.52 -6.67 11.63
C SER B 911 -0.83 -6.01 11.91
N PHE B 912 -1.33 -6.16 13.13
CA PHE B 912 -2.55 -5.47 13.55
C PHE B 912 -2.36 -3.95 13.39
N GLY B 913 -1.22 -3.45 13.86
CA GLY B 913 -0.91 -2.03 13.75
C GLY B 913 -0.72 -1.56 12.31
N MLZ B 914 -0.01 -2.34 11.51
CA MLZ B 914 0.22 -2.03 10.12
CB MLZ B 914 1.14 -3.05 9.51
CG MLZ B 914 2.56 -2.83 10.02
CD MLZ B 914 3.51 -3.76 9.30
CE MLZ B 914 4.67 -4.10 10.21
NZ MLZ B 914 4.95 -5.53 10.13
CM MLZ B 914 5.78 -5.80 8.95
C MLZ B 914 -1.08 -1.99 9.37
O MLZ B 914 -1.24 -1.17 8.43
N ALA B 915 -2.02 -2.86 9.75
CA ALA B 915 -3.32 -2.92 9.10
C ALA B 915 -4.06 -1.61 9.28
N VAL B 916 -3.96 -1.06 10.48
CA VAL B 916 -4.56 0.22 10.81
C VAL B 916 -3.89 1.36 10.03
N ASP B 917 -2.57 1.33 9.96
CA ASP B 917 -1.83 2.31 9.16
C ASP B 917 -2.26 2.21 7.71
N TRP B 918 -2.50 0.99 7.24
CA TRP B 918 -2.94 0.78 5.86
C TRP B 918 -4.32 1.39 5.63
N ALA B 919 -5.25 1.14 6.55
CA ALA B 919 -6.59 1.71 6.46
C ALA B 919 -6.55 3.24 6.41
N MLY B 920 -5.75 3.84 7.29
CA MLY B 920 -5.63 5.30 7.36
CB MLY B 920 -4.80 5.71 8.59
CG MLY B 920 -5.51 5.49 9.92
CD MLY B 920 -4.58 5.74 11.11
CE MLY B 920 -3.84 7.06 10.99
NZ MLY B 920 -2.88 7.34 12.12
CH1 MLY B 920 -3.66 7.96 13.20
CH2 MLY B 920 -2.38 6.06 12.65
C MLY B 920 -5.02 5.91 6.09
O MLY B 920 -5.37 7.03 5.72
N SER B 921 -4.14 5.16 5.44
CA SER B 921 -3.48 5.62 4.22
C SER B 921 -4.46 5.72 3.04
N GLY B 922 -5.56 4.97 3.12
CA GLY B 922 -6.58 5.00 2.09
C GLY B 922 -6.17 4.40 0.76
N MLY B 923 -5.15 3.54 0.79
CA MLY B 923 -4.67 2.88 -0.44
CB MLY B 923 -3.19 2.48 -0.29
CG MLY B 923 -2.21 3.66 -0.30
CD MLY B 923 -2.07 4.25 -1.71
CE MLY B 923 -1.21 5.52 -1.70
NZ MLY B 923 0.18 5.30 -1.20
CH1 MLY B 923 0.88 4.47 -2.19
CH2 MLY B 923 0.85 6.60 -1.25
C MLY B 923 -5.52 1.66 -0.80
O MLY B 923 -4.98 0.57 -1.00
N PHE B 924 -6.83 1.87 -0.89
CA PHE B 924 -7.76 0.84 -1.38
C PHE B 924 -8.72 1.49 -2.36
N THR B 925 -9.26 0.69 -3.28
CA THR B 925 -10.08 1.20 -4.38
C THR B 925 -11.57 1.13 -4.11
N GLN B 926 -12.35 1.73 -5.01
CA GLN B 926 -13.80 1.67 -4.94
C GLN B 926 -14.29 0.23 -5.08
N GLN B 927 -13.60 -0.55 -5.92
CA GLN B 927 -13.98 -1.96 -6.09
C GLN B 927 -13.73 -2.75 -4.80
N ASP B 928 -12.64 -2.42 -4.10
CA ASP B 928 -12.37 -3.03 -2.79
C ASP B 928 -13.54 -2.75 -1.84
N ILE B 929 -14.01 -1.51 -1.85
CA ILE B 929 -15.14 -1.10 -1.01
C ILE B 929 -16.42 -1.83 -1.40
N ASP B 930 -16.67 -1.94 -2.71
CA ASP B 930 -17.85 -2.63 -3.19
C ASP B 930 -17.81 -4.11 -2.78
N GLU B 931 -16.64 -4.73 -2.95
CA GLU B 931 -16.46 -6.11 -2.52
C GLU B 931 -16.65 -6.30 -1.01
N ALA B 932 -16.18 -5.34 -0.22
CA ALA B 932 -16.41 -5.39 1.22
C ALA B 932 -17.90 -5.35 1.55
N MLY B 933 -18.65 -4.54 0.80
CA MLY B 933 -20.10 -4.48 0.96
CB MLY B 933 -20.69 -3.35 0.09
CG MLY B 933 -20.44 -1.94 0.60
CD MLY B 933 -21.04 -0.93 -0.38
CE MLY B 933 -20.71 0.50 -0.02
NZ MLY B 933 -21.05 1.49 -1.11
CH1 MLY B 933 -19.82 1.73 -1.89
CH2 MLY B 933 -22.00 0.88 -2.05
C MLY B 933 -20.79 -5.78 0.60
O MLY B 933 -21.70 -6.22 1.31
N LEU B 934 -20.37 -6.41 -0.50
CA LEU B 934 -20.90 -7.72 -0.87
C LEU B 934 -20.67 -8.74 0.24
N SER B 935 -19.47 -8.71 0.82
CA SER B 935 -19.16 -9.66 1.88
C SER B 935 -19.98 -9.40 3.13
N VAL B 936 -20.13 -8.13 3.50
CA VAL B 936 -20.93 -7.78 4.67
C VAL B 936 -22.39 -8.15 4.45
N PHE B 937 -22.93 -7.85 3.28
CA PHE B 937 -24.31 -8.22 3.00
C PHE B 937 -24.54 -9.74 2.87
N SER B 938 -23.52 -10.48 2.45
CA SER B 938 -23.59 -11.95 2.46
C SER B 938 -23.96 -12.43 3.86
N THR B 939 -23.35 -11.81 4.87
CA THR B 939 -23.56 -12.15 6.27
C THR B 939 -24.91 -11.70 6.81
N VAL B 940 -25.19 -10.41 6.70
CA VAL B 940 -26.39 -9.84 7.33
C VAL B 940 -27.70 -10.23 6.64
N ASP B 941 -27.63 -10.62 5.37
CA ASP B 941 -28.82 -11.07 4.65
C ASP B 941 -28.92 -12.59 4.54
N ALA B 942 -28.15 -13.30 5.38
CA ALA B 942 -28.23 -14.76 5.44
C ALA B 942 -29.64 -15.15 5.86
N PRO B 943 -30.15 -16.27 5.31
CA PRO B 943 -31.54 -16.69 5.62
C PRO B 943 -31.77 -16.94 7.10
N VAL B 944 -32.96 -16.61 7.57
CA VAL B 944 -33.34 -16.82 8.97
C VAL B 944 -34.33 -17.98 9.03
N ALA B 945 -34.13 -18.90 9.97
CA ALA B 945 -35.03 -20.04 10.12
C ALA B 945 -36.41 -19.60 10.62
N PRO B 946 -37.46 -20.33 10.24
CA PRO B 946 -38.79 -20.03 10.77
C PRO B 946 -38.77 -19.92 12.30
N SER B 947 -38.03 -20.81 12.95
CA SER B 947 -37.90 -20.82 14.40
C SER B 947 -37.25 -19.57 14.96
N ASP B 948 -36.40 -18.91 14.16
CA ASP B 948 -35.60 -17.79 14.64
C ASP B 948 -36.11 -16.43 14.19
N MLY B 949 -37.23 -16.41 13.47
CA MLY B 949 -37.83 -15.16 13.01
CB MLY B 949 -39.00 -15.44 12.06
CG MLY B 949 -38.97 -14.64 10.77
CD MLY B 949 -37.89 -15.15 9.83
CE MLY B 949 -37.37 -14.05 8.92
NZ MLY B 949 -38.35 -13.61 7.89
CH1 MLY B 949 -37.93 -12.27 7.45
CH2 MLY B 949 -38.20 -14.52 6.74
C MLY B 949 -38.31 -14.31 14.18
O MLY B 949 -38.99 -14.81 15.07
N GLY B 950 -37.91 -13.04 14.21
CA GLY B 950 -38.34 -12.14 15.25
C GLY B 950 -37.42 -12.08 16.45
N MET B 951 -36.30 -12.79 16.39
CA MET B 951 -35.37 -12.84 17.51
C MET B 951 -34.52 -11.57 17.66
N ASP B 952 -34.21 -10.91 16.54
CA ASP B 952 -33.55 -9.61 16.59
C ASP B 952 -34.38 -8.64 17.43
N HIS B 953 -35.69 -8.67 17.18
CA HIS B 953 -36.61 -7.83 17.92
C HIS B 953 -36.72 -8.28 19.38
N PHE B 954 -36.98 -9.56 19.59
CA PHE B 954 -37.14 -10.12 20.94
C PHE B 954 -35.91 -9.90 21.82
N LEU B 955 -34.73 -10.21 21.31
CA LEU B 955 -33.50 -10.13 22.10
C LEU B 955 -32.92 -8.71 22.22
N TYR B 956 -32.72 -8.05 21.07
CA TYR B 956 -31.98 -6.79 21.04
C TYR B 956 -32.85 -5.56 20.85
N GLY B 957 -34.16 -5.76 20.67
CA GLY B 957 -35.05 -4.64 20.45
C GLY B 957 -34.78 -3.95 19.13
N LEU B 958 -34.28 -4.70 18.16
CA LEU B 958 -34.04 -4.17 16.83
C LEU B 958 -35.33 -4.16 16.00
N SER B 959 -35.85 -2.97 15.72
CA SER B 959 -36.99 -2.86 14.83
C SER B 959 -36.51 -3.00 13.38
N ASP B 960 -37.46 -3.21 12.47
CA ASP B 960 -37.13 -3.26 11.05
C ASP B 960 -36.68 -1.89 10.56
N GLU B 961 -37.24 -0.84 11.14
CA GLU B 961 -36.84 0.52 10.81
C GLU B 961 -35.36 0.74 11.11
N MET B 962 -34.93 0.27 12.29
CA MET B 962 -33.54 0.42 12.70
C MET B 962 -32.59 -0.37 11.82
N MLY B 963 -33.03 -1.56 11.39
CA MLY B 963 -32.23 -2.42 10.52
CB MLY B 963 -32.79 -3.84 10.45
CG MLY B 963 -32.52 -4.70 11.67
CD MLY B 963 -32.70 -6.19 11.38
CE MLY B 963 -34.03 -6.47 10.67
NZ MLY B 963 -34.35 -7.93 10.52
CH1 MLY B 963 -33.12 -8.65 10.15
CH2 MLY B 963 -34.75 -8.40 11.85
C MLY B 963 -32.10 -1.84 9.12
O MLY B 963 -31.03 -1.90 8.51
N GLN B 964 -33.18 -1.26 8.61
CA GLN B 964 -33.18 -0.65 7.28
C GLN B 964 -32.34 0.62 7.27
N ALA B 965 -32.42 1.40 8.34
CA ALA B 965 -31.59 2.58 8.50
C ALA B 965 -30.12 2.19 8.44
N HIS B 966 -29.77 1.17 9.22
CA HIS B 966 -28.41 0.65 9.21
C HIS B 966 -28.03 0.15 7.82
N ARG B 967 -28.97 -0.51 7.17
CA ARG B 967 -28.78 -1.03 5.82
C ARG B 967 -28.41 0.08 4.83
N GLU B 968 -29.11 1.20 4.93
CA GLU B 968 -28.86 2.33 4.05
C GLU B 968 -27.54 3.03 4.35
N GLN B 969 -27.12 2.98 5.62
CA GLN B 969 -25.81 3.53 5.99
C GLN B 969 -24.67 2.69 5.42
N LEU B 970 -24.84 1.37 5.40
CA LEU B 970 -23.85 0.48 4.81
C LEU B 970 -23.71 0.76 3.31
N PHE B 971 -24.84 0.99 2.66
CA PHE B 971 -24.86 1.34 1.24
C PHE B 971 -24.12 2.63 0.99
N ALA B 972 -24.26 3.58 1.92
CA ALA B 972 -23.68 4.90 1.74
C ALA B 972 -22.18 5.00 2.08
N VAL B 973 -21.63 3.96 2.69
CA VAL B 973 -20.22 4.00 3.12
C VAL B 973 -19.31 4.34 1.93
N SER B 974 -18.49 5.37 2.09
CA SER B 974 -17.63 5.86 1.01
C SER B 974 -16.15 5.82 1.41
N HIS B 975 -15.27 6.02 0.44
CA HIS B 975 -13.83 6.00 0.66
C HIS B 975 -13.39 7.00 1.73
N ASP B 976 -13.93 8.22 1.68
CA ASP B 976 -13.52 9.25 2.65
C ASP B 976 -14.01 8.94 4.07
N MLZ B 977 -15.17 8.29 4.17
CA MLZ B 977 -15.68 7.89 5.46
CB MLZ B 977 -17.04 7.27 5.26
CG MLZ B 977 -18.13 8.31 5.50
CD MLZ B 977 -19.47 7.61 5.55
CE MLZ B 977 -20.50 8.55 6.15
NZ MLZ B 977 -20.78 9.64 5.22
CM MLZ B 977 -21.39 9.10 4.02
C MLZ B 977 -14.77 6.89 6.08
O MLZ B 977 -14.45 6.96 7.30
N LEU B 978 -14.34 5.91 5.28
CA LEU B 978 -13.45 4.85 5.76
C LEU B 978 -12.13 5.42 6.25
N LEU B 979 -11.66 6.47 5.57
CA LEU B 979 -10.48 7.21 5.99
C LEU B 979 -10.68 7.84 7.36
N ALA B 980 -11.76 8.61 7.47
CA ALA B 980 -12.10 9.31 8.70
C ALA B 980 -12.19 8.37 9.91
N VAL B 981 -12.98 7.30 9.78
CA VAL B 981 -13.22 6.42 10.93
C VAL B 981 -11.96 5.67 11.37
N SER B 982 -11.08 5.36 10.40
CA SER B 982 -9.82 4.69 10.72
C SER B 982 -8.96 5.57 11.61
N ASP B 983 -8.87 6.85 11.25
CA ASP B 983 -8.07 7.81 11.99
C ASP B 983 -8.72 8.12 13.32
N ARG B 984 -10.05 8.22 13.30
CA ARG B 984 -10.79 8.63 14.49
C ARG B 984 -10.82 7.58 15.60
N TYR B 985 -10.90 6.30 15.23
CA TYR B 985 -11.10 5.25 16.23
C TYR B 985 -9.94 4.26 16.40
N LEU B 986 -9.22 3.99 15.32
CA LEU B 986 -8.29 2.85 15.32
C LEU B 986 -6.83 3.24 15.55
N GLY B 987 -6.48 4.49 15.28
CA GLY B 987 -5.13 4.97 15.50
C GLY B 987 -4.67 4.85 16.94
N THR B 988 -3.36 4.88 17.15
CA THR B 988 -2.78 4.79 18.49
C THR B 988 -3.26 5.93 19.37
N GLY B 989 -3.71 5.61 20.57
CA GLY B 989 -4.10 6.62 21.54
C GLY B 989 -5.49 7.21 21.33
N MLY B 990 -6.16 6.80 20.26
CA MLY B 990 -7.49 7.35 19.95
CB MLY B 990 -7.76 7.21 18.45
CG MLY B 990 -6.65 7.74 17.56
CD MLY B 990 -6.45 9.23 17.74
CE MLY B 990 -7.70 10.02 17.38
NZ MLY B 990 -7.44 11.49 17.34
CH1 MLY B 990 -7.15 11.84 15.93
CH2 MLY B 990 -8.69 12.16 17.70
C MLY B 990 -8.58 6.66 20.75
O MLY B 990 -9.59 7.28 21.10
N SER B 991 -8.39 5.36 21.03
CA SER B 991 -9.37 4.58 21.77
C SER B 991 -8.68 3.63 22.72
N THR B 992 -9.44 3.05 23.65
CA THR B 992 -8.88 2.07 24.56
C THR B 992 -8.79 0.70 23.90
N HIS B 993 -7.62 0.07 24.00
CA HIS B 993 -7.37 -1.25 23.41
C HIS B 993 -7.21 -2.27 24.52
N GLY B 994 -7.60 -3.51 24.23
CA GLY B 994 -7.29 -4.64 25.10
C GLY B 994 -6.61 -5.71 24.27
N LEU B 995 -5.67 -6.44 24.88
CA LEU B 995 -4.96 -7.49 24.16
C LEU B 995 -4.93 -8.78 24.98
N ALA B 996 -5.01 -9.92 24.30
CA ALA B 996 -4.88 -11.20 24.97
C ALA B 996 -4.26 -12.23 24.03
N ILE B 997 -3.44 -13.11 24.60
CA ILE B 997 -2.83 -14.19 23.83
C ILE B 997 -2.96 -15.53 24.57
N LEU B 998 -3.37 -16.57 23.86
CA LEU B 998 -3.28 -17.93 24.38
C LEU B 998 -2.16 -18.64 23.64
N GLY B 999 -1.13 -19.04 24.36
CA GLY B 999 0.02 -19.69 23.73
C GLY B 999 1.13 -19.98 24.70
N PRO B 1000 2.17 -20.68 24.24
CA PRO B 1000 3.29 -21.13 25.06
C PRO B 1000 4.16 -19.98 25.53
N GLU B 1001 5.16 -20.26 26.37
CA GLU B 1001 5.98 -19.21 26.95
C GLU B 1001 6.62 -18.33 25.88
N ASN B 1002 6.63 -17.03 26.14
CA ASN B 1002 7.19 -16.05 25.22
C ASN B 1002 8.10 -15.12 26.00
N PRO B 1003 9.42 -15.34 25.89
CA PRO B 1003 10.44 -14.58 26.63
C PRO B 1003 10.32 -13.08 26.35
N LYS B 1004 10.01 -12.73 25.11
CA LYS B 1004 9.84 -11.32 24.74
C LYS B 1004 8.66 -10.66 25.44
N ILE B 1005 7.53 -11.36 25.51
CA ILE B 1005 6.35 -10.86 26.21
C ILE B 1005 6.62 -10.78 27.71
N ALA B 1006 7.39 -11.74 28.23
CA ALA B 1006 7.70 -11.80 29.65
C ALA B 1006 8.61 -10.65 30.13
N LYS B 1007 9.42 -10.11 29.22
CA LYS B 1007 10.28 -8.97 29.55
C LYS B 1007 9.57 -7.65 29.32
N ASP B 1008 8.24 -7.68 29.29
CA ASP B 1008 7.45 -6.47 29.09
C ASP B 1008 6.49 -6.26 30.26
N PRO B 1009 6.69 -5.18 31.02
CA PRO B 1009 5.90 -4.84 32.22
C PRO B 1009 4.41 -4.64 31.91
N SER B 1010 4.09 -4.26 30.68
CA SER B 1010 2.71 -4.00 30.30
C SER B 1010 1.89 -5.29 30.08
N TRP B 1011 2.57 -6.42 30.07
CA TRP B 1011 1.90 -7.71 29.92
C TRP B 1011 1.79 -8.42 31.26
N ILE B 1012 0.57 -8.82 31.63
CA ILE B 1012 0.39 -9.69 32.79
C ILE B 1012 0.35 -11.14 32.32
N ILE B 1013 1.03 -12.02 33.05
CA ILE B 1013 1.06 -13.43 32.68
C ILE B 1013 0.07 -14.20 33.55
N ARG B 1014 -0.87 -14.86 32.91
CA ARG B 1014 -1.91 -15.61 33.63
C ARG B 1014 -1.89 -17.08 33.23
ZN ZN C . 5.02 26.67 -10.00
C1 GOL D . 14.44 37.39 -22.66
O1 GOL D . 15.71 37.95 -22.95
C2 GOL D . 13.82 36.83 -23.93
O2 GOL D . 14.81 36.16 -24.69
C3 GOL D . 12.73 35.84 -23.55
O3 GOL D . 12.01 35.46 -24.70
C1 GOL E . 16.57 39.68 -27.56
O1 GOL E . 17.92 39.48 -27.24
C2 GOL E . 15.70 39.33 -26.36
O2 GOL E . 16.39 39.64 -25.17
C3 GOL E . 14.41 40.13 -26.43
O3 GOL E . 13.72 39.79 -27.61
C ACT F . 24.55 38.78 -9.89
O ACT F . 23.44 38.68 -9.33
OXT ACT F . 25.54 38.38 -9.25
CH3 ACT F . 24.69 39.36 -11.27
C ACT G . 8.03 39.17 -1.22
O ACT G . 7.55 38.11 -1.65
OXT ACT G . 8.57 39.10 -0.10
CH3 ACT G . 7.95 40.44 -2.00
C ACT H . 19.06 24.93 -45.78
O ACT H . 18.73 23.73 -45.63
OXT ACT H . 19.57 25.23 -46.88
CH3 ACT H . 18.85 25.96 -44.69
C1 GOL I . 10.55 19.13 -41.10
O1 GOL I . 10.78 18.69 -39.78
C2 GOL I . 9.29 18.49 -41.68
O2 GOL I . 8.44 19.46 -42.26
C3 GOL I . 9.70 17.50 -42.76
O3 GOL I . 10.25 16.36 -42.13
C ACT J . 6.15 25.61 -12.02
O ACT J . 5.83 25.15 -10.85
OXT ACT J . 5.70 26.74 -12.44
CH3 ACT J . 7.09 24.78 -12.86
ZN ZN K . -7.41 -27.08 5.84
C1 GOL L . -38.28 -39.83 43.30
O1 GOL L . -37.74 -40.90 42.55
C2 GOL L . -39.66 -39.51 42.76
O2 GOL L . -39.79 -38.13 42.51
C3 GOL L . -39.87 -40.30 41.49
O3 GOL L . -41.03 -39.90 40.79
C1 GOL M . -21.32 -39.75 9.27
O1 GOL M . -22.19 -40.39 10.18
C2 GOL M . -21.96 -39.64 7.88
O2 GOL M . -23.23 -39.03 7.99
C3 GOL M . -21.07 -38.77 7.01
O3 GOL M . -21.49 -38.81 5.66
C1 GOL N . -25.72 -42.54 8.77
O1 GOL N . -26.56 -42.77 9.89
C2 GOL N . -24.35 -43.14 9.05
O2 GOL N . -23.60 -42.21 9.81
C3 GOL N . -23.61 -43.44 7.75
O3 GOL N . -24.50 -43.42 6.66
C ACT O . -37.51 -44.37 32.66
O ACT O . -38.71 -44.68 32.58
OXT ACT O . -36.74 -44.95 31.85
CH3 ACT O . -37.01 -43.37 33.66
C ACT P . -43.40 -34.26 -2.47
O ACT P . -42.96 -33.58 -1.53
OXT ACT P . -42.72 -34.54 -3.48
CH3 ACT P . -44.80 -34.78 -2.39
C ACT Q . -0.97 -37.58 15.58
O ACT Q . -1.29 -38.69 15.13
OXT ACT Q . -0.86 -37.50 16.82
CH3 ACT Q . -0.71 -36.40 14.70
C ACT R . -9.98 -26.28 5.73
O ACT R . -9.53 -27.41 5.43
OXT ACT R . -9.12 -25.42 6.02
CH3 ACT R . -11.45 -25.98 5.73
C ACT S . -36.25 -23.95 4.71
O ACT S . -35.85 -25.10 4.43
OXT ACT S . -36.13 -23.61 5.91
CH3 ACT S . -36.82 -23.02 3.67
C ACT T . -43.03 -26.77 47.01
O ACT T . -43.78 -26.85 45.99
OXT ACT T . -41.82 -26.51 46.77
CH3 ACT T . -43.55 -27.01 48.39
C ACT U . 6.46 -15.69 17.99
O ACT U . 6.27 -14.46 17.88
OXT ACT U . 7.21 -16.21 17.13
CH3 ACT U . 5.83 -16.51 19.08
C1 GOL V . -19.96 -30.74 -25.95
O1 GOL V . -19.97 -29.37 -25.65
C2 GOL V . -21.38 -31.27 -26.02
O2 GOL V . -22.19 -30.38 -26.76
C3 GOL V . -21.37 -32.63 -26.72
O3 GOL V . -20.46 -33.47 -26.05
C ACT W . 21.74 -34.02 11.42
O ACT W . 21.47 -34.51 10.29
OXT ACT W . 22.82 -33.39 11.49
CH3 ACT W . 20.82 -34.21 12.58
C ACT X . -17.68 -36.12 24.91
O ACT X . -18.61 -36.92 24.63
OXT ACT X . -18.01 -35.11 25.57
CH3 ACT X . -16.27 -36.36 24.47
#